data_2HD9
# 
_entry.id   2HD9 
# 
_audit_conform.dict_name       mmcif_pdbx.dic 
_audit_conform.dict_version    5.380 
_audit_conform.dict_location   http://mmcif.pdb.org/dictionaries/ascii/mmcif_pdbx.dic 
# 
loop_
_database_2.database_id 
_database_2.database_code 
_database_2.pdbx_database_accession 
_database_2.pdbx_DOI 
PDB   2HD9         pdb_00002hd9 10.2210/pdb2hd9/pdb 
RCSB  RCSB038220   ?            ?                   
WWPDB D_1000038220 ?            ?                   
# 
_pdbx_database_related.db_name        TargetDB 
_pdbx_database_related.db_id          pho001001033.2 
_pdbx_database_related.details        . 
_pdbx_database_related.content_type   unspecified 
# 
_pdbx_database_status.status_code                     REL 
_pdbx_database_status.entry_id                        2HD9 
_pdbx_database_status.recvd_initial_deposition_date   2006-06-20 
_pdbx_database_status.deposit_site                    RCSB 
_pdbx_database_status.process_site                    PDBJ 
_pdbx_database_status.status_code_sf                  REL 
_pdbx_database_status.status_code_mr                  ? 
_pdbx_database_status.SG_entry                        Y 
_pdbx_database_status.pdb_format_compatible           Y 
_pdbx_database_status.status_code_cs                  ? 
_pdbx_database_status.status_code_nmr_data            ? 
_pdbx_database_status.methods_development_category    ? 
# 
loop_
_audit_author.name 
_audit_author.pdbx_ordinal 
'Sugahara, M.'                                           1 
'Kunishima, N.'                                          2 
'RIKEN Structural Genomics/Proteomics Initiative (RSGI)' 3 
# 
_citation.id                        primary 
_citation.title                     
'Nucleant-mediated protein crystallization with the application of microporous synthetic zeolites.' 
_citation.journal_abbrev            'Acta Crystallogr.,Sect.D' 
_citation.journal_volume            64 
_citation.page_first                686 
_citation.page_last                 695 
_citation.year                      2008 
_citation.journal_id_ASTM           ABCRE6 
_citation.country                   DK 
_citation.journal_id_ISSN           0907-4449 
_citation.journal_id_CSD            0766 
_citation.book_publisher            ? 
_citation.pdbx_database_id_PubMed   18560157 
_citation.pdbx_database_id_DOI      10.1107/S0907444908009980 
# 
loop_
_citation_author.citation_id 
_citation_author.name 
_citation_author.ordinal 
_citation_author.identifier_ORCID 
primary 'Sugahara, M.'  1 ? 
primary 'Asada, Y.'     2 ? 
primary 'Morikawa, Y.'  3 ? 
primary 'Kageyama, Y.'  4 ? 
primary 'Kunishima, N.' 5 ? 
# 
_cell.entry_id           2HD9 
_cell.length_a           39.891 
_cell.length_b           39.891 
_cell.length_c           168.481 
_cell.angle_alpha        90.00 
_cell.angle_beta         90.00 
_cell.angle_gamma        120.00 
_cell.Z_PDB              6 
_cell.pdbx_unique_axis   ? 
_cell.length_a_esd       ? 
_cell.length_b_esd       ? 
_cell.length_c_esd       ? 
_cell.angle_alpha_esd    ? 
_cell.angle_beta_esd     ? 
_cell.angle_gamma_esd    ? 
# 
_symmetry.entry_id                         2HD9 
_symmetry.space_group_name_H-M             'P 32 2 1' 
_symmetry.pdbx_full_space_group_name_H-M   ? 
_symmetry.cell_setting                     ? 
_symmetry.Int_Tables_number                154 
_symmetry.space_group_name_Hall            ? 
# 
loop_
_entity.id 
_entity.type 
_entity.src_method 
_entity.pdbx_description 
_entity.formula_weight 
_entity.pdbx_number_of_molecules 
_entity.pdbx_ec 
_entity.pdbx_mutation 
_entity.pdbx_fragment 
_entity.details 
1 polymer     man 'UPF0310 protein PH1033' 17464.623 1   ? ? ? ? 
2 non-polymer syn 'CALCIUM ION'            40.078    2   ? ? ? ? 
3 non-polymer syn 'CITRIC ACID'            192.124   2   ? ? ? ? 
4 non-polymer syn GLYCEROL                 92.094    1   ? ? ? ? 
5 water       nat water                    18.015    211 ? ? ? ? 
# 
_entity_poly.entity_id                      1 
_entity_poly.type                           'polypeptide(L)' 
_entity_poly.nstd_linkage                   no 
_entity_poly.nstd_monomer                   no 
_entity_poly.pdbx_seq_one_letter_code       
;MTYWICITNRENWEVIKRHNVWGVPKKHKNTLSRVKPGDKLVIYVRQEKDKEGNLLEPKIVGIYEVTSEPYVDFSRIFKP
HRGGKETYPYRVKIKPIKIGEINFKPLINDLKFIKNKKRWSMHFFGKAMRELPEEDYKLIEKLLL
;
_entity_poly.pdbx_seq_one_letter_code_can   
;MTYWICITNRENWEVIKRHNVWGVPKKHKNTLSRVKPGDKLVIYVRQEKDKEGNLLEPKIVGIYEVTSEPYVDFSRIFKP
HRGGKETYPYRVKIKPIKIGEINFKPLINDLKFIKNKKRWSMHFFGKAMRELPEEDYKLIEKLLL
;
_entity_poly.pdbx_strand_id                 A 
_entity_poly.pdbx_target_identifier         pho001001033.2 
# 
loop_
_entity_poly_seq.entity_id 
_entity_poly_seq.num 
_entity_poly_seq.mon_id 
_entity_poly_seq.hetero 
1 1   MET n 
1 2   THR n 
1 3   TYR n 
1 4   TRP n 
1 5   ILE n 
1 6   CYS n 
1 7   ILE n 
1 8   THR n 
1 9   ASN n 
1 10  ARG n 
1 11  GLU n 
1 12  ASN n 
1 13  TRP n 
1 14  GLU n 
1 15  VAL n 
1 16  ILE n 
1 17  LYS n 
1 18  ARG n 
1 19  HIS n 
1 20  ASN n 
1 21  VAL n 
1 22  TRP n 
1 23  GLY n 
1 24  VAL n 
1 25  PRO n 
1 26  LYS n 
1 27  LYS n 
1 28  HIS n 
1 29  LYS n 
1 30  ASN n 
1 31  THR n 
1 32  LEU n 
1 33  SER n 
1 34  ARG n 
1 35  VAL n 
1 36  LYS n 
1 37  PRO n 
1 38  GLY n 
1 39  ASP n 
1 40  LYS n 
1 41  LEU n 
1 42  VAL n 
1 43  ILE n 
1 44  TYR n 
1 45  VAL n 
1 46  ARG n 
1 47  GLN n 
1 48  GLU n 
1 49  LYS n 
1 50  ASP n 
1 51  LYS n 
1 52  GLU n 
1 53  GLY n 
1 54  ASN n 
1 55  LEU n 
1 56  LEU n 
1 57  GLU n 
1 58  PRO n 
1 59  LYS n 
1 60  ILE n 
1 61  VAL n 
1 62  GLY n 
1 63  ILE n 
1 64  TYR n 
1 65  GLU n 
1 66  VAL n 
1 67  THR n 
1 68  SER n 
1 69  GLU n 
1 70  PRO n 
1 71  TYR n 
1 72  VAL n 
1 73  ASP n 
1 74  PHE n 
1 75  SER n 
1 76  ARG n 
1 77  ILE n 
1 78  PHE n 
1 79  LYS n 
1 80  PRO n 
1 81  HIS n 
1 82  ARG n 
1 83  GLY n 
1 84  GLY n 
1 85  LYS n 
1 86  GLU n 
1 87  THR n 
1 88  TYR n 
1 89  PRO n 
1 90  TYR n 
1 91  ARG n 
1 92  VAL n 
1 93  LYS n 
1 94  ILE n 
1 95  LYS n 
1 96  PRO n 
1 97  ILE n 
1 98  LYS n 
1 99  ILE n 
1 100 GLY n 
1 101 GLU n 
1 102 ILE n 
1 103 ASN n 
1 104 PHE n 
1 105 LYS n 
1 106 PRO n 
1 107 LEU n 
1 108 ILE n 
1 109 ASN n 
1 110 ASP n 
1 111 LEU n 
1 112 LYS n 
1 113 PHE n 
1 114 ILE n 
1 115 LYS n 
1 116 ASN n 
1 117 LYS n 
1 118 LYS n 
1 119 ARG n 
1 120 TRP n 
1 121 SER n 
1 122 MET n 
1 123 HIS n 
1 124 PHE n 
1 125 PHE n 
1 126 GLY n 
1 127 LYS n 
1 128 ALA n 
1 129 MET n 
1 130 ARG n 
1 131 GLU n 
1 132 LEU n 
1 133 PRO n 
1 134 GLU n 
1 135 GLU n 
1 136 ASP n 
1 137 TYR n 
1 138 LYS n 
1 139 LEU n 
1 140 ILE n 
1 141 GLU n 
1 142 LYS n 
1 143 LEU n 
1 144 LEU n 
1 145 LEU n 
# 
_entity_src_gen.entity_id                          1 
_entity_src_gen.pdbx_src_id                        1 
_entity_src_gen.pdbx_alt_source_flag               sample 
_entity_src_gen.pdbx_seq_type                      ? 
_entity_src_gen.pdbx_beg_seq_num                   ? 
_entity_src_gen.pdbx_end_seq_num                   ? 
_entity_src_gen.gene_src_common_name               ? 
_entity_src_gen.gene_src_genus                     Pyrococcus 
_entity_src_gen.pdbx_gene_src_gene                 ? 
_entity_src_gen.gene_src_species                   'Pyrococcus horikoshii' 
_entity_src_gen.gene_src_strain                    OT3 
_entity_src_gen.gene_src_tissue                    ? 
_entity_src_gen.gene_src_tissue_fraction           ? 
_entity_src_gen.gene_src_details                   ? 
_entity_src_gen.pdbx_gene_src_fragment             ? 
_entity_src_gen.pdbx_gene_src_scientific_name      'Pyrococcus horikoshii' 
_entity_src_gen.pdbx_gene_src_ncbi_taxonomy_id     70601 
_entity_src_gen.pdbx_gene_src_variant              ? 
_entity_src_gen.pdbx_gene_src_cell_line            ? 
_entity_src_gen.pdbx_gene_src_atcc                 ? 
_entity_src_gen.pdbx_gene_src_organ                ? 
_entity_src_gen.pdbx_gene_src_organelle            ? 
_entity_src_gen.pdbx_gene_src_cell                 ? 
_entity_src_gen.pdbx_gene_src_cellular_location    ? 
_entity_src_gen.host_org_common_name               ? 
_entity_src_gen.pdbx_host_org_scientific_name      'Escherichia coli BL21(DE3)' 
_entity_src_gen.pdbx_host_org_ncbi_taxonomy_id     469008 
_entity_src_gen.host_org_genus                     Escherichia 
_entity_src_gen.pdbx_host_org_gene                 ? 
_entity_src_gen.pdbx_host_org_organ                ? 
_entity_src_gen.host_org_species                   'Escherichia coli' 
_entity_src_gen.pdbx_host_org_tissue               ? 
_entity_src_gen.pdbx_host_org_tissue_fraction      ? 
_entity_src_gen.pdbx_host_org_strain               'BL21(DE3)' 
_entity_src_gen.pdbx_host_org_variant              ? 
_entity_src_gen.pdbx_host_org_cell_line            ? 
_entity_src_gen.pdbx_host_org_atcc                 ? 
_entity_src_gen.pdbx_host_org_culture_collection   ? 
_entity_src_gen.pdbx_host_org_cell                 ? 
_entity_src_gen.pdbx_host_org_organelle            ? 
_entity_src_gen.pdbx_host_org_cellular_location    ? 
_entity_src_gen.pdbx_host_org_vector_type          plasmid 
_entity_src_gen.pdbx_host_org_vector               ? 
_entity_src_gen.host_org_details                   ? 
_entity_src_gen.expression_system_id               ? 
_entity_src_gen.plasmid_name                       pET-11a 
_entity_src_gen.plasmid_details                    ? 
_entity_src_gen.pdbx_description                   ? 
# 
_struct_ref.id                         1 
_struct_ref.db_name                    UNP 
_struct_ref.db_code                    Y1033_PYRHO 
_struct_ref.pdbx_db_accession          O58764 
_struct_ref.entity_id                  1 
_struct_ref.pdbx_seq_one_letter_code   
;MTYWICITNRENWEVIKRHNVWGVPKKHKNTLSRVKPGDKLVIYVRQEKDKEGNLLEPKIVGIYEVTSEPYVDFSRIFKP
HRGGKETYPYRVKIKPIKIGEINFKPLINDLKFIKNKKRWSMHFFGKAMRELPEEDYKLIEKLLL
;
_struct_ref.pdbx_align_begin           1 
_struct_ref.pdbx_db_isoform            ? 
# 
_struct_ref_seq.align_id                      1 
_struct_ref_seq.ref_id                        1 
_struct_ref_seq.pdbx_PDB_id_code              2HD9 
_struct_ref_seq.pdbx_strand_id                A 
_struct_ref_seq.seq_align_beg                 1 
_struct_ref_seq.pdbx_seq_align_beg_ins_code   ? 
_struct_ref_seq.seq_align_end                 145 
_struct_ref_seq.pdbx_seq_align_end_ins_code   ? 
_struct_ref_seq.pdbx_db_accession             O58764 
_struct_ref_seq.db_align_beg                  1 
_struct_ref_seq.pdbx_db_align_beg_ins_code    ? 
_struct_ref_seq.db_align_end                  145 
_struct_ref_seq.pdbx_db_align_end_ins_code    ? 
_struct_ref_seq.pdbx_auth_seq_align_beg       1 
_struct_ref_seq.pdbx_auth_seq_align_end       145 
# 
loop_
_chem_comp.id 
_chem_comp.type 
_chem_comp.mon_nstd_flag 
_chem_comp.name 
_chem_comp.pdbx_synonyms 
_chem_comp.formula 
_chem_comp.formula_weight 
ALA 'L-peptide linking' y ALANINE         ?                               'C3 H7 N O2'     89.093  
ARG 'L-peptide linking' y ARGININE        ?                               'C6 H15 N4 O2 1' 175.209 
ASN 'L-peptide linking' y ASPARAGINE      ?                               'C4 H8 N2 O3'    132.118 
ASP 'L-peptide linking' y 'ASPARTIC ACID' ?                               'C4 H7 N O4'     133.103 
CA  non-polymer         . 'CALCIUM ION'   ?                               'Ca 2'           40.078  
CIT non-polymer         . 'CITRIC ACID'   ?                               'C6 H8 O7'       192.124 
CYS 'L-peptide linking' y CYSTEINE        ?                               'C3 H7 N O2 S'   121.158 
GLN 'L-peptide linking' y GLUTAMINE       ?                               'C5 H10 N2 O3'   146.144 
GLU 'L-peptide linking' y 'GLUTAMIC ACID' ?                               'C5 H9 N O4'     147.129 
GLY 'peptide linking'   y GLYCINE         ?                               'C2 H5 N O2'     75.067  
GOL non-polymer         . GLYCEROL        'GLYCERIN; PROPANE-1,2,3-TRIOL' 'C3 H8 O3'       92.094  
HIS 'L-peptide linking' y HISTIDINE       ?                               'C6 H10 N3 O2 1' 156.162 
HOH non-polymer         . WATER           ?                               'H2 O'           18.015  
ILE 'L-peptide linking' y ISOLEUCINE      ?                               'C6 H13 N O2'    131.173 
LEU 'L-peptide linking' y LEUCINE         ?                               'C6 H13 N O2'    131.173 
LYS 'L-peptide linking' y LYSINE          ?                               'C6 H15 N2 O2 1' 147.195 
MET 'L-peptide linking' y METHIONINE      ?                               'C5 H11 N O2 S'  149.211 
PHE 'L-peptide linking' y PHENYLALANINE   ?                               'C9 H11 N O2'    165.189 
PRO 'L-peptide linking' y PROLINE         ?                               'C5 H9 N O2'     115.130 
SER 'L-peptide linking' y SERINE          ?                               'C3 H7 N O3'     105.093 
THR 'L-peptide linking' y THREONINE       ?                               'C4 H9 N O3'     119.119 
TRP 'L-peptide linking' y TRYPTOPHAN      ?                               'C11 H12 N2 O2'  204.225 
TYR 'L-peptide linking' y TYROSINE        ?                               'C9 H11 N O3'    181.189 
VAL 'L-peptide linking' y VALINE          ?                               'C5 H11 N O2'    117.146 
# 
_exptl.entry_id          2HD9 
_exptl.method            'X-RAY DIFFRACTION' 
_exptl.crystals_number   1 
# 
_exptl_crystal.id                    1 
_exptl_crystal.density_meas          ? 
_exptl_crystal.density_Matthews      2.21 
_exptl_crystal.density_percent_sol   44.46 
_exptl_crystal.description           ? 
_exptl_crystal.F_000                 ? 
_exptl_crystal.preparation           ? 
# 
_exptl_crystal_grow.crystal_id      1 
_exptl_crystal_grow.method          MICROBATCH 
_exptl_crystal_grow.temp            295 
_exptl_crystal_grow.temp_details    ? 
_exptl_crystal_grow.pH              5.7 
_exptl_crystal_grow.pdbx_details    'PEG4000, citrate, glycerol, molecular sieves 5A, pH 5.7, microbatch, temperature 295K' 
_exptl_crystal_grow.pdbx_pH_range   . 
# 
_diffrn.id                     1 
_diffrn.ambient_temp           100 
_diffrn.ambient_temp_details   ? 
_diffrn.crystal_id             1 
# 
_diffrn_detector.diffrn_id              1 
_diffrn_detector.detector               'IMAGE PLATE' 
_diffrn_detector.type                   'RIGAKU RAXIS V' 
_diffrn_detector.pdbx_collection_date   2005-06-28 
_diffrn_detector.details                ? 
# 
_diffrn_radiation.diffrn_id                        1 
_diffrn_radiation.wavelength_id                    1 
_diffrn_radiation.pdbx_monochromatic_or_laue_m_l   M 
_diffrn_radiation.monochromator                    ? 
_diffrn_radiation.pdbx_diffrn_protocol             'SINGLE WAVELENGTH' 
_diffrn_radiation.pdbx_scattering_type             x-ray 
# 
_diffrn_radiation_wavelength.id           1 
_diffrn_radiation_wavelength.wavelength   1.0000 
_diffrn_radiation_wavelength.wt           1.0 
# 
_diffrn_source.diffrn_id                   1 
_diffrn_source.source                      SYNCHROTRON 
_diffrn_source.type                        'SPRING-8 BEAMLINE BL26B1' 
_diffrn_source.pdbx_synchrotron_site       SPring-8 
_diffrn_source.pdbx_synchrotron_beamline   BL26B1 
_diffrn_source.pdbx_wavelength             ? 
_diffrn_source.pdbx_wavelength_list        1.0000 
# 
_reflns.entry_id                     2HD9 
_reflns.observed_criterion_sigma_F   0 
_reflns.observed_criterion_sigma_I   0 
_reflns.d_resolution_high            1.35 
_reflns.d_resolution_low             40.0 
_reflns.number_all                   35514 
_reflns.number_obs                   35514 
_reflns.percent_possible_obs         100 
_reflns.pdbx_Rmerge_I_obs            0.126 
_reflns.pdbx_Rsym_value              0.122 
_reflns.pdbx_netI_over_sigmaI        6.7 
_reflns.B_iso_Wilson_estimate        14.048 
_reflns.pdbx_redundancy              9.9 
_reflns.R_free_details               ? 
_reflns.limit_h_max                  ? 
_reflns.limit_h_min                  ? 
_reflns.limit_k_max                  ? 
_reflns.limit_k_min                  ? 
_reflns.limit_l_max                  ? 
_reflns.limit_l_min                  ? 
_reflns.observed_criterion_F_max     ? 
_reflns.observed_criterion_F_min     ? 
_reflns.pdbx_chi_squared             ? 
_reflns.pdbx_scaling_rejects         ? 
_reflns.pdbx_ordinal                 1 
_reflns.pdbx_diffrn_id               1 
# 
_reflns_shell.d_res_high             1.35 
_reflns_shell.d_res_low              1.40 
_reflns_shell.percent_possible_all   100 
_reflns_shell.Rmerge_I_obs           0.663 
_reflns_shell.pdbx_Rsym_value        0.636 
_reflns_shell.meanI_over_sigI_obs    3.2 
_reflns_shell.pdbx_redundancy        9.6 
_reflns_shell.percent_possible_obs   ? 
_reflns_shell.number_unique_all      3455 
_reflns_shell.number_measured_all    ? 
_reflns_shell.number_measured_obs    ? 
_reflns_shell.number_unique_obs      ? 
_reflns_shell.pdbx_chi_squared       ? 
_reflns_shell.pdbx_ordinal           1 
_reflns_shell.pdbx_diffrn_id         1 
# 
_refine.entry_id                                 2HD9 
_refine.ls_d_res_high                            1.35 
_refine.ls_d_res_low                             31.96 
_refine.pdbx_ls_sigma_F                          0 
_refine.pdbx_ls_sigma_I                          ? 
_refine.ls_number_reflns_all                     35434 
_refine.ls_number_reflns_obs                     35434 
_refine.ls_number_reflns_R_free                  1782 
_refine.ls_percent_reflns_obs                    99.8 
_refine.ls_R_factor_all                          ? 
_refine.ls_R_factor_obs                          0.228 
_refine.ls_R_factor_R_work                       0.228 
_refine.ls_R_factor_R_free                       0.234 
_refine.ls_redundancy_reflns_obs                 ? 
_refine.pdbx_data_cutoff_high_absF               ? 
_refine.pdbx_data_cutoff_low_absF                ? 
_refine.ls_number_parameters                     ? 
_refine.ls_number_restraints                     ? 
_refine.ls_percent_reflns_R_free                 ? 
_refine.ls_R_factor_R_free_error                 ? 
_refine.ls_R_factor_R_free_error_details         ? 
_refine.pdbx_method_to_determine_struct          'MOLECULAR REPLACEMENT' 
_refine.pdbx_starting_model                      'PDB ENTRY 1WMM' 
_refine.pdbx_ls_cross_valid_method               THROUGHOUT 
_refine.pdbx_R_Free_selection_details            RANDOM 
_refine.pdbx_stereochem_target_val_spec_case     ? 
_refine.pdbx_stereochemistry_target_values       'Engh & Huber' 
_refine.solvent_model_details                    ? 
_refine.solvent_model_param_bsol                 ? 
_refine.solvent_model_param_ksol                 ? 
_refine.occupancy_max                            ? 
_refine.occupancy_min                            ? 
_refine.pdbx_isotropic_thermal_model             Anisotrop 
_refine.B_iso_mean                               17.9 
_refine.aniso_B[1][1]                            1.14 
_refine.aniso_B[1][2]                            0.36 
_refine.aniso_B[1][3]                            0.00 
_refine.aniso_B[2][2]                            1.14 
_refine.aniso_B[2][3]                            0.00 
_refine.aniso_B[3][3]                            -2.28 
_refine.details                                  ? 
_refine.B_iso_min                                ? 
_refine.B_iso_max                                ? 
_refine.correlation_coeff_Fo_to_Fc               ? 
_refine.correlation_coeff_Fo_to_Fc_free          ? 
_refine.pdbx_solvent_vdw_probe_radii             ? 
_refine.pdbx_solvent_ion_probe_radii             ? 
_refine.pdbx_solvent_shrinkage_radii             ? 
_refine.overall_SU_R_Cruickshank_DPI             ? 
_refine.overall_SU_R_free                        ? 
_refine.overall_SU_ML                            ? 
_refine.overall_SU_B                             ? 
_refine.pdbx_overall_ESU_R_Free                  ? 
_refine.pdbx_data_cutoff_high_rms_absF           ? 
_refine.pdbx_overall_ESU_R                       ? 
_refine.ls_wR_factor_R_free                      ? 
_refine.ls_wR_factor_R_work                      ? 
_refine.overall_FOM_free_R_set                   ? 
_refine.overall_FOM_work_R_set                   ? 
_refine.pdbx_refine_id                           'X-RAY DIFFRACTION' 
_refine.pdbx_diffrn_id                           1 
_refine.pdbx_TLS_residual_ADP_flag               ? 
_refine.pdbx_overall_phase_error                 ? 
_refine.pdbx_overall_SU_R_free_Cruickshank_DPI   ? 
_refine.pdbx_overall_SU_R_Blow_DPI               ? 
_refine.pdbx_overall_SU_R_free_Blow_DPI          ? 
# 
_refine_analyze.entry_id                        2HD9 
_refine_analyze.Luzzati_coordinate_error_obs    0.18 
_refine_analyze.Luzzati_sigma_a_obs             0.13 
_refine_analyze.Luzzati_d_res_low_obs           5.00 
_refine_analyze.Luzzati_coordinate_error_free   0.19 
_refine_analyze.Luzzati_sigma_a_free            0.14 
_refine_analyze.Luzzati_d_res_low_free          ? 
_refine_analyze.number_disordered_residues      ? 
_refine_analyze.occupancy_sum_non_hydrogen      ? 
_refine_analyze.occupancy_sum_hydrogen          ? 
_refine_analyze.pdbx_Luzzati_d_res_high_obs     ? 
_refine_analyze.pdbx_refine_id                  'X-RAY DIFFRACTION' 
# 
_refine_hist.pdbx_refine_id                   'X-RAY DIFFRACTION' 
_refine_hist.cycle_id                         LAST 
_refine_hist.pdbx_number_atoms_protein        1233 
_refine_hist.pdbx_number_atoms_nucleic_acid   0 
_refine_hist.pdbx_number_atoms_ligand         34 
_refine_hist.number_atoms_solvent             211 
_refine_hist.number_atoms_total               1478 
_refine_hist.d_res_high                       1.35 
_refine_hist.d_res_low                        31.96 
# 
loop_
_refine_ls_restr.type 
_refine_ls_restr.dev_ideal 
_refine_ls_restr.dev_ideal_target 
_refine_ls_restr.weight 
_refine_ls_restr.number 
_refine_ls_restr.pdbx_refine_id 
_refine_ls_restr.pdbx_restraint_function 
c_angle_deg 1.5   ? ? ? 'X-RAY DIFFRACTION' ? 
c_bond_d    0.008 ? ? ? 'X-RAY DIFFRACTION' ? 
# 
_refine_ls_shell.pdbx_total_number_of_bins_used   ? 
_refine_ls_shell.d_res_high                       1.35 
_refine_ls_shell.d_res_low                        1.40 
_refine_ls_shell.number_reflns_R_work             ? 
_refine_ls_shell.R_factor_R_work                  0.275 
_refine_ls_shell.percent_reflns_obs               100 
_refine_ls_shell.R_factor_R_free                  0.315 
_refine_ls_shell.R_factor_R_free_error            0.023 
_refine_ls_shell.percent_reflns_R_free            ? 
_refine_ls_shell.number_reflns_R_free             189 
_refine_ls_shell.number_reflns_all                ? 
_refine_ls_shell.R_factor_all                     ? 
_refine_ls_shell.number_reflns_obs                3281 
_refine_ls_shell.redundancy_reflns_obs            ? 
_refine_ls_shell.pdbx_refine_id                   'X-RAY DIFFRACTION' 
# 
_struct.entry_id                  2HD9 
_struct.title                     'Crystal structure of PH1033 from Pyrococcus horikoshii OT3' 
_struct.pdbx_model_details        ? 
_struct.pdbx_CASP_flag            ? 
_struct.pdbx_model_type_details   ? 
# 
_struct_keywords.entry_id        2HD9 
_struct_keywords.pdbx_keywords   'STRUCTURAL GENOMICS, UNKNOWN FUNCTION' 
_struct_keywords.text            
;Pyrococcus horikoshii OT3, Structural Genomics, NPPSFA, National Project on Protein Structural and Functional Analyses, RIKEN Structural Genomics/Proteomics Initiative, RSGI, UNKNOWN FUNCTION
;
# 
loop_
_struct_asym.id 
_struct_asym.pdbx_blank_PDB_chainid_flag 
_struct_asym.pdbx_modified 
_struct_asym.entity_id 
_struct_asym.details 
A N N 1 ? 
B N N 2 ? 
C N N 2 ? 
D N N 3 ? 
E N N 3 ? 
F N N 4 ? 
G N N 5 ? 
# 
_struct_biol.id   1 
# 
loop_
_struct_conf.conf_type_id 
_struct_conf.id 
_struct_conf.pdbx_PDB_helix_id 
_struct_conf.beg_label_comp_id 
_struct_conf.beg_label_asym_id 
_struct_conf.beg_label_seq_id 
_struct_conf.pdbx_beg_PDB_ins_code 
_struct_conf.end_label_comp_id 
_struct_conf.end_label_asym_id 
_struct_conf.end_label_seq_id 
_struct_conf.pdbx_end_PDB_ins_code 
_struct_conf.beg_auth_comp_id 
_struct_conf.beg_auth_asym_id 
_struct_conf.beg_auth_seq_id 
_struct_conf.end_auth_comp_id 
_struct_conf.end_auth_asym_id 
_struct_conf.end_auth_seq_id 
_struct_conf.pdbx_PDB_helix_class 
_struct_conf.details 
_struct_conf.pdbx_PDB_helix_length 
HELX_P HELX_P1 1 ASN A 9   ? ASN A 20  ? ASN A 9   ASN A 20  1 ? 12 
HELX_P HELX_P2 2 PRO A 25  ? LYS A 27  ? PRO A 25  LYS A 27  5 ? 3  
HELX_P HELX_P3 3 HIS A 28  ? SER A 33  ? HIS A 28  SER A 33  1 ? 6  
HELX_P HELX_P4 4 LYS A 105 ? LEU A 111 ? LYS A 105 LEU A 111 5 ? 7  
HELX_P HELX_P5 5 ARG A 119 ? PHE A 124 ? ARG A 119 PHE A 124 5 ? 6  
HELX_P HELX_P6 6 PRO A 133 ? LEU A 144 ? PRO A 133 LEU A 144 1 ? 12 
# 
_struct_conf_type.id          HELX_P 
_struct_conf_type.criteria    ? 
_struct_conf_type.reference   ? 
# 
loop_
_struct_conn.id 
_struct_conn.conn_type_id 
_struct_conn.pdbx_leaving_atom_flag 
_struct_conn.pdbx_PDB_id 
_struct_conn.ptnr1_label_asym_id 
_struct_conn.ptnr1_label_comp_id 
_struct_conn.ptnr1_label_seq_id 
_struct_conn.ptnr1_label_atom_id 
_struct_conn.pdbx_ptnr1_label_alt_id 
_struct_conn.pdbx_ptnr1_PDB_ins_code 
_struct_conn.pdbx_ptnr1_standard_comp_id 
_struct_conn.ptnr1_symmetry 
_struct_conn.ptnr2_label_asym_id 
_struct_conn.ptnr2_label_comp_id 
_struct_conn.ptnr2_label_seq_id 
_struct_conn.ptnr2_label_atom_id 
_struct_conn.pdbx_ptnr2_label_alt_id 
_struct_conn.pdbx_ptnr2_PDB_ins_code 
_struct_conn.ptnr1_auth_asym_id 
_struct_conn.ptnr1_auth_comp_id 
_struct_conn.ptnr1_auth_seq_id 
_struct_conn.ptnr2_auth_asym_id 
_struct_conn.ptnr2_auth_comp_id 
_struct_conn.ptnr2_auth_seq_id 
_struct_conn.ptnr2_symmetry 
_struct_conn.pdbx_ptnr3_label_atom_id 
_struct_conn.pdbx_ptnr3_label_seq_id 
_struct_conn.pdbx_ptnr3_label_comp_id 
_struct_conn.pdbx_ptnr3_label_asym_id 
_struct_conn.pdbx_ptnr3_label_alt_id 
_struct_conn.pdbx_ptnr3_PDB_ins_code 
_struct_conn.details 
_struct_conn.pdbx_dist_value 
_struct_conn.pdbx_value_order 
_struct_conn.pdbx_role 
metalc1  metalc ? ? A GLU 86 OE1 ? ? ? 1_555 B CA  . CA ? ? A GLU 86   A CA  2001 1_555 ? ? ? ? ? ? ? 2.388 ? ? 
metalc2  metalc ? ? D CIT .  O7  ? ? ? 1_555 B CA  . CA ? ? A CIT 1001 A CA  2001 1_555 ? ? ? ? ? ? ? 2.383 ? ? 
metalc3  metalc ? ? D CIT .  O1  ? ? ? 1_555 B CA  . CA ? ? A CIT 1001 A CA  2001 1_555 ? ? ? ? ? ? ? 2.304 ? ? 
metalc4  metalc ? ? D CIT .  O7  ? ? ? 1_555 C CA  . CA ? ? A CIT 1001 A CA  2002 1_555 ? ? ? ? ? ? ? 1.864 ? ? 
metalc5  metalc ? ? D CIT .  O3  ? ? ? 1_555 C CA  . CA ? ? A CIT 1001 A CA  2002 1_555 ? ? ? ? ? ? ? 1.882 ? ? 
metalc6  metalc ? ? D CIT .  O5  ? ? ? 1_555 C CA  . CA ? ? A CIT 1001 A CA  2002 1_555 ? ? ? ? ? ? ? 2.024 ? ? 
metalc7  metalc ? ? E CIT .  O1  ? ? ? 1_555 B CA  . CA ? ? A CIT 1002 A CA  2001 1_555 ? ? ? ? ? ? ? 2.365 ? ? 
metalc8  metalc ? ? E CIT .  O7  ? ? ? 1_555 B CA  . CA ? ? A CIT 1002 A CA  2001 1_555 ? ? ? ? ? ? ? 2.518 ? ? 
metalc9  metalc ? ? E CIT .  O5  ? ? ? 1_555 C CA  . CA ? ? A CIT 1002 A CA  2002 1_555 ? ? ? ? ? ? ? 1.976 ? ? 
metalc10 metalc ? ? E CIT .  O3  ? ? ? 1_555 C CA  . CA ? ? A CIT 1002 A CA  2002 1_555 ? ? ? ? ? ? ? 1.941 ? ? 
metalc11 metalc ? ? E CIT .  O7  ? ? ? 1_555 C CA  . CA ? ? A CIT 1002 A CA  2002 1_555 ? ? ? ? ? ? ? 1.887 ? ? 
metalc12 metalc ? ? B CA  .  CA  ? ? ? 1_555 C CA  . CA ? ? A CA  2001 A CA  2002 1_555 ? ? ? ? ? ? ? 3.246 ? ? 
metalc13 metalc ? ? B CA  .  CA  ? ? ? 1_555 G HOH . O  ? ? A CA  2001 A HOH 3007 1_555 ? ? ? ? ? ? ? 2.591 ? ? 
metalc14 metalc ? ? B CA  .  CA  ? ? ? 1_555 G HOH . O  ? ? A CA  2001 A HOH 3023 1_555 ? ? ? ? ? ? ? 2.483 ? ? 
# 
_struct_conn_type.id          metalc 
_struct_conn_type.criteria    ? 
_struct_conn_type.reference   ? 
# 
loop_
_struct_sheet.id 
_struct_sheet.type 
_struct_sheet.number_strands 
_struct_sheet.details 
A ? 3 ? 
B ? 6 ? 
C ? 2 ? 
# 
loop_
_struct_sheet_order.sheet_id 
_struct_sheet_order.range_id_1 
_struct_sheet_order.range_id_2 
_struct_sheet_order.offset 
_struct_sheet_order.sense 
A 1 2 ? anti-parallel 
A 2 3 ? anti-parallel 
B 1 2 ? anti-parallel 
B 2 3 ? anti-parallel 
B 3 4 ? anti-parallel 
B 4 5 ? parallel      
B 5 6 ? anti-parallel 
C 1 2 ? anti-parallel 
# 
loop_
_struct_sheet_range.sheet_id 
_struct_sheet_range.id 
_struct_sheet_range.beg_label_comp_id 
_struct_sheet_range.beg_label_asym_id 
_struct_sheet_range.beg_label_seq_id 
_struct_sheet_range.pdbx_beg_PDB_ins_code 
_struct_sheet_range.end_label_comp_id 
_struct_sheet_range.end_label_asym_id 
_struct_sheet_range.end_label_seq_id 
_struct_sheet_range.pdbx_end_PDB_ins_code 
_struct_sheet_range.beg_auth_comp_id 
_struct_sheet_range.beg_auth_asym_id 
_struct_sheet_range.beg_auth_seq_id 
_struct_sheet_range.end_auth_comp_id 
_struct_sheet_range.end_auth_asym_id 
_struct_sheet_range.end_auth_seq_id 
A 1 VAL A 21  ? VAL A 24  ? VAL A 21  VAL A 24  
A 2 TYR A 90  ? ASN A 103 ? TYR A 90  ASN A 103 
A 3 TYR A 71  ? VAL A 72  ? TYR A 71  VAL A 72  
B 1 VAL A 21  ? VAL A 24  ? VAL A 21  VAL A 24  
B 2 TYR A 90  ? ASN A 103 ? TYR A 90  ASN A 103 
B 3 LYS A 59  ? VAL A 66  ? LYS A 59  VAL A 66  
B 4 LYS A 40  ? VAL A 45  ? LYS A 40  VAL A 45  
B 5 TYR A 3   ? THR A 8   ? TYR A 3   THR A 8   
B 6 MET A 129 ? LEU A 132 ? MET A 129 LEU A 132 
C 1 GLU A 48  ? LYS A 49  ? GLU A 48  LYS A 49  
C 2 LEU A 55  ? LEU A 56  ? LEU A 55  LEU A 56  
# 
loop_
_pdbx_struct_sheet_hbond.sheet_id 
_pdbx_struct_sheet_hbond.range_id_1 
_pdbx_struct_sheet_hbond.range_id_2 
_pdbx_struct_sheet_hbond.range_1_label_atom_id 
_pdbx_struct_sheet_hbond.range_1_label_comp_id 
_pdbx_struct_sheet_hbond.range_1_label_asym_id 
_pdbx_struct_sheet_hbond.range_1_label_seq_id 
_pdbx_struct_sheet_hbond.range_1_PDB_ins_code 
_pdbx_struct_sheet_hbond.range_1_auth_atom_id 
_pdbx_struct_sheet_hbond.range_1_auth_comp_id 
_pdbx_struct_sheet_hbond.range_1_auth_asym_id 
_pdbx_struct_sheet_hbond.range_1_auth_seq_id 
_pdbx_struct_sheet_hbond.range_2_label_atom_id 
_pdbx_struct_sheet_hbond.range_2_label_comp_id 
_pdbx_struct_sheet_hbond.range_2_label_asym_id 
_pdbx_struct_sheet_hbond.range_2_label_seq_id 
_pdbx_struct_sheet_hbond.range_2_PDB_ins_code 
_pdbx_struct_sheet_hbond.range_2_auth_atom_id 
_pdbx_struct_sheet_hbond.range_2_auth_comp_id 
_pdbx_struct_sheet_hbond.range_2_auth_asym_id 
_pdbx_struct_sheet_hbond.range_2_auth_seq_id 
A 1 2 N VAL A 24 ? N VAL A 24 O TYR A 90  ? O TYR A 90  
A 2 3 O ARG A 91 ? O ARG A 91 N TYR A 71  ? N TYR A 71  
B 1 2 N VAL A 24 ? N VAL A 24 O TYR A 90  ? O TYR A 90  
B 2 3 O LYS A 95 ? O LYS A 95 N GLU A 65  ? N GLU A 65  
B 3 4 O TYR A 64 ? O TYR A 64 N LEU A 41  ? N LEU A 41  
B 4 5 O VAL A 42 ? O VAL A 42 N TRP A 4   ? N TRP A 4   
B 5 6 N TYR A 3  ? N TYR A 3  O LEU A 132 ? O LEU A 132 
C 1 2 N GLU A 48 ? N GLU A 48 O LEU A 56  ? O LEU A 56  
# 
loop_
_struct_site.id 
_struct_site.pdbx_evidence_code 
_struct_site.pdbx_auth_asym_id 
_struct_site.pdbx_auth_comp_id 
_struct_site.pdbx_auth_seq_id 
_struct_site.pdbx_auth_ins_code 
_struct_site.pdbx_num_residues 
_struct_site.details 
AC1 Software A CA  2001 ? 6  'BINDING SITE FOR RESIDUE CA A 2001'  
AC2 Software A CA  2002 ? 3  'BINDING SITE FOR RESIDUE CA A 2002'  
AC3 Software A CIT 1001 ? 13 'BINDING SITE FOR RESIDUE CIT A 1001' 
AC4 Software A CIT 1002 ? 16 'BINDING SITE FOR RESIDUE CIT A 1002' 
AC5 Software A GOL 3001 ? 8  'BINDING SITE FOR RESIDUE GOL A 3001' 
# 
loop_
_struct_site_gen.id 
_struct_site_gen.site_id 
_struct_site_gen.pdbx_num_res 
_struct_site_gen.label_comp_id 
_struct_site_gen.label_asym_id 
_struct_site_gen.label_seq_id 
_struct_site_gen.pdbx_auth_ins_code 
_struct_site_gen.auth_comp_id 
_struct_site_gen.auth_asym_id 
_struct_site_gen.auth_seq_id 
_struct_site_gen.label_atom_id 
_struct_site_gen.label_alt_id 
_struct_site_gen.symmetry 
_struct_site_gen.details 
1  AC1 6  GLU A 86  ? GLU A 86   . ? 1_555 ? 
2  AC1 6  CIT D .   ? CIT A 1001 . ? 1_555 ? 
3  AC1 6  CIT E .   ? CIT A 1002 . ? 1_555 ? 
4  AC1 6  CA  C .   ? CA  A 2002 . ? 1_555 ? 
5  AC1 6  HOH G .   ? HOH A 3007 . ? 1_555 ? 
6  AC1 6  HOH G .   ? HOH A 3023 . ? 1_555 ? 
7  AC2 3  CIT D .   ? CIT A 1001 . ? 1_555 ? 
8  AC2 3  CIT E .   ? CIT A 1002 . ? 1_555 ? 
9  AC2 3  CA  B .   ? CA  A 2001 . ? 1_555 ? 
10 AC3 13 PRO A 25  ? PRO A 25   . ? 1_555 ? 
11 AC3 13 LYS A 27  ? LYS A 27   . ? 1_555 ? 
12 AC3 13 PRO A 80  ? PRO A 80   . ? 1_555 ? 
13 AC3 13 ARG A 82  ? ARG A 82   . ? 1_555 ? 
14 AC3 13 ARG A 82  ? ARG A 82   . ? 5_675 ? 
15 AC3 13 GLY A 83  ? GLY A 83   . ? 1_555 ? 
16 AC3 13 GLY A 84  ? GLY A 84   . ? 1_555 ? 
17 AC3 13 GLU A 86  ? GLU A 86   . ? 1_555 ? 
18 AC3 13 CIT E .   ? CIT A 1002 . ? 1_555 ? 
19 AC3 13 CA  B .   ? CA  A 2001 . ? 1_555 ? 
20 AC3 13 CA  C .   ? CA  A 2002 . ? 1_555 ? 
21 AC3 13 HOH G .   ? HOH A 3058 . ? 1_555 ? 
22 AC3 13 HOH G .   ? HOH A 3162 . ? 1_555 ? 
23 AC4 16 ARG A 82  ? ARG A 82   . ? 5_675 ? 
24 AC4 16 GLY A 84  ? GLY A 84   . ? 1_555 ? 
25 AC4 16 LYS A 85  ? LYS A 85   . ? 1_555 ? 
26 AC4 16 GLU A 86  ? GLU A 86   . ? 1_555 ? 
27 AC4 16 PHE A 125 ? PHE A 125  . ? 5_675 ? 
28 AC4 16 CIT D .   ? CIT A 1001 . ? 1_555 ? 
29 AC4 16 CA  B .   ? CA  A 2001 . ? 1_555 ? 
30 AC4 16 CA  C .   ? CA  A 2002 . ? 1_555 ? 
31 AC4 16 HOH G .   ? HOH A 3023 . ? 1_555 ? 
32 AC4 16 HOH G .   ? HOH A 3048 . ? 1_555 ? 
33 AC4 16 HOH G .   ? HOH A 3049 . ? 1_555 ? 
34 AC4 16 HOH G .   ? HOH A 3054 . ? 1_555 ? 
35 AC4 16 HOH G .   ? HOH A 3060 . ? 1_555 ? 
36 AC4 16 HOH G .   ? HOH A 3066 . ? 1_555 ? 
37 AC4 16 HOH G .   ? HOH A 3095 . ? 1_555 ? 
38 AC4 16 HOH G .   ? HOH A 3125 . ? 1_555 ? 
39 AC5 8  ILE A 7   ? ILE A 7    . ? 1_555 ? 
40 AC5 8  THR A 8   ? THR A 8    . ? 1_555 ? 
41 AC5 8  ASN A 12  ? ASN A 12   . ? 1_555 ? 
42 AC5 8  TRP A 22  ? TRP A 22   . ? 1_555 ? 
43 AC5 8  GLY A 23  ? GLY A 23   . ? 1_555 ? 
44 AC5 8  PHE A 78  ? PHE A 78   . ? 1_555 ? 
45 AC5 8  HOH G .   ? HOH A 3098 . ? 1_555 ? 
46 AC5 8  HOH G .   ? HOH A 3176 . ? 1_555 ? 
# 
_atom_sites.entry_id                    2HD9 
_atom_sites.fract_transf_matrix[1][1]   0.00032621 
_atom_sites.fract_transf_matrix[1][2]   0.00111324 
_atom_sites.fract_transf_matrix[1][3]   0.02892277 
_atom_sites.fract_transf_matrix[2][1]   0.02521466 
_atom_sites.fract_transf_matrix[2][2]   0.00140739 
_atom_sites.fract_transf_matrix[2][3]   0.01414607 
_atom_sites.fract_transf_matrix[3][1]   -0.00020413 
_atom_sites.fract_transf_matrix[3][2]   0.00592719 
_atom_sites.fract_transf_matrix[3][3]   -0.00022584 
_atom_sites.fract_transf_vector[1]      0.886952 
_atom_sites.fract_transf_vector[2]      0.712470 
_atom_sites.fract_transf_vector[3]      0.078459 
# 
loop_
_atom_type.symbol 
C  
CA 
N  
O  
S  
# 
loop_
_atom_site.group_PDB 
_atom_site.id 
_atom_site.type_symbol 
_atom_site.label_atom_id 
_atom_site.label_alt_id 
_atom_site.label_comp_id 
_atom_site.label_asym_id 
_atom_site.label_entity_id 
_atom_site.label_seq_id 
_atom_site.pdbx_PDB_ins_code 
_atom_site.Cartn_x 
_atom_site.Cartn_y 
_atom_site.Cartn_z 
_atom_site.occupancy 
_atom_site.B_iso_or_equiv 
_atom_site.pdbx_formal_charge 
_atom_site.auth_seq_id 
_atom_site.auth_comp_id 
_atom_site.auth_asym_id 
_atom_site.auth_atom_id 
_atom_site.pdbx_PDB_model_num 
ATOM   1    N  N   . MET A 1 1   ? -13.473 -9.938  8.071   1.00 33.83 ? 1    MET A N   1 
ATOM   2    C  CA  . MET A 1 1   ? -12.261 -9.591  7.276   1.00 32.63 ? 1    MET A CA  1 
ATOM   3    C  C   . MET A 1 1   ? -12.366 -8.175  6.722   1.00 30.88 ? 1    MET A C   1 
ATOM   4    O  O   . MET A 1 1   ? -13.458 -7.611  6.629   1.00 31.31 ? 1    MET A O   1 
ATOM   5    C  CB  . MET A 1 1   ? -12.089 -10.575 6.115   1.00 35.50 ? 1    MET A CB  1 
ATOM   6    C  CG  . MET A 1 1   ? -10.861 -10.312 5.255   1.00 37.99 ? 1    MET A CG  1 
ATOM   7    S  SD  . MET A 1 1   ? -11.060 -10.874 3.555   1.00 42.30 ? 1    MET A SD  1 
ATOM   8    C  CE  . MET A 1 1   ? -10.586 -12.595 3.711   1.00 40.81 ? 1    MET A CE  1 
ATOM   9    N  N   . THR A 1 2   ? -11.225 -7.606  6.355   1.00 25.80 ? 2    THR A N   1 
ATOM   10   C  CA  . THR A 1 2   ? -11.185 -6.261  5.803   1.00 22.33 ? 2    THR A CA  1 
ATOM   11   C  C   . THR A 1 2   ? -10.133 -6.198  4.705   1.00 19.02 ? 2    THR A C   1 
ATOM   12   O  O   . THR A 1 2   ? -9.111  -6.880  4.773   1.00 18.37 ? 2    THR A O   1 
ATOM   13   C  CB  . THR A 1 2   ? -10.840 -5.224  6.894   1.00 23.16 ? 2    THR A CB  1 
ATOM   14   O  OG1 . THR A 1 2   ? -11.778 -5.332  7.971   1.00 24.91 ? 2    THR A OG1 1 
ATOM   15   C  CG2 . THR A 1 2   ? -10.895 -3.814  6.328   1.00 23.48 ? 2    THR A CG2 1 
ATOM   16   N  N   . TYR A 1 3   ? -10.399 -5.384  3.689   1.00 15.41 ? 3    TYR A N   1 
ATOM   17   C  CA  . TYR A 1 3   ? -9.484  -5.205  2.568   1.00 13.69 ? 3    TYR A CA  1 
ATOM   18   C  C   . TYR A 1 3   ? -8.878  -3.817  2.706   1.00 12.46 ? 3    TYR A C   1 
ATOM   19   O  O   . TYR A 1 3   ? -9.565  -2.872  3.103   1.00 12.17 ? 3    TYR A O   1 
ATOM   20   C  CB  . TYR A 1 3   ? -10.248 -5.293  1.248   1.00 14.75 ? 3    TYR A CB  1 
ATOM   21   C  CG  . TYR A 1 3   ? -11.033 -6.574  1.082   1.00 16.94 ? 3    TYR A CG  1 
ATOM   22   C  CD1 . TYR A 1 3   ? -10.389 -7.781  0.825   1.00 18.54 ? 3    TYR A CD1 1 
ATOM   23   C  CD2 . TYR A 1 3   ? -12.423 -6.576  1.191   1.00 18.65 ? 3    TYR A CD2 1 
ATOM   24   C  CE1 . TYR A 1 3   ? -11.113 -8.966  0.679   1.00 20.52 ? 3    TYR A CE1 1 
ATOM   25   C  CE2 . TYR A 1 3   ? -13.154 -7.751  1.049   1.00 20.11 ? 3    TYR A CE2 1 
ATOM   26   C  CZ  . TYR A 1 3   ? -12.493 -8.940  0.792   1.00 20.20 ? 3    TYR A CZ  1 
ATOM   27   O  OH  . TYR A 1 3   ? -13.216 -10.102 0.645   1.00 23.04 ? 3    TYR A OH  1 
ATOM   28   N  N   . TRP A 1 4   ? -7.602  -3.689  2.361   1.00 11.13 ? 4    TRP A N   1 
ATOM   29   C  CA  . TRP A 1 4   ? -6.922  -2.405  2.469   1.00 10.74 ? 4    TRP A CA  1 
ATOM   30   C  C   . TRP A 1 4   ? -6.033  -2.139  1.270   1.00 9.95  ? 4    TRP A C   1 
ATOM   31   O  O   . TRP A 1 4   ? -5.551  -3.072  0.625   1.00 11.88 ? 4    TRP A O   1 
ATOM   32   C  CB  . TRP A 1 4   ? -6.004  -2.372  3.704   1.00 10.64 ? 4    TRP A CB  1 
ATOM   33   C  CG  . TRP A 1 4   ? -6.615  -2.810  4.994   1.00 11.39 ? 4    TRP A CG  1 
ATOM   34   C  CD1 . TRP A 1 4   ? -6.731  -4.088  5.462   1.00 12.81 ? 4    TRP A CD1 1 
ATOM   35   C  CD2 . TRP A 1 4   ? -7.191  -1.962  5.989   1.00 12.04 ? 4    TRP A CD2 1 
ATOM   36   N  NE1 . TRP A 1 4   ? -7.344  -4.085  6.695   1.00 13.40 ? 4    TRP A NE1 1 
ATOM   37   C  CE2 . TRP A 1 4   ? -7.638  -2.792  7.039   1.00 13.75 ? 4    TRP A CE2 1 
ATOM   38   C  CE3 . TRP A 1 4   ? -7.374  -0.577  6.093   1.00 12.20 ? 4    TRP A CE3 1 
ATOM   39   C  CZ2 . TRP A 1 4   ? -8.260  -2.282  8.185   1.00 13.76 ? 4    TRP A CZ2 1 
ATOM   40   C  CZ3 . TRP A 1 4   ? -7.994  -0.067  7.235   1.00 14.68 ? 4    TRP A CZ3 1 
ATOM   41   C  CH2 . TRP A 1 4   ? -8.428  -0.922  8.264   1.00 14.73 ? 4    TRP A CH2 1 
ATOM   42   N  N   . ILE A 1 5   ? -5.820  -0.862  0.968   1.00 10.12 ? 5    ILE A N   1 
ATOM   43   C  CA  . ILE A 1 5   ? -4.874  -0.506  -0.081  1.00 9.98  ? 5    ILE A CA  1 
ATOM   44   C  C   . ILE A 1 5   ? -3.763  0.210   0.694   1.00 10.11 ? 5    ILE A C   1 
ATOM   45   O  O   . ILE A 1 5   ? -4.027  1.111   1.495   1.00 10.21 ? 5    ILE A O   1 
ATOM   46   C  CB  . ILE A 1 5   ? -5.480  0.406   -1.185  1.00 9.79  ? 5    ILE A CB  1 
ATOM   47   C  CG1 . ILE A 1 5   ? -4.383  0.759   -2.199  1.00 10.45 ? 5    ILE A CG1 1 
ATOM   48   C  CG2 . ILE A 1 5   ? -6.109  1.653   -0.586  1.00 11.37 ? 5    ILE A CG2 1 
ATOM   49   C  CD1 . ILE A 1 5   ? -4.907  1.253   -3.542  1.00 12.28 ? 5    ILE A CD1 1 
ATOM   50   N  N   . CYS A 1 6   ? -2.533  -0.246  0.482   1.00 9.79  ? 6    CYS A N   1 
ATOM   51   C  CA  . CYS A 1 6   ? -1.350  0.282   1.167   1.00 9.29  ? 6    CYS A CA  1 
ATOM   52   C  C   . CYS A 1 6   ? -0.525  1.100   0.186   1.00 9.65  ? 6    CYS A C   1 
ATOM   53   O  O   . CYS A 1 6   ? -0.204  0.636   -0.911  1.00 10.57 ? 6    CYS A O   1 
ATOM   54   C  CB  . CYS A 1 6   ? -0.538  -0.884  1.737   1.00 9.53  ? 6    CYS A CB  1 
ATOM   55   S  SG  . CYS A 1 6   ? -1.485  -1.862  2.930   1.00 11.46 ? 6    CYS A SG  1 
ATOM   56   N  N   . ILE A 1 7   ? -0.164  2.309   0.602   1.00 9.95  ? 7    ILE A N   1 
ATOM   57   C  CA  . ILE A 1 7   ? 0.546   3.257   -0.245  1.00 10.56 ? 7    ILE A CA  1 
ATOM   58   C  C   . ILE A 1 7   ? 2.038   3.314   0.047   1.00 10.58 ? 7    ILE A C   1 
ATOM   59   O  O   . ILE A 1 7   ? 2.446   3.623   1.162   1.00 12.89 ? 7    ILE A O   1 
ATOM   60   C  CB  . ILE A 1 7   ? -0.083  4.647   -0.052  1.00 11.66 ? 7    ILE A CB  1 
ATOM   61   C  CG1 . ILE A 1 7   ? -1.595  4.544   -0.279  1.00 12.62 ? 7    ILE A CG1 1 
ATOM   62   C  CG2 . ILE A 1 7   ? 0.549   5.655   -0.992  1.00 13.25 ? 7    ILE A CG2 1 
ATOM   63   C  CD1 . ILE A 1 7   ? -2.391  5.694   0.285   1.00 14.85 ? 7    ILE A CD1 1 
ATOM   64   N  N   . THR A 1 8   ? 2.853   3.025   -0.960  1.00 10.30 ? 8    THR A N   1 
ATOM   65   C  CA  . THR A 1 8   ? 4.295   3.038   -0.763  1.00 10.83 ? 8    THR A CA  1 
ATOM   66   C  C   . THR A 1 8   ? 4.990   3.487   -2.048  1.00 9.90  ? 8    THR A C   1 
ATOM   67   O  O   . THR A 1 8   ? 4.354   4.093   -2.921  1.00 10.83 ? 8    THR A O   1 
ATOM   68   C  CB  . THR A 1 8   ? 4.767   1.621   -0.309  1.00 11.93 ? 8    THR A CB  1 
ATOM   69   O  OG1 . THR A 1 8   ? 6.141   1.667   0.085   1.00 12.85 ? 8    THR A OG1 1 
ATOM   70   C  CG2 . THR A 1 8   ? 4.593   0.596   -1.418  1.00 12.70 ? 8    THR A CG2 1 
ATOM   71   N  N   . ASN A 1 9   ? 6.294   3.251   -2.141  1.00 10.33 ? 9    ASN A N   1 
ATOM   72   C  CA  . ASN A 1 9   ? 7.041   3.603   -3.346  1.00 10.75 ? 9    ASN A CA  1 
ATOM   73   C  C   . ASN A 1 9   ? 7.840   2.388   -3.807  1.00 9.53  ? 9    ASN A C   1 
ATOM   74   O  O   . ASN A 1 9   ? 7.835   1.350   -3.146  1.00 10.55 ? 9    ASN A O   1 
ATOM   75   C  CB  . ASN A 1 9   ? 7.950   4.828   -3.121  1.00 10.99 ? 9    ASN A CB  1 
ATOM   76   C  CG  . ASN A 1 9   ? 8.958   4.630   -2.009  1.00 12.22 ? 9    ASN A CG  1 
ATOM   77   O  OD1 . ASN A 1 9   ? 9.408   3.521   -1.746  1.00 12.89 ? 9    ASN A OD1 1 
ATOM   78   N  ND2 . ASN A 1 9   ? 9.340   5.726   -1.364  1.00 13.32 ? 9    ASN A ND2 1 
ATOM   79   N  N   . ARG A 1 10  ? 8.520   2.502   -4.942  1.00 10.40 ? 10   ARG A N   1 
ATOM   80   C  CA  . ARG A 1 10  ? 9.261   1.371   -5.474  1.00 11.11 ? 10   ARG A CA  1 
ATOM   81   C  C   . ARG A 1 10  ? 10.386  0.863   -4.583  1.00 10.69 ? 10   ARG A C   1 
ATOM   82   O  O   . ARG A 1 10  ? 10.580  -0.346  -4.463  1.00 12.13 ? 10   ARG A O   1 
ATOM   83   C  CB  . ARG A 1 10  ? 9.775   1.712   -6.873  1.00 11.10 ? 10   ARG A CB  1 
ATOM   84   C  CG  . ARG A 1 10  ? 8.634   1.775   -7.880  1.00 11.76 ? 10   ARG A CG  1 
ATOM   85   C  CD  . ARG A 1 10  ? 9.002   2.531   -9.145  1.00 12.62 ? 10   ARG A CD  1 
ATOM   86   N  NE  . ARG A 1 10  ? 7.924   2.471   -10.131 1.00 12.93 ? 10   ARG A NE  1 
ATOM   87   C  CZ  . ARG A 1 10  ? 6.779   3.142   -10.046 1.00 13.13 ? 10   ARG A CZ  1 
ATOM   88   N  NH1 . ARG A 1 10  ? 6.548   3.946   -9.017  1.00 12.89 ? 10   ARG A NH1 1 
ATOM   89   N  NH2 . ARG A 1 10  ? 5.851   2.988   -10.984 1.00 14.19 ? 10   ARG A NH2 1 
ATOM   90   N  N   . GLU A 1 11  ? 11.112  1.766   -3.937  1.00 10.56 ? 11   GLU A N   1 
ATOM   91   C  CA  . GLU A 1 11  ? 12.203  1.331   -3.078  1.00 12.55 ? 11   GLU A CA  1 
ATOM   92   C  C   . GLU A 1 11  ? 11.674  0.537   -1.888  1.00 11.59 ? 11   GLU A C   1 
ATOM   93   O  O   . GLU A 1 11  ? 12.205  -0.525  -1.561  1.00 11.66 ? 11   GLU A O   1 
ATOM   94   C  CB  . GLU A 1 11  ? 13.024  2.529   -2.595  1.00 14.49 ? 11   GLU A CB  1 
ATOM   95   C  CG  . GLU A 1 11  ? 14.145  2.136   -1.636  1.00 17.45 ? 11   GLU A CG  1 
ATOM   96   C  CD  . GLU A 1 11  ? 15.200  3.214   -1.464  1.00 21.38 ? 11   GLU A CD  1 
ATOM   97   O  OE1 . GLU A 1 11  ? 14.931  4.383   -1.808  1.00 23.62 ? 11   GLU A OE1 1 
ATOM   98   O  OE2 . GLU A 1 11  ? 16.297  2.886   -0.964  1.00 22.59 ? 11   GLU A OE2 1 
ATOM   99   N  N   . ASN A 1 12  ? 10.623  1.027   -1.242  1.00 10.11 ? 12   ASN A N   1 
ATOM   100  C  CA  . ASN A 1 12  ? 10.094  0.296   -0.100  1.00 9.55  ? 12   ASN A CA  1 
ATOM   101  C  C   . ASN A 1 12  ? 9.268   -0.928  -0.486  1.00 9.45  ? 12   ASN A C   1 
ATOM   102  O  O   . ASN A 1 12  ? 9.058   -1.817  0.334   1.00 9.43  ? 12   ASN A O   1 
ATOM   103  C  CB  . ASN A 1 12  ? 9.330   1.238   0.834   1.00 10.37 ? 12   ASN A CB  1 
ATOM   104  C  CG  . ASN A 1 12  ? 10.265  2.190   1.553   1.00 11.58 ? 12   ASN A CG  1 
ATOM   105  O  OD1 . ASN A 1 12  ? 11.314  1.770   2.043   1.00 13.93 ? 12   ASN A OD1 1 
ATOM   106  N  ND2 . ASN A 1 12  ? 9.904   3.465   1.619   1.00 13.75 ? 12   ASN A ND2 1 
ATOM   107  N  N   . TRP A 1 13  ? 8.817   -0.985  -1.738  1.00 9.92  ? 13   TRP A N   1 
ATOM   108  C  CA  . TRP A 1 13  ? 8.078   -2.147  -2.228  1.00 9.89  ? 13   TRP A CA  1 
ATOM   109  C  C   . TRP A 1 13  ? 9.078   -3.313  -2.198  1.00 9.41  ? 13   TRP A C   1 
ATOM   110  O  O   . TRP A 1 13  ? 8.729   -4.436  -1.842  1.00 10.21 ? 13   TRP A O   1 
ATOM   111  C  CB  . TRP A 1 13  ? 7.584   -1.874  -3.654  1.00 9.76  ? 13   TRP A CB  1 
ATOM   112  C  CG  . TRP A 1 13  ? 7.136   -3.076  -4.469  1.00 10.62 ? 13   TRP A CG  1 
ATOM   113  C  CD1 . TRP A 1 13  ? 7.414   -3.300  -5.787  1.00 10.93 ? 13   TRP A CD1 1 
ATOM   114  C  CD2 . TRP A 1 13  ? 6.279   -4.156  -4.054  1.00 9.74  ? 13   TRP A CD2 1 
ATOM   115  N  NE1 . TRP A 1 13  ? 6.786   -4.443  -6.223  1.00 11.26 ? 13   TRP A NE1 1 
ATOM   116  C  CE2 . TRP A 1 13  ? 6.083   -4.989  -5.183  1.00 10.17 ? 13   TRP A CE2 1 
ATOM   117  C  CE3 . TRP A 1 13  ? 5.656   -4.501  -2.846  1.00 10.44 ? 13   TRP A CE3 1 
ATOM   118  C  CZ2 . TRP A 1 13  ? 5.290   -6.143  -5.139  1.00 11.06 ? 13   TRP A CZ2 1 
ATOM   119  C  CZ3 . TRP A 1 13  ? 4.866   -5.652  -2.804  1.00 10.24 ? 13   TRP A CZ3 1 
ATOM   120  C  CH2 . TRP A 1 13  ? 4.692   -6.458  -3.947  1.00 10.78 ? 13   TRP A CH2 1 
ATOM   121  N  N   . GLU A 1 14  ? 10.329  -3.036  -2.557  1.00 10.30 ? 14   GLU A N   1 
ATOM   122  C  CA  . GLU A 1 14  ? 11.347  -4.076  -2.526  1.00 10.77 ? 14   GLU A CA  1 
ATOM   123  C  C   . GLU A 1 14  ? 11.581  -4.538  -1.085  1.00 10.54 ? 14   GLU A C   1 
ATOM   124  O  O   . GLU A 1 14  ? 11.743  -5.729  -0.829  1.00 10.67 ? 14   GLU A O   1 
ATOM   125  C  CB  . GLU A 1 14  ? 12.649  -3.563  -3.138  1.00 12.73 ? 14   GLU A CB  1 
ATOM   126  C  CG  . GLU A 1 14  ? 12.596  -3.398  -4.652  1.00 17.01 ? 14   GLU A CG  1 
ATOM   127  C  CD  . GLU A 1 14  ? 12.070  -4.640  -5.356  1.00 18.44 ? 14   GLU A CD  1 
ATOM   128  O  OE1 . GLU A 1 14  ? 12.580  -5.748  -5.069  1.00 19.41 ? 14   GLU A OE1 1 
ATOM   129  O  OE2 . GLU A 1 14  ? 11.151  -4.506  -6.198  1.00 18.60 ? 14   GLU A OE2 1 
ATOM   130  N  N   . VAL A 1 15  ? 11.586  -3.596  -0.145  1.00 10.47 ? 15   VAL A N   1 
ATOM   131  C  CA  . VAL A 1 15  ? 11.777  -3.932  1.266   1.00 10.84 ? 15   VAL A CA  1 
ATOM   132  C  C   . VAL A 1 15  ? 10.620  -4.807  1.747   1.00 10.57 ? 15   VAL A C   1 
ATOM   133  O  O   . VAL A 1 15  ? 10.834  -5.807  2.440   1.00 11.01 ? 15   VAL A O   1 
ATOM   134  C  CB  . VAL A 1 15  ? 11.845  -2.654  2.138   1.00 10.69 ? 15   VAL A CB  1 
ATOM   135  C  CG1 . VAL A 1 15  ? 11.934  -3.030  3.615   1.00 12.16 ? 15   VAL A CG1 1 
ATOM   136  C  CG2 . VAL A 1 15  ? 13.051  -1.820  1.738   1.00 12.07 ? 15   VAL A CG2 1 
ATOM   137  N  N   . ILE A 1 16  ? 9.400   -4.434  1.368   1.00 9.76  ? 16   ILE A N   1 
ATOM   138  C  CA  . ILE A 1 16  ? 8.214   -5.192  1.747   1.00 10.27 ? 16   ILE A CA  1 
ATOM   139  C  C   . ILE A 1 16  ? 8.307   -6.633  1.240   1.00 9.85  ? 16   ILE A C   1 
ATOM   140  O  O   . ILE A 1 16  ? 8.053   -7.580  1.984   1.00 10.50 ? 16   ILE A O   1 
ATOM   141  C  CB  . ILE A 1 16  ? 6.946   -4.532  1.171   1.00 9.87  ? 16   ILE A CB  1 
ATOM   142  C  CG1 . ILE A 1 16  ? 6.668   -3.227  1.928   1.00 11.18 ? 16   ILE A CG1 1 
ATOM   143  C  CG2 . ILE A 1 16  ? 5.765   -5.490  1.257   1.00 11.91 ? 16   ILE A CG2 1 
ATOM   144  C  CD1 . ILE A 1 16  ? 5.576   -2.369  1.304   1.00 13.35 ? 16   ILE A CD1 1 
ATOM   145  N  N   . LYS A 1 17  ? 8.682   -6.799  -0.023  1.00 10.07 ? 17   LYS A N   1 
ATOM   146  C  CA  . LYS A 1 17  ? 8.793   -8.136  -0.592  1.00 10.00 ? 17   LYS A CA  1 
ATOM   147  C  C   . LYS A 1 17  ? 9.860   -8.981  0.094   1.00 10.71 ? 17   LYS A C   1 
ATOM   148  O  O   . LYS A 1 17  ? 9.700   -10.190 0.242   1.00 11.53 ? 17   LYS A O   1 
ATOM   149  C  CB  . LYS A 1 17  ? 9.102   -8.059  -2.090  1.00 12.38 ? 17   LYS A CB  1 
ATOM   150  C  CG  . LYS A 1 17  ? 7.907   -7.681  -2.960  1.00 11.59 ? 17   LYS A CG  1 
ATOM   151  C  CD  . LYS A 1 17  ? 8.242   -7.767  -4.448  1.00 14.25 ? 17   LYS A CD  1 
ATOM   152  C  CE  . LYS A 1 17  ? 9.092   -6.585  -4.902  1.00 15.05 ? 17   LYS A CE  1 
ATOM   153  N  NZ  . LYS A 1 17  ? 9.427   -6.656  -6.353  1.00 15.16 ? 17   LYS A NZ  1 
ATOM   154  N  N   . ARG A 1 18  ? 10.951  -8.347  0.511   1.00 10.72 ? 18   ARG A N   1 
ATOM   155  C  CA  . ARG A 1 18  ? 12.042  -9.063  1.164   1.00 11.27 ? 18   ARG A CA  1 
ATOM   156  C  C   . ARG A 1 18  ? 11.802  -9.384  2.627   1.00 10.96 ? 18   ARG A C   1 
ATOM   157  O  O   . ARG A 1 18  ? 12.191  -10.452 3.104   1.00 11.61 ? 18   ARG A O   1 
ATOM   158  C  CB  . ARG A 1 18  ? 13.343  -8.269  1.055   1.00 11.98 ? 18   ARG A CB  1 
ATOM   159  C  CG  . ARG A 1 18  ? 13.904  -8.205  -0.340  1.00 14.89 ? 18   ARG A CG  1 
ATOM   160  C  CD  . ARG A 1 18  ? 15.246  -7.509  -0.328  1.00 19.22 ? 18   ARG A CD  1 
ATOM   161  N  NE  . ARG A 1 18  ? 15.842  -7.438  -1.655  1.00 22.34 ? 18   ARG A NE  1 
ATOM   162  C  CZ  . ARG A 1 18  ? 17.142  -7.584  -1.885  1.00 24.04 ? 18   ARG A CZ  1 
ATOM   163  N  NH1 . ARG A 1 18  ? 17.970  -7.813  -0.872  1.00 26.86 ? 18   ARG A NH1 1 
ATOM   164  N  NH2 . ARG A 1 18  ? 17.613  -7.499  -3.122  1.00 27.54 ? 18   ARG A NH2 1 
ATOM   165  N  N   . HIS A 1 19  ? 11.152  -8.471  3.339   1.00 10.34 ? 19   HIS A N   1 
ATOM   166  C  CA  . HIS A 1 19  ? 10.913  -8.657  4.766   1.00 10.74 ? 19   HIS A CA  1 
ATOM   167  C  C   . HIS A 1 19  ? 9.537   -9.155  5.193   1.00 9.95  ? 19   HIS A C   1 
ATOM   168  O  O   . HIS A 1 19  ? 9.353   -9.552  6.341   1.00 10.94 ? 19   HIS A O   1 
ATOM   169  C  CB  . HIS A 1 19  ? 11.211  -7.353  5.518   1.00 11.14 ? 19   HIS A CB  1 
ATOM   170  C  CG  . HIS A 1 19  ? 12.663  -6.985  5.549   1.00 13.29 ? 19   HIS A CG  1 
ATOM   171  N  ND1 . HIS A 1 19  ? 13.301  -6.361  4.499   1.00 16.26 ? 19   HIS A ND1 1 
ATOM   172  C  CD2 . HIS A 1 19  ? 13.608  -7.182  6.498   1.00 15.53 ? 19   HIS A CD2 1 
ATOM   173  C  CE1 . HIS A 1 19  ? 14.578  -6.191  4.800   1.00 16.36 ? 19   HIS A CE1 1 
ATOM   174  N  NE2 . HIS A 1 19  ? 14.789  -6.679  6.007   1.00 17.13 ? 19   HIS A NE2 1 
ATOM   175  N  N   . ASN A 1 20  ? 8.566   -9.135  4.287   1.00 9.46  ? 20   ASN A N   1 
ATOM   176  C  CA  . ASN A 1 20  ? 7.211   -9.557  4.631   1.00 9.62  ? 20   ASN A CA  1 
ATOM   177  C  C   . ASN A 1 20  ? 6.695   -8.758  5.820   1.00 9.54  ? 20   ASN A C   1 
ATOM   178  O  O   . ASN A 1 20  ? 6.179   -9.304  6.796   1.00 10.56 ? 20   ASN A O   1 
ATOM   179  C  CB  . ASN A 1 20  ? 7.147   -11.059 4.934   1.00 10.46 ? 20   ASN A CB  1 
ATOM   180  C  CG  . ASN A 1 20  ? 6.912   -11.889 3.689   1.00 11.45 ? 20   ASN A CG  1 
ATOM   181  O  OD1 . ASN A 1 20  ? 6.392   -11.392 2.685   1.00 12.16 ? 20   ASN A OD1 1 
ATOM   182  N  ND2 . ASN A 1 20  ? 7.271   -13.164 3.750   1.00 14.11 ? 20   ASN A ND2 1 
ATOM   183  N  N   . VAL A 1 21  ? 6.840   -7.446  5.701   1.00 10.21 ? 21   VAL A N   1 
ATOM   184  C  CA  . VAL A 1 21  ? 6.388   -6.510  6.710   1.00 9.81  ? 21   VAL A CA  1 
ATOM   185  C  C   . VAL A 1 21  ? 5.745   -5.304  6.053   1.00 9.52  ? 21   VAL A C   1 
ATOM   186  O  O   . VAL A 1 21  ? 6.251   -4.792  5.052   1.00 10.27 ? 21   VAL A O   1 
ATOM   187  C  CB  . VAL A 1 21  ? 7.563   -5.964  7.563   1.00 10.55 ? 21   VAL A CB  1 
ATOM   188  C  CG1 . VAL A 1 21  ? 7.073   -4.832  8.475   1.00 11.72 ? 21   VAL A CG1 1 
ATOM   189  C  CG2 . VAL A 1 21  ? 8.190   -7.081  8.376   1.00 12.85 ? 21   VAL A CG2 1 
ATOM   190  N  N   . TRP A 1 22  ? 4.603   -4.893  6.594   1.00 8.58  ? 22   TRP A N   1 
ATOM   191  C  CA  . TRP A 1 22  ? 3.943   -3.668  6.166   1.00 8.38  ? 22   TRP A CA  1 
ATOM   192  C  C   . TRP A 1 22  ? 3.980   -2.792  7.421   1.00 8.75  ? 22   TRP A C   1 
ATOM   193  O  O   . TRP A 1 22  ? 3.509   -3.193  8.494   1.00 9.24  ? 22   TRP A O   1 
ATOM   194  C  CB  . TRP A 1 22  ? 2.489   -3.895  5.737   1.00 8.73  ? 22   TRP A CB  1 
ATOM   195  C  CG  . TRP A 1 22  ? 1.733   -2.595  5.612   1.00 7.82  ? 22   TRP A CG  1 
ATOM   196  C  CD1 . TRP A 1 22  ? 0.709   -2.161  6.410   1.00 9.44  ? 22   TRP A CD1 1 
ATOM   197  C  CD2 . TRP A 1 22  ? 2.018   -1.519  4.708   1.00 9.53  ? 22   TRP A CD2 1 
ATOM   198  N  NE1 . TRP A 1 22  ? 0.345   -0.879  6.062   1.00 8.57  ? 22   TRP A NE1 1 
ATOM   199  C  CE2 . TRP A 1 22  ? 1.134   -0.461  5.022   1.00 9.60  ? 22   TRP A CE2 1 
ATOM   200  C  CE3 . TRP A 1 22  ? 2.939   -1.343  3.664   1.00 10.51 ? 22   TRP A CE3 1 
ATOM   201  C  CZ2 . TRP A 1 22  ? 1.143   0.756   4.333   1.00 9.49  ? 22   TRP A CZ2 1 
ATOM   202  C  CZ3 . TRP A 1 22  ? 2.947   -0.126  2.977   1.00 10.07 ? 22   TRP A CZ3 1 
ATOM   203  C  CH2 . TRP A 1 22  ? 2.054   0.904   3.317   1.00 10.36 ? 22   TRP A CH2 1 
ATOM   204  N  N   . GLY A 1 23  ? 4.558   -1.604  7.291   1.00 8.49  ? 23   GLY A N   1 
ATOM   205  C  CA  . GLY A 1 23  ? 4.656   -0.700  8.423   1.00 9.14  ? 23   GLY A CA  1 
ATOM   206  C  C   . GLY A 1 23  ? 4.157   0.695   8.107   1.00 9.14  ? 23   GLY A C   1 
ATOM   207  O  O   . GLY A 1 23  ? 4.109   1.113   6.945   1.00 11.00 ? 23   GLY A O   1 
ATOM   208  N  N   . VAL A 1 24  ? 3.781   1.418   9.154   1.00 9.96  ? 24   VAL A N   1 
ATOM   209  C  CA  . VAL A 1 24  ? 3.290   2.784   9.011   1.00 9.45  ? 24   VAL A CA  1 
ATOM   210  C  C   . VAL A 1 24  ? 3.857   3.652   10.136  1.00 10.26 ? 24   VAL A C   1 
ATOM   211  O  O   . VAL A 1 24  ? 4.319   3.141   11.161  1.00 9.72  ? 24   VAL A O   1 
ATOM   212  C  CB  . VAL A 1 24  ? 1.732   2.851   9.074   1.00 9.84  ? 24   VAL A CB  1 
ATOM   213  C  CG1 . VAL A 1 24  ? 1.119   1.892   8.051   1.00 11.04 ? 24   VAL A CG1 1 
ATOM   214  C  CG2 . VAL A 1 24  ? 1.245   2.533   10.481  1.00 10.82 ? 24   VAL A CG2 1 
ATOM   215  N  N   . PRO A 1 25  ? 3.843   4.980   9.952   1.00 9.98  ? 25   PRO A N   1 
ATOM   216  C  CA  . PRO A 1 25  ? 4.350   5.916   10.960  1.00 10.78 ? 25   PRO A CA  1 
ATOM   217  C  C   . PRO A 1 25  ? 3.282   6.129   12.024  1.00 10.65 ? 25   PRO A C   1 
ATOM   218  O  O   . PRO A 1 25  ? 2.126   5.740   11.849  1.00 10.47 ? 25   PRO A O   1 
ATOM   219  C  CB  . PRO A 1 25  ? 4.608   7.199   10.167  1.00 11.75 ? 25   PRO A CB  1 
ATOM   220  C  CG  . PRO A 1 25  ? 4.532   6.794   8.721   1.00 13.28 ? 25   PRO A CG  1 
ATOM   221  C  CD  . PRO A 1 25  ? 3.522   5.687   8.706   1.00 10.14 ? 25   PRO A CD  1 
ATOM   222  N  N   . LYS A 1 26  ? 3.669   6.783   13.113  1.00 11.02 ? 26   LYS A N   1 
ATOM   223  C  CA  . LYS A 1 26  ? 2.770   7.039   14.230  1.00 10.59 ? 26   LYS A CA  1 
ATOM   224  C  C   . LYS A 1 26  ? 1.422   7.659   13.868  1.00 10.08 ? 26   LYS A C   1 
ATOM   225  O  O   . LYS A 1 26  ? 0.402   7.248   14.406  1.00 10.51 ? 26   LYS A O   1 
ATOM   226  C  CB  . LYS A 1 26  ? 3.480   7.915   15.267  1.00 11.79 ? 26   LYS A CB  1 
ATOM   227  C  CG  . LYS A 1 26  ? 2.702   8.100   16.555  1.00 12.87 ? 26   LYS A CG  1 
ATOM   228  C  CD  . LYS A 1 26  ? 3.578   8.687   17.660  1.00 15.06 ? 26   LYS A CD  1 
ATOM   229  C  CE  . LYS A 1 26  ? 4.055   10.091  17.337  1.00 17.69 ? 26   LYS A CE  1 
ATOM   230  N  NZ  . LYS A 1 26  ? 2.948   11.083  17.307  1.00 20.82 ? 26   LYS A NZ  1 
ATOM   231  N  N   . LYS A 1 27  ? 1.412   8.640   12.970  1.00 11.44 ? 27   LYS A N   1 
ATOM   232  C  CA  . LYS A 1 27  ? 0.151   9.288   12.609  1.00 11.56 ? 27   LYS A CA  1 
ATOM   233  C  C   . LYS A 1 27  ? -0.873  8.338   11.991  1.00 11.81 ? 27   LYS A C   1 
ATOM   234  O  O   . LYS A 1 27  ? -2.063  8.659   11.940  1.00 12.86 ? 27   LYS A O   1 
ATOM   235  C  CB  . LYS A 1 27  ? 0.395   10.469  11.662  1.00 14.18 ? 27   LYS A CB  1 
ATOM   236  C  CG  . LYS A 1 27  ? 0.902   10.091  10.280  1.00 14.74 ? 27   LYS A CG  1 
ATOM   237  C  CD  . LYS A 1 27  ? 0.871   11.270  9.307   1.00 19.74 ? 27   LYS A CD  1 
ATOM   238  C  CE  . LYS A 1 27  ? 1.583   12.497  9.866   1.00 20.26 ? 27   LYS A CE  1 
ATOM   239  N  NZ  . LYS A 1 27  ? 2.907   12.161  10.465  1.00 24.51 ? 27   LYS A NZ  1 
ATOM   240  N  N   . HIS A 1 28  ? -0.422  7.170   11.539  1.00 11.94 ? 28   HIS A N   1 
ATOM   241  C  CA  . HIS A 1 28  ? -1.321  6.197   10.925  1.00 12.12 ? 28   HIS A CA  1 
ATOM   242  C  C   . HIS A 1 28  ? -1.463  4.904   11.721  1.00 12.11 ? 28   HIS A C   1 
ATOM   243  O  O   . HIS A 1 28  ? -2.093  3.941   11.266  1.00 12.06 ? 28   HIS A O   1 
ATOM   244  C  CB  . HIS A 1 28  ? -0.856  5.911   9.497   1.00 13.72 ? 28   HIS A CB  1 
ATOM   245  C  CG  . HIS A 1 28  ? -0.945  7.106   8.602   1.00 12.55 ? 28   HIS A CG  1 
ATOM   246  N  ND1 . HIS A 1 28  ? 0.116   7.566   7.854   1.00 16.55 ? 28   HIS A ND1 1 
ATOM   247  C  CD2 . HIS A 1 28  ? -1.971  7.957   8.365   1.00 15.15 ? 28   HIS A CD2 1 
ATOM   248  C  CE1 . HIS A 1 28  ? -0.253  8.651   7.195   1.00 15.94 ? 28   HIS A CE1 1 
ATOM   249  N  NE2 . HIS A 1 28  ? -1.514  8.908   7.489   1.00 17.39 ? 28   HIS A NE2 1 
ATOM   250  N  N   . LYS A 1 29  ? -0.902  4.904   12.925  1.00 12.51 ? 29   LYS A N   1 
ATOM   251  C  CA  . LYS A 1 29  ? -0.956  3.749   13.812  1.00 13.45 ? 29   LYS A CA  1 
ATOM   252  C  C   . LYS A 1 29  ? -2.397  3.380   14.162  1.00 13.67 ? 29   LYS A C   1 
ATOM   253  O  O   . LYS A 1 29  ? -2.729  2.205   14.306  1.00 13.93 ? 29   LYS A O   1 
ATOM   254  C  CB  . LYS A 1 29  ? -0.175  4.057   15.092  1.00 13.89 ? 29   LYS A CB  1 
ATOM   255  C  CG  . LYS A 1 29  ? -0.253  2.989   16.166  1.00 16.25 ? 29   LYS A CG  1 
ATOM   256  C  CD  . LYS A 1 29  ? 0.664   3.347   17.333  1.00 18.79 ? 29   LYS A CD  1 
ATOM   257  C  CE  . LYS A 1 29  ? 0.572   2.319   18.447  1.00 21.14 ? 29   LYS A CE  1 
ATOM   258  N  NZ  . LYS A 1 29  ? -0.813  2.218   18.986  1.00 24.23 ? 29   LYS A NZ  1 
ATOM   259  N  N   . ASN A 1 30  ? -3.251  4.390   14.304  1.00 14.50 ? 30   ASN A N   1 
ATOM   260  C  CA  . ASN A 1 30  ? -4.643  4.139   14.641  1.00 15.43 ? 30   ASN A CA  1 
ATOM   261  C  C   . ASN A 1 30  ? -5.332  3.323   13.551  1.00 15.18 ? 30   ASN A C   1 
ATOM   262  O  O   . ASN A 1 30  ? -6.122  2.431   13.837  1.00 15.41 ? 30   ASN A O   1 
ATOM   263  C  CB  . ASN A 1 30  ? -5.396  5.452   14.850  1.00 18.98 ? 30   ASN A CB  1 
ATOM   264  C  CG  . ASN A 1 30  ? -6.817  5.229   15.323  1.00 21.48 ? 30   ASN A CG  1 
ATOM   265  O  OD1 . ASN A 1 30  ? -7.047  4.819   16.460  1.00 24.50 ? 30   ASN A OD1 1 
ATOM   266  N  ND2 . ASN A 1 30  ? -7.782  5.483   14.445  1.00 23.28 ? 30   ASN A ND2 1 
ATOM   267  N  N   . THR A 1 31  ? -5.038  3.633   12.297  1.00 13.71 ? 31   THR A N   1 
ATOM   268  C  CA  . THR A 1 31  ? -5.641  2.896   11.196  1.00 13.78 ? 31   THR A CA  1 
ATOM   269  C  C   . THR A 1 31  ? -5.115  1.462   11.187  1.00 14.22 ? 31   THR A C   1 
ATOM   270  O  O   . THR A 1 31  ? -5.881  0.507   11.056  1.00 14.64 ? 31   THR A O   1 
ATOM   271  C  CB  . THR A 1 31  ? -5.339  3.580   9.850   1.00 13.51 ? 31   THR A CB  1 
ATOM   272  O  OG1 . THR A 1 31  ? -5.920  4.890   9.849   1.00 14.98 ? 31   THR A OG1 1 
ATOM   273  C  CG2 . THR A 1 31  ? -5.914  2.774   8.690   1.00 14.06 ? 31   THR A CG2 1 
ATOM   274  N  N   . LEU A 1 32  ? -3.806  1.305   11.349  1.00 13.75 ? 32   LEU A N   1 
ATOM   275  C  CA  . LEU A 1 32  ? -3.218  -0.027  11.349  1.00 14.02 ? 32   LEU A CA  1 
ATOM   276  C  C   . LEU A 1 32  ? -3.746  -0.893  12.489  1.00 14.42 ? 32   LEU A C   1 
ATOM   277  O  O   . LEU A 1 32  ? -3.809  -2.118  12.370  1.00 14.09 ? 32   LEU A O   1 
ATOM   278  C  CB  . LEU A 1 32  ? -1.696  0.059   11.458  1.00 14.73 ? 32   LEU A CB  1 
ATOM   279  C  CG  . LEU A 1 32  ? -0.993  -1.258  11.124  1.00 16.60 ? 32   LEU A CG  1 
ATOM   280  C  CD1 . LEU A 1 32  ? -0.429  -1.197  9.711   1.00 19.39 ? 32   LEU A CD1 1 
ATOM   281  C  CD2 . LEU A 1 32  ? 0.111   -1.516  12.125  1.00 18.35 ? 32   LEU A CD2 1 
ATOM   282  N  N   . SER A 1 33  ? -4.130  -0.255  13.591  1.00 14.81 ? 33   SER A N   1 
ATOM   283  C  CA  . SER A 1 33  ? -4.627  -0.988  14.750  1.00 15.68 ? 33   SER A CA  1 
ATOM   284  C  C   . SER A 1 33  ? -5.908  -1.758  14.457  1.00 17.33 ? 33   SER A C   1 
ATOM   285  O  O   . SER A 1 33  ? -6.298  -2.635  15.227  1.00 18.08 ? 33   SER A O   1 
ATOM   286  C  CB  . SER A 1 33  ? -4.856  -0.037  15.932  1.00 15.97 ? 33   SER A CB  1 
ATOM   287  O  OG  . SER A 1 33  ? -6.029  0.740   15.764  1.00 17.16 ? 33   SER A OG  1 
ATOM   288  N  N   . ARG A 1 34  ? -6.561  -1.437  13.344  1.00 17.06 ? 34   ARG A N   1 
ATOM   289  C  CA  . ARG A 1 34  ? -7.801  -2.093  12.946  1.00 17.65 ? 34   ARG A CA  1 
ATOM   290  C  C   . ARG A 1 34  ? -7.533  -3.358  12.127  1.00 17.22 ? 34   ARG A C   1 
ATOM   291  O  O   . ARG A 1 34  ? -8.405  -4.192  11.920  1.00 18.02 ? 34   ARG A O   1 
ATOM   292  C  CB  . ARG A 1 34  ? -8.622  -1.101  12.121  1.00 19.91 ? 34   ARG A CB  1 
ATOM   293  C  CG  . ARG A 1 34  ? -8.778  0.249   12.820  1.00 24.99 ? 34   ARG A CG  1 
ATOM   294  C  CD  . ARG A 1 34  ? -10.165 0.861   12.590  1.00 28.16 ? 34   ARG A CD  1 
ATOM   295  N  NE  . ARG A 1 34  ? -10.484 0.890   11.160  1.00 29.80 ? 34   ARG A NE  1 
ATOM   296  C  CZ  . ARG A 1 34  ? -10.158 2.002   10.477  1.00 31.60 ? 34   ARG A CZ  1 
ATOM   297  N  NH1 . ARG A 1 34  ? -9.565  3.010   11.093  1.00 32.65 ? 34   ARG A NH1 1 
ATOM   298  N  NH2 . ARG A 1 34  ? -10.433 2.081   9.171   1.00 32.05 ? 34   ARG A NH2 1 
ATOM   299  N  N   . VAL A 1 35  ? -6.311  -3.478  11.622  1.00 15.68 ? 35   VAL A N   1 
ATOM   300  C  CA  . VAL A 1 35  ? -5.936  -4.607  10.773  1.00 15.76 ? 35   VAL A CA  1 
ATOM   301  C  C   . VAL A 1 35  ? -5.853  -5.913  11.564  1.00 16.77 ? 35   VAL A C   1 
ATOM   302  O  O   . VAL A 1 35  ? -5.331  -5.942  12.678  1.00 18.55 ? 35   VAL A O   1 
ATOM   303  C  CB  . VAL A 1 35  ? -4.581  -4.336  10.082  1.00 14.74 ? 35   VAL A CB  1 
ATOM   304  C  CG1 . VAL A 1 35  ? -4.179  -5.525  9.221   1.00 15.80 ? 35   VAL A CG1 1 
ATOM   305  C  CG2 . VAL A 1 35  ? -4.688  -3.083  9.225   1.00 15.02 ? 35   VAL A CG2 1 
ATOM   306  N  N   . LYS A 1 36  ? -6.361  -6.989  10.969  1.00 16.58 ? 36   LYS A N   1 
ATOM   307  C  CA  . LYS A 1 36  ? -6.368  -8.303  11.609  1.00 16.84 ? 36   LYS A CA  1 
ATOM   308  C  C   . LYS A 1 36  ? -5.827  -9.397  10.690  1.00 16.47 ? 36   LYS A C   1 
ATOM   309  O  O   . LYS A 1 36  ? -5.867  -9.267  9.465   1.00 15.09 ? 36   LYS A O   1 
ATOM   310  C  CB  . LYS A 1 36  ? -7.799  -8.683  12.006  1.00 19.26 ? 36   LYS A CB  1 
ATOM   311  C  CG  . LYS A 1 36  ? -8.430  -7.827  13.095  1.00 22.35 ? 36   LYS A CG  1 
ATOM   312  C  CD  . LYS A 1 36  ? -7.987  -8.274  14.480  1.00 25.22 ? 36   LYS A CD  1 
ATOM   313  C  CE  . LYS A 1 36  ? -8.813  -7.603  15.571  1.00 27.84 ? 36   LYS A CE  1 
ATOM   314  N  NZ  . LYS A 1 36  ? -8.724  -6.119  15.526  1.00 30.23 ? 36   LYS A NZ  1 
ATOM   315  N  N   . PRO A 1 37  ? -5.307  -10.491 11.275  1.00 15.72 ? 37   PRO A N   1 
ATOM   316  C  CA  . PRO A 1 37  ? -4.781  -11.592 10.465  1.00 16.42 ? 37   PRO A CA  1 
ATOM   317  C  C   . PRO A 1 37  ? -5.893  -12.056 9.528   1.00 15.79 ? 37   PRO A C   1 
ATOM   318  O  O   . PRO A 1 37  ? -7.051  -12.160 9.938   1.00 17.03 ? 37   PRO A O   1 
ATOM   319  C  CB  . PRO A 1 37  ? -4.428  -12.647 11.509  1.00 16.88 ? 37   PRO A CB  1 
ATOM   320  C  CG  . PRO A 1 37  ? -3.987  -11.810 12.670  1.00 17.47 ? 37   PRO A CG  1 
ATOM   321  C  CD  . PRO A 1 37  ? -5.032  -10.715 12.706  1.00 18.23 ? 37   PRO A CD  1 
ATOM   322  N  N   . GLY A 1 38  ? -5.549  -12.326 8.276   1.00 14.73 ? 38   GLY A N   1 
ATOM   323  C  CA  . GLY A 1 38  ? -6.556  -12.758 7.328   1.00 13.88 ? 38   GLY A CA  1 
ATOM   324  C  C   . GLY A 1 38  ? -6.919  -11.631 6.385   1.00 13.14 ? 38   GLY A C   1 
ATOM   325  O  O   . GLY A 1 38  ? -7.365  -11.879 5.264   1.00 14.42 ? 38   GLY A O   1 
ATOM   326  N  N   . ASP A 1 39  ? -6.742  -10.391 6.839   1.00 12.88 ? 39   ASP A N   1 
ATOM   327  C  CA  . ASP A 1 39  ? -7.035  -9.230  6.003   1.00 13.62 ? 39   ASP A CA  1 
ATOM   328  C  C   . ASP A 1 39  ? -6.156  -9.259  4.753   1.00 12.41 ? 39   ASP A C   1 
ATOM   329  O  O   . ASP A 1 39  ? -5.070  -9.840  4.759   1.00 14.02 ? 39   ASP A O   1 
ATOM   330  C  CB  . ASP A 1 39  ? -6.766  -7.921  6.759   1.00 13.91 ? 39   ASP A CB  1 
ATOM   331  C  CG  . ASP A 1 39  ? -7.845  -7.587  7.776   1.00 15.35 ? 39   ASP A CG  1 
ATOM   332  O  OD1 . ASP A 1 39  ? -8.813  -8.366  7.917   1.00 16.25 ? 39   ASP A OD1 1 
ATOM   333  O  OD2 . ASP A 1 39  ? -7.717  -6.532  8.433   1.00 15.50 ? 39   ASP A OD2 1 
ATOM   334  N  N   . LYS A 1 40  ? -6.630  -8.626  3.685   1.00 12.33 ? 40   LYS A N   1 
ATOM   335  C  CA  . LYS A 1 40  ? -5.883  -8.562  2.434   1.00 13.55 ? 40   LYS A CA  1 
ATOM   336  C  C   . LYS A 1 40  ? -5.373  -7.147  2.218   1.00 12.72 ? 40   LYS A C   1 
ATOM   337  O  O   . LYS A 1 40  ? -6.088  -6.179  2.482   1.00 13.08 ? 40   LYS A O   1 
ATOM   338  C  CB  . LYS A 1 40  ? -6.773  -8.945  1.250   1.00 16.16 ? 40   LYS A CB  1 
ATOM   339  C  CG  . LYS A 1 40  ? -7.405  -10.320 1.337   1.00 20.14 ? 40   LYS A CG  1 
ATOM   340  C  CD  . LYS A 1 40  ? -6.360  -11.416 1.383   1.00 22.06 ? 40   LYS A CD  1 
ATOM   341  C  CE  . LYS A 1 40  ? -6.978  -12.773 1.064   1.00 25.51 ? 40   LYS A CE  1 
ATOM   342  N  NZ  . LYS A 1 40  ? -7.617  -13.397 2.257   1.00 27.70 ? 40   LYS A NZ  1 
ATOM   343  N  N   . LEU A 1 41  ? -4.141  -7.042  1.727   1.00 11.26 ? 41   LEU A N   1 
ATOM   344  C  CA  . LEU A 1 41  ? -3.508  -5.755  1.460   1.00 11.02 ? 41   LEU A CA  1 
ATOM   345  C  C   . LEU A 1 41  ? -3.177  -5.635  -0.021  1.00 11.04 ? 41   LEU A C   1 
ATOM   346  O  O   . LEU A 1 41  ? -2.474  -6.478  -0.576  1.00 12.75 ? 41   LEU A O   1 
ATOM   347  C  CB  . LEU A 1 41  ? -2.195  -5.624  2.244   1.00 11.83 ? 41   LEU A CB  1 
ATOM   348  C  CG  . LEU A 1 41  ? -2.187  -5.863  3.756   1.00 11.40 ? 41   LEU A CG  1 
ATOM   349  C  CD1 . LEU A 1 41  ? -0.784  -5.595  4.289   1.00 11.86 ? 41   LEU A CD1 1 
ATOM   350  C  CD2 . LEU A 1 41  ? -3.204  -4.955  4.445   1.00 12.08 ? 41   LEU A CD2 1 
ATOM   351  N  N   . VAL A 1 42  ? -3.697  -4.594  -0.658  1.00 9.88  ? 42   VAL A N   1 
ATOM   352  C  CA  . VAL A 1 42  ? -3.396  -4.332  -2.061  1.00 10.56 ? 42   VAL A CA  1 
ATOM   353  C  C   . VAL A 1 42  ? -2.242  -3.334  -1.995  1.00 9.78  ? 42   VAL A C   1 
ATOM   354  O  O   . VAL A 1 42  ? -2.378  -2.269  -1.393  1.00 9.58  ? 42   VAL A O   1 
ATOM   355  C  CB  . VAL A 1 42  ? -4.585  -3.679  -2.781  1.00 10.81 ? 42   VAL A CB  1 
ATOM   356  C  CG1 . VAL A 1 42  ? -4.165  -3.242  -4.180  1.00 11.47 ? 42   VAL A CG1 1 
ATOM   357  C  CG2 . VAL A 1 42  ? -5.740  -4.668  -2.856  1.00 10.83 ? 42   VAL A CG2 1 
ATOM   358  N  N   . ILE A 1 43  ? -1.106  -3.676  -2.595  1.00 9.05  ? 43   ILE A N   1 
ATOM   359  C  CA  . ILE A 1 43  ? 0.056   -2.792  -2.557  1.00 8.79  ? 43   ILE A CA  1 
ATOM   360  C  C   . ILE A 1 43  ? 0.108   -1.872  -3.773  1.00 8.25  ? 43   ILE A C   1 
ATOM   361  O  O   . ILE A 1 43  ? 0.101   -2.322  -4.926  1.00 10.50 ? 43   ILE A O   1 
ATOM   362  C  CB  . ILE A 1 43  ? 1.369   -3.593  -2.480  1.00 8.61  ? 43   ILE A CB  1 
ATOM   363  C  CG1 . ILE A 1 43  ? 1.278   -4.655  -1.375  1.00 10.44 ? 43   ILE A CG1 1 
ATOM   364  C  CG2 . ILE A 1 43  ? 2.533   -2.651  -2.205  1.00 10.36 ? 43   ILE A CG2 1 
ATOM   365  C  CD1 . ILE A 1 43  ? 0.947   -4.113  0.006   1.00 11.15 ? 43   ILE A CD1 1 
ATOM   366  N  N   . TYR A 1 44  ? 0.196   -0.579  -3.487  1.00 9.04  ? 44   TYR A N   1 
ATOM   367  C  CA  . TYR A 1 44  ? 0.220   0.475   -4.495  1.00 8.92  ? 44   TYR A CA  1 
ATOM   368  C  C   . TYR A 1 44  ? 1.488   1.305   -4.408  1.00 8.79  ? 44   TYR A C   1 
ATOM   369  O  O   . TYR A 1 44  ? 1.936   1.630   -3.308  1.00 9.51  ? 44   TYR A O   1 
ATOM   370  C  CB  . TYR A 1 44  ? -1.005  1.378   -4.278  1.00 9.95  ? 44   TYR A CB  1 
ATOM   371  C  CG  . TYR A 1 44  ? -0.961  2.755   -4.915  1.00 9.88  ? 44   TYR A CG  1 
ATOM   372  C  CD1 . TYR A 1 44  ? -0.287  3.821   -4.302  1.00 9.89  ? 44   TYR A CD1 1 
ATOM   373  C  CD2 . TYR A 1 44  ? -1.639  3.006   -6.106  1.00 10.71 ? 44   TYR A CD2 1 
ATOM   374  C  CE1 . TYR A 1 44  ? -0.302  5.101   -4.861  1.00 10.89 ? 44   TYR A CE1 1 
ATOM   375  C  CE2 . TYR A 1 44  ? -1.662  4.278   -6.671  1.00 11.19 ? 44   TYR A CE2 1 
ATOM   376  C  CZ  . TYR A 1 44  ? -0.995  5.319   -6.044  1.00 10.20 ? 44   TYR A CZ  1 
ATOM   377  O  OH  . TYR A 1 44  ? -1.047  6.585   -6.586  1.00 11.43 ? 44   TYR A OH  1 
ATOM   378  N  N   . VAL A 1 45  ? 2.073   1.634   -5.557  1.00 9.47  ? 45   VAL A N   1 
ATOM   379  C  CA  . VAL A 1 45  ? 3.217   2.542   -5.586  1.00 11.26 ? 45   VAL A CA  1 
ATOM   380  C  C   . VAL A 1 45  ? 2.871   3.849   -6.296  1.00 11.37 ? 45   VAL A C   1 
ATOM   381  O  O   . VAL A 1 45  ? 2.249   3.880   -7.346  1.00 10.94 ? 45   VAL A O   1 
ATOM   382  C  CB  . VAL A 1 45  ? 4.401   1.867   -6.284  1.00 11.91 ? 45   VAL A CB  1 
ATOM   383  C  CG1 . VAL A 1 45  ? 4.860   0.635   -5.501  1.00 13.10 ? 45   VAL A CG1 1 
ATOM   384  C  CG2 . VAL A 1 45  ? 4.029   1.464   -7.697  1.00 13.78 ? 45   VAL A CG2 1 
ATOM   385  N  N   . ARG A 1 46  ? 3.260   4.948   -5.643  1.00 11.35 ? 46   ARG A N   1 
ATOM   386  C  CA  . ARG A 1 46  ? 2.899   6.257   -6.170  1.00 11.95 ? 46   ARG A CA  1 
ATOM   387  C  C   . ARG A 1 46  ? 3.686   6.577   -7.440  1.00 11.94 ? 46   ARG A C   1 
ATOM   388  O  O   . ARG A 1 46  ? 4.588   5.855   -7.842  1.00 12.43 ? 46   ARG A O   1 
ATOM   389  C  CB  . ARG A 1 46  ? 3.198   7.302   -5.095  1.00 14.64 ? 46   ARG A CB  1 
ATOM   390  C  CG  . ARG A 1 46  ? 4.698   7.519   -4.897  1.00 19.46 ? 46   ARG A CG  1 
ATOM   391  C  CD  . ARG A 1 46  ? 4.993   8.757   -4.042  1.00 23.50 ? 46   ARG A CD  1 
ATOM   392  N  NE  . ARG A 1 46  ? 5.472   9.860   -4.880  1.00 28.91 ? 46   ARG A NE  1 
ATOM   393  C  CZ  . ARG A 1 46  ? 6.798   10.089  -4.902  1.00 29.99 ? 46   ARG A CZ  1 
ATOM   394  N  NH1 . ARG A 1 46  ? 7.615   9.329   -4.193  1.00 32.28 ? 46   ARG A NH1 1 
ATOM   395  N  NH2 . ARG A 1 46  ? 7.284   11.089  -5.643  1.00 31.68 ? 46   ARG A NH2 1 
ATOM   396  N  N   . GLN A 1 47  ? 3.276   7.683   -8.083  1.00 12.26 ? 47   GLN A N   1 
ATOM   397  C  CA  . GLN A 1 47  ? 4.047   8.176   -9.214  1.00 12.72 ? 47   GLN A CA  1 
ATOM   398  C  C   . GLN A 1 47  ? 5.437   8.656   -8.784  1.00 12.13 ? 47   GLN A C   1 
ATOM   399  O  O   . GLN A 1 47  ? 5.622   9.375   -7.805  1.00 13.88 ? 47   GLN A O   1 
ATOM   400  C  CB  . GLN A 1 47  ? 3.264   9.319   -9.861  1.00 14.18 ? 47   GLN A CB  1 
ATOM   401  C  CG  . GLN A 1 47  ? 3.967   9.891   -11.090 1.00 16.79 ? 47   GLN A CG  1 
ATOM   402  C  CD  . GLN A 1 47  ? 3.032   10.833  -11.814 1.00 21.04 ? 47   GLN A CD  1 
ATOM   403  O  OE1 . GLN A 1 47  ? 2.098   10.445  -12.493 1.00 24.75 ? 47   GLN A OE1 1 
ATOM   404  N  NE2 . GLN A 1 47  ? 3.347   12.139  -11.673 1.00 22.38 ? 47   GLN A NE2 1 
ATOM   405  N  N   . GLU A 1 48  ? 6.442   8.179   -9.533  1.00 12.66 ? 48   GLU A N   1 
ATOM   406  C  CA  . GLU A 1 48  ? 7.804   8.616   -9.273  1.00 13.19 ? 48   GLU A CA  1 
ATOM   407  C  C   . GLU A 1 48  ? 8.535   8.970   -10.572 1.00 13.73 ? 48   GLU A C   1 
ATOM   408  O  O   . GLU A 1 48  ? 7.999   8.884   -11.672 1.00 13.95 ? 48   GLU A O   1 
ATOM   409  C  CB  . GLU A 1 48  ? 8.542   7.479   -8.555  1.00 12.85 ? 48   GLU A CB  1 
ATOM   410  C  CG  . GLU A 1 48  ? 7.937   7.158   -7.188  1.00 13.06 ? 48   GLU A CG  1 
ATOM   411  C  CD  . GLU A 1 48  ? 8.750   6.074   -6.515  1.00 14.59 ? 48   GLU A CD  1 
ATOM   412  O  OE1 . GLU A 1 48  ? 9.799   6.384   -5.965  1.00 18.17 ? 48   GLU A OE1 1 
ATOM   413  O  OE2 . GLU A 1 48  ? 8.318   4.921   -6.540  1.00 14.19 ? 48   GLU A OE2 1 
ATOM   414  N  N   . LYS A 1 49  ? 9.792   9.432   -10.405 1.00 14.77 ? 49   LYS A N   1 
ATOM   415  C  CA  . LYS A 1 49  ? 10.636  9.688   -11.561 1.00 16.47 ? 49   LYS A CA  1 
ATOM   416  C  C   . LYS A 1 49  ? 11.940  8.897   -11.466 1.00 16.56 ? 49   LYS A C   1 
ATOM   417  O  O   . LYS A 1 49  ? 12.537  8.776   -10.404 1.00 18.47 ? 49   LYS A O   1 
ATOM   418  C  CB  . LYS A 1 49  ? 10.954  11.178  -11.605 1.00 19.56 ? 49   LYS A CB  1 
ATOM   419  C  CG  . LYS A 1 49  ? 9.895   11.993  -12.341 1.00 22.81 ? 49   LYS A CG  1 
ATOM   420  C  CD  . LYS A 1 49  ? 10.460  13.351  -12.744 1.00 24.76 ? 49   LYS A CD  1 
ATOM   421  C  CE  . LYS A 1 49  ? 9.478   14.502  -12.531 1.00 26.98 ? 49   LYS A CE  1 
ATOM   422  N  NZ  . LYS A 1 49  ? 9.802   15.584  -13.463 1.00 26.75 ? 49   LYS A NZ  1 
ATOM   423  N  N   . ASP A 1 50  ? 12.463  8.337   -12.551 1.00 16.52 ? 50   ASP A N   1 
ATOM   424  C  CA  . ASP A 1 50  ? 13.735  7.644   -12.418 1.00 17.23 ? 50   ASP A CA  1 
ATOM   425  C  C   . ASP A 1 50  ? 14.855  8.677   -12.452 1.00 17.79 ? 50   ASP A C   1 
ATOM   426  O  O   . ASP A 1 50  ? 14.600  9.877   -12.599 1.00 17.29 ? 50   ASP A O   1 
ATOM   427  C  CB  . ASP A 1 50  ? 13.924  6.556   -13.495 1.00 18.39 ? 50   ASP A CB  1 
ATOM   428  C  CG  . ASP A 1 50  ? 14.094  7.112   -14.900 1.00 18.10 ? 50   ASP A CG  1 
ATOM   429  O  OD1 . ASP A 1 50  ? 14.289  8.329   -15.070 1.00 17.34 ? 50   ASP A OD1 1 
ATOM   430  O  OD2 . ASP A 1 50  ? 14.051  6.299   -15.852 1.00 20.55 ? 50   ASP A OD2 1 
ATOM   431  N  N   . LYS A 1 51  ? 16.088  8.211   -12.295 1.00 18.17 ? 51   LYS A N   1 
ATOM   432  C  CA  . LYS A 1 51  ? 17.249  9.091   -12.273 1.00 18.39 ? 51   LYS A CA  1 
ATOM   433  C  C   . LYS A 1 51  ? 17.383  9.962   -13.515 1.00 17.44 ? 51   LYS A C   1 
ATOM   434  O  O   . LYS A 1 51  ? 17.926  11.063  -13.450 1.00 17.66 ? 51   LYS A O   1 
ATOM   435  C  CB  . LYS A 1 51  ? 18.516  8.256   -12.071 1.00 19.83 ? 51   LYS A CB  1 
ATOM   436  C  CG  . LYS A 1 51  ? 19.794  9.061   -11.894 1.00 21.15 ? 51   LYS A CG  1 
ATOM   437  C  CD  . LYS A 1 51  ? 20.847  8.253   -11.135 1.00 22.68 ? 51   LYS A CD  1 
ATOM   438  C  CE  . LYS A 1 51  ? 21.157  6.919   -11.808 1.00 23.00 ? 51   LYS A CE  1 
ATOM   439  N  NZ  . LYS A 1 51  ? 21.654  7.081   -13.204 1.00 25.68 ? 51   LYS A NZ  1 
ATOM   440  N  N   . GLU A 1 52  ? 16.881  9.476   -14.645 1.00 16.89 ? 52   GLU A N   1 
ATOM   441  C  CA  . GLU A 1 52  ? 16.966  10.237  -15.884 1.00 17.33 ? 52   GLU A CA  1 
ATOM   442  C  C   . GLU A 1 52  ? 15.771  11.157  -16.111 1.00 17.78 ? 52   GLU A C   1 
ATOM   443  O  O   . GLU A 1 52  ? 15.666  11.797  -17.161 1.00 19.71 ? 52   GLU A O   1 
ATOM   444  C  CB  . GLU A 1 52  ? 17.144  9.290   -17.070 1.00 17.30 ? 52   GLU A CB  1 
ATOM   445  C  CG  . GLU A 1 52  ? 18.566  8.761   -17.226 1.00 16.99 ? 52   GLU A CG  1 
ATOM   446  C  CD  . GLU A 1 52  ? 19.038  7.957   -16.027 1.00 17.09 ? 52   GLU A CD  1 
ATOM   447  O  OE1 . GLU A 1 52  ? 18.433  6.905   -15.736 1.00 17.80 ? 52   GLU A OE1 1 
ATOM   448  O  OE2 . GLU A 1 52  ? 20.017  8.381   -15.373 1.00 18.08 ? 52   GLU A OE2 1 
ATOM   449  N  N   . GLY A 1 53  ? 14.878  11.223  -15.129 1.00 16.61 ? 53   GLY A N   1 
ATOM   450  C  CA  . GLY A 1 53  ? 13.722  12.095  -15.234 1.00 17.19 ? 53   GLY A CA  1 
ATOM   451  C  C   . GLY A 1 53  ? 12.493  11.509  -15.908 1.00 16.54 ? 53   GLY A C   1 
ATOM   452  O  O   . GLY A 1 53  ? 11.543  12.240  -16.191 1.00 18.93 ? 53   GLY A O   1 
ATOM   453  N  N   . ASN A 1 54  ? 12.502  10.205  -16.168 1.00 16.42 ? 54   ASN A N   1 
ATOM   454  C  CA  . ASN A 1 54  ? 11.360  9.555   -16.809 1.00 16.02 ? 54   ASN A CA  1 
ATOM   455  C  C   . ASN A 1 54  ? 10.285  9.261   -15.777 1.00 16.72 ? 54   ASN A C   1 
ATOM   456  O  O   . ASN A 1 54  ? 10.572  8.743   -14.704 1.00 15.38 ? 54   ASN A O   1 
ATOM   457  C  CB  . ASN A 1 54  ? 11.792  8.256   -17.488 1.00 17.55 ? 54   ASN A CB  1 
ATOM   458  C  CG  . ASN A 1 54  ? 12.763  8.496   -18.622 1.00 18.70 ? 54   ASN A CG  1 
ATOM   459  O  OD1 . ASN A 1 54  ? 12.413  9.105   -19.634 1.00 20.26 ? 54   ASN A OD1 1 
ATOM   460  N  ND2 . ASN A 1 54  ? 13.993  8.027   -18.456 1.00 18.21 ? 54   ASN A ND2 1 
ATOM   461  N  N   . LEU A 1 55  ? 9.043   9.586   -16.119 1.00 16.41 ? 55   LEU A N   1 
ATOM   462  C  CA  . LEU A 1 55  ? 7.925   9.386   -15.212 1.00 17.38 ? 55   LEU A CA  1 
ATOM   463  C  C   . LEU A 1 55  ? 7.534   7.919   -15.059 1.00 16.49 ? 55   LEU A C   1 
ATOM   464  O  O   . LEU A 1 55  ? 7.379   7.194   -16.042 1.00 17.58 ? 55   LEU A O   1 
ATOM   465  C  CB  . LEU A 1 55  ? 6.724   10.201  -15.698 1.00 19.28 ? 55   LEU A CB  1 
ATOM   466  C  CG  . LEU A 1 55  ? 5.666   10.560  -14.654 1.00 20.78 ? 55   LEU A CG  1 
ATOM   467  C  CD1 . LEU A 1 55  ? 6.279   11.470  -13.601 1.00 21.84 ? 55   LEU A CD1 1 
ATOM   468  C  CD2 . LEU A 1 55  ? 4.493   11.258  -15.329 1.00 21.97 ? 55   LEU A CD2 1 
ATOM   469  N  N   . LEU A 1 56  ? 7.391   7.493   -13.808 1.00 14.99 ? 56   LEU A N   1 
ATOM   470  C  CA  . LEU A 1 56  ? 6.996   6.130   -13.479 1.00 15.08 ? 56   LEU A CA  1 
ATOM   471  C  C   . LEU A 1 56  ? 5.588   6.235   -12.903 1.00 14.63 ? 56   LEU A C   1 
ATOM   472  O  O   . LEU A 1 56  ? 5.391   6.719   -11.790 1.00 14.72 ? 56   LEU A O   1 
ATOM   473  C  CB  . LEU A 1 56  ? 7.968   5.534   -12.454 1.00 14.89 ? 56   LEU A CB  1 
ATOM   474  C  CG  . LEU A 1 56  ? 9.440   5.573   -12.889 1.00 15.78 ? 56   LEU A CG  1 
ATOM   475  C  CD1 . LEU A 1 56  ? 10.324  4.961   -11.806 1.00 16.33 ? 56   LEU A CD1 1 
ATOM   476  C  CD2 . LEU A 1 56  ? 9.611   4.828   -14.204 1.00 16.94 ? 56   LEU A CD2 1 
ATOM   477  N  N   . GLU A 1 57  ? 4.616   5.788   -13.690 1.00 16.16 ? 57   GLU A N   1 
ATOM   478  C  CA  . GLU A 1 57  ? 3.192   5.919   -13.351 1.00 16.08 ? 57   GLU A CA  1 
ATOM   479  C  C   . GLU A 1 57  ? 2.833   5.118   -12.091 1.00 14.14 ? 57   GLU A C   1 
ATOM   480  O  O   . GLU A 1 57  ? 3.480   4.130   -11.749 1.00 14.27 ? 57   GLU A O   1 
ATOM   481  C  CB  . GLU A 1 57  ? 2.362   5.386   -14.521 1.00 19.99 ? 57   GLU A CB  1 
ATOM   482  C  CG  . GLU A 1 57  ? 2.592   6.164   -15.815 1.00 25.07 ? 57   GLU A CG  1 
ATOM   483  C  CD  . GLU A 1 57  ? 2.099   7.580   -15.649 1.00 28.27 ? 57   GLU A CD  1 
ATOM   484  O  OE1 . GLU A 1 57  ? 1.117   7.774   -14.942 1.00 31.28 ? 57   GLU A OE1 1 
ATOM   485  O  OE2 . GLU A 1 57  ? 2.702   8.484   -16.229 1.00 30.81 ? 57   GLU A OE2 1 
ATOM   486  N  N   . PRO A 1 58  ? 1.781   5.592   -11.380 1.00 13.07 ? 58   PRO A N   1 
ATOM   487  C  CA  . PRO A 1 58  ? 1.308   4.863   -10.213 1.00 12.34 ? 58   PRO A CA  1 
ATOM   488  C  C   . PRO A 1 58  ? 0.748   3.497   -10.606 1.00 12.10 ? 58   PRO A C   1 
ATOM   489  O  O   . PRO A 1 58  ? 0.081   3.337   -11.620 1.00 12.72 ? 58   PRO A O   1 
ATOM   490  C  CB  . PRO A 1 58  ? 0.218   5.697   -9.538  1.00 14.30 ? 58   PRO A CB  1 
ATOM   491  C  CG  . PRO A 1 58  ? 0.025   6.977   -10.346 1.00 14.70 ? 58   PRO A CG  1 
ATOM   492  C  CD  . PRO A 1 58  ? 0.815   6.631   -11.692 1.00 13.61 ? 58   PRO A CD  1 
ATOM   493  N  N   . LYS A 1 59  ? 1.109   2.495   -9.783  1.00 11.28 ? 59   LYS A N   1 
ATOM   494  C  CA  . LYS A 1 59  ? 0.776   1.124   -10.144 1.00 14.06 ? 59   LYS A CA  1 
ATOM   495  C  C   . LYS A 1 59  ? 0.330   0.313   -8.929  1.00 11.40 ? 59   LYS A C   1 
ATOM   496  O  O   . LYS A 1 59  ? 0.696   0.581   -7.794  1.00 12.07 ? 59   LYS A O   1 
ATOM   497  C  CB  . LYS A 1 59  ? 2.033   0.469   -10.720 1.00 19.44 ? 59   LYS A CB  1 
ATOM   498  C  CG  . LYS A 1 59  ? 2.469   1.059   -12.061 1.00 22.50 ? 59   LYS A CG  1 
ATOM   499  C  CD  . LYS A 1 59  ? 3.643   0.280   -12.661 1.00 25.73 ? 59   LYS A CD  1 
ATOM   500  C  CE  . LYS A 1 59  ? 4.313   1.016   -13.825 1.00 28.61 ? 59   LYS A CE  1 
ATOM   501  N  NZ  . LYS A 1 59  ? 4.951   0.047   -14.716 1.00 28.85 ? 59   LYS A NZ  1 
ATOM   502  N  N   . ILE A 1 60  ? -0.532  -0.682  -9.203  1.00 10.73 ? 60   ILE A N   1 
ATOM   503  C  CA  . ILE A 1 60  ? -0.731  -1.750  -8.231  1.00 10.70 ? 60   ILE A CA  1 
ATOM   504  C  C   . ILE A 1 60  ? 0.286   -2.865  -8.514  1.00 11.37 ? 60   ILE A C   1 
ATOM   505  O  O   . ILE A 1 60  ? 0.444   -3.308  -9.640  1.00 12.20 ? 60   ILE A O   1 
ATOM   506  C  CB  . ILE A 1 60  ? -2.155  -2.285  -8.415  1.00 11.98 ? 60   ILE A CB  1 
ATOM   507  C  CG1 . ILE A 1 60  ? -3.178  -1.183  -8.115  1.00 15.28 ? 60   ILE A CG1 1 
ATOM   508  C  CG2 . ILE A 1 60  ? -2.412  -3.456  -7.447  1.00 11.77 ? 60   ILE A CG2 1 
ATOM   509  C  CD1 . ILE A 1 60  ? -3.083  -0.673  -6.676  1.00 17.51 ? 60   ILE A CD1 1 
ATOM   510  N  N   . VAL A 1 61  ? 1.032   -3.279  -7.472  1.00 10.10 ? 61   VAL A N   1 
ATOM   511  C  CA  . VAL A 1 61  ? 2.116   -4.226  -7.725  1.00 10.75 ? 61   VAL A CA  1 
ATOM   512  C  C   . VAL A 1 61  ? 1.911   -5.561  -6.998  1.00 11.26 ? 61   VAL A C   1 
ATOM   513  O  O   . VAL A 1 61  ? 2.651   -6.518  -7.177  1.00 11.73 ? 61   VAL A O   1 
ATOM   514  C  CB  . VAL A 1 61  ? 3.429   -3.574  -7.285  1.00 10.78 ? 61   VAL A CB  1 
ATOM   515  C  CG1 . VAL A 1 61  ? 3.814   -2.446  -8.246  1.00 11.97 ? 61   VAL A CG1 1 
ATOM   516  C  CG2 . VAL A 1 61  ? 3.303   -3.006  -5.882  1.00 11.40 ? 61   VAL A CG2 1 
ATOM   517  N  N   . GLY A 1 62  ? 0.891   -5.702  -6.164  1.00 10.71 ? 62   GLY A N   1 
ATOM   518  C  CA  . GLY A 1 62  ? 0.695   -6.983  -5.520  1.00 11.59 ? 62   GLY A CA  1 
ATOM   519  C  C   . GLY A 1 62  ? -0.417  -7.028  -4.503  1.00 11.13 ? 62   GLY A C   1 
ATOM   520  O  O   . GLY A 1 62  ? -1.039  -6.013  -4.167  1.00 11.37 ? 62   GLY A O   1 
ATOM   521  N  N   . ILE A 1 63  ? -0.683  -8.237  -4.031  1.00 10.43 ? 63   ILE A N   1 
ATOM   522  C  CA  . ILE A 1 63  ? -1.695  -8.474  -3.014  1.00 10.87 ? 63   ILE A CA  1 
ATOM   523  C  C   . ILE A 1 63  ? -1.057  -9.378  -1.972  1.00 10.87 ? 63   ILE A C   1 
ATOM   524  O  O   . ILE A 1 63  ? -0.444  -10.390 -2.309  1.00 11.05 ? 63   ILE A O   1 
ATOM   525  C  CB  . ILE A 1 63  ? -2.956  -9.167  -3.595  1.00 11.34 ? 63   ILE A CB  1 
ATOM   526  C  CG1 . ILE A 1 63  ? -3.615  -8.253  -4.632  1.00 12.71 ? 63   ILE A CG1 1 
ATOM   527  C  CG2 . ILE A 1 63  ? -3.936  -9.501  -2.470  1.00 12.79 ? 63   ILE A CG2 1 
ATOM   528  C  CD1 . ILE A 1 63  ? -4.798  -8.884  -5.371  1.00 13.16 ? 63   ILE A CD1 1 
ATOM   529  N  N   . TYR A 1 64  ? -1.196  -8.993  -0.711  1.00 10.77 ? 64   TYR A N   1 
ATOM   530  C  CA  . TYR A 1 64  ? -0.648  -9.747  0.402   1.00 10.27 ? 64   TYR A CA  1 
ATOM   531  C  C   . TYR A 1 64  ? -1.731  -10.057 1.420   1.00 11.03 ? 64   TYR A C   1 
ATOM   532  O  O   . TYR A 1 64  ? -2.792  -9.433  1.430   1.00 12.10 ? 64   TYR A O   1 
ATOM   533  C  CB  . TYR A 1 64  ? 0.456   -8.936  1.095   1.00 10.77 ? 64   TYR A CB  1 
ATOM   534  C  CG  . TYR A 1 64  ? 1.816   -9.082  0.464   1.00 10.22 ? 64   TYR A CG  1 
ATOM   535  C  CD1 . TYR A 1 64  ? 2.044   -8.686  -0.852  1.00 12.23 ? 64   TYR A CD1 1 
ATOM   536  C  CD2 . TYR A 1 64  ? 2.872   -9.647  1.176   1.00 11.17 ? 64   TYR A CD2 1 
ATOM   537  C  CE1 . TYR A 1 64  ? 3.296   -8.856  -1.446  1.00 11.67 ? 64   TYR A CE1 1 
ATOM   538  C  CE2 . TYR A 1 64  ? 4.121   -9.819  0.597   1.00 10.71 ? 64   TYR A CE2 1 
ATOM   539  C  CZ  . TYR A 1 64  ? 4.327   -9.425  -0.716  1.00 12.27 ? 64   TYR A CZ  1 
ATOM   540  O  OH  . TYR A 1 64  ? 5.558   -9.629  -1.297  1.00 13.33 ? 64   TYR A OH  1 
ATOM   541  N  N   . GLU A 1 65  ? -1.459  -11.038 2.267   1.00 11.15 ? 65   GLU A N   1 
ATOM   542  C  CA  . GLU A 1 65  ? -2.382  -11.390 3.326   1.00 12.49 ? 65   GLU A CA  1 
ATOM   543  C  C   . GLU A 1 65  ? -1.680  -11.134 4.658   1.00 11.71 ? 65   GLU A C   1 
ATOM   544  O  O   . GLU A 1 65  ? -0.505  -11.448 4.815   1.00 11.86 ? 65   GLU A O   1 
ATOM   545  C  CB  . GLU A 1 65  ? -2.792  -12.857 3.230   1.00 14.31 ? 65   GLU A CB  1 
ATOM   546  C  CG  . GLU A 1 65  ? -3.851  -13.222 4.250   1.00 18.37 ? 65   GLU A CG  1 
ATOM   547  C  CD  . GLU A 1 65  ? -4.421  -14.601 4.025   1.00 21.30 ? 65   GLU A CD  1 
ATOM   548  O  OE1 . GLU A 1 65  ? -4.763  -14.912 2.863   1.00 23.37 ? 65   GLU A OE1 1 
ATOM   549  O  OE2 . GLU A 1 65  ? -4.533  -15.361 5.009   1.00 22.28 ? 65   GLU A OE2 1 
ATOM   550  N  N   . VAL A 1 66  ? -2.405  -10.545 5.600   1.00 10.82 ? 66   VAL A N   1 
ATOM   551  C  CA  . VAL A 1 66  ? -1.862  -10.249 6.925   1.00 11.55 ? 66   VAL A CA  1 
ATOM   552  C  C   . VAL A 1 66  ? -1.774  -11.538 7.747   1.00 12.49 ? 66   VAL A C   1 
ATOM   553  O  O   . VAL A 1 66  ? -2.740  -12.303 7.808   1.00 14.13 ? 66   VAL A O   1 
ATOM   554  C  CB  . VAL A 1 66  ? -2.760  -9.229  7.654   1.00 11.04 ? 66   VAL A CB  1 
ATOM   555  C  CG1 . VAL A 1 66  ? -2.179  -8.894  9.023   1.00 10.90 ? 66   VAL A CG1 1 
ATOM   556  C  CG2 . VAL A 1 66  ? -2.900  -7.956  6.814   1.00 12.02 ? 66   VAL A CG2 1 
ATOM   557  N  N   . THR A 1 67  ? -0.625  -11.778 8.374   1.00 13.24 ? 67   THR A N   1 
ATOM   558  C  CA  . THR A 1 67  ? -0.440  -12.990 9.167   1.00 13.68 ? 67   THR A CA  1 
ATOM   559  C  C   . THR A 1 67  ? -0.229  -12.752 10.663  1.00 15.07 ? 67   THR A C   1 
ATOM   560  O  O   . THR A 1 67  ? -0.087  -13.706 11.425  1.00 17.82 ? 67   THR A O   1 
ATOM   561  C  CB  . THR A 1 67  ? 0.747   -13.822 8.633   1.00 13.72 ? 67   THR A CB  1 
ATOM   562  O  OG1 . THR A 1 67  ? 1.968   -13.094 8.821   1.00 16.89 ? 67   THR A OG1 1 
ATOM   563  C  CG2 . THR A 1 67  ? 0.569   -14.110 7.150   1.00 15.62 ? 67   THR A CG2 1 
ATOM   564  N  N   . SER A 1 68  ? -0.210  -11.494 11.091  1.00 14.53 ? 68   SER A N   1 
ATOM   565  C  CA  . SER A 1 68  ? -0.020  -11.201 12.510  1.00 13.72 ? 68   SER A CA  1 
ATOM   566  C  C   . SER A 1 68  ? -0.855  -10.023 12.961  1.00 14.09 ? 68   SER A C   1 
ATOM   567  O  O   . SER A 1 68  ? -1.374  -9.254  12.151  1.00 14.79 ? 68   SER A O   1 
ATOM   568  C  CB  . SER A 1 68  ? 1.448   -10.876 12.809  1.00 13.28 ? 68   SER A CB  1 
ATOM   569  O  OG  . SER A 1 68  ? 1.732   -9.510  12.523  1.00 13.46 ? 68   SER A OG  1 
ATOM   570  N  N   . GLU A 1 69  ? -0.979  -9.890  14.276  1.00 14.99 ? 69   GLU A N   1 
ATOM   571  C  CA  . GLU A 1 69  ? -1.689  -8.773  14.863  1.00 14.24 ? 69   GLU A CA  1 
ATOM   572  C  C   . GLU A 1 69  ? -0.692  -7.627  14.774  1.00 13.34 ? 69   GLU A C   1 
ATOM   573  O  O   . GLU A 1 69  ? 0.504   -7.848  14.585  1.00 12.76 ? 69   GLU A O   1 
ATOM   574  C  CB  . GLU A 1 69  ? -1.994  -9.044  16.338  1.00 17.28 ? 69   GLU A CB  1 
ATOM   575  C  CG  . GLU A 1 69  ? -3.108  -10.035 16.591  1.00 21.72 ? 69   GLU A CG  1 
ATOM   576  C  CD  . GLU A 1 69  ? -4.474  -9.433  16.351  1.00 24.90 ? 69   GLU A CD  1 
ATOM   577  O  OE1 . GLU A 1 69  ? -4.604  -8.192  16.465  1.00 26.09 ? 69   GLU A OE1 1 
ATOM   578  O  OE2 . GLU A 1 69  ? -5.420  -10.195 16.062  1.00 28.43 ? 69   GLU A OE2 1 
ATOM   579  N  N   . PRO A 1 70  ? -1.167  -6.387  14.903  1.00 13.33 ? 70   PRO A N   1 
ATOM   580  C  CA  . PRO A 1 70  ? -0.226  -5.267  14.834  1.00 13.42 ? 70   PRO A CA  1 
ATOM   581  C  C   . PRO A 1 70  ? 0.810   -5.380  15.954  1.00 13.56 ? 70   PRO A C   1 
ATOM   582  O  O   . PRO A 1 70  ? 0.508   -5.875  17.042  1.00 14.30 ? 70   PRO A O   1 
ATOM   583  C  CB  . PRO A 1 70  ? -1.127  -4.050  15.019  1.00 15.15 ? 70   PRO A CB  1 
ATOM   584  C  CG  . PRO A 1 70  ? -2.427  -4.499  14.412  1.00 14.72 ? 70   PRO A CG  1 
ATOM   585  C  CD  . PRO A 1 70  ? -2.562  -5.915  14.918  1.00 14.81 ? 70   PRO A CD  1 
ATOM   586  N  N   . TYR A 1 71  ? 2.028   -4.935  15.681  1.00 12.68 ? 71   TYR A N   1 
ATOM   587  C  CA  . TYR A 1 71  ? 3.084   -4.954  16.689  1.00 12.54 ? 71   TYR A CA  1 
ATOM   588  C  C   . TYR A 1 71  ? 3.972   -3.726  16.502  1.00 12.82 ? 71   TYR A C   1 
ATOM   589  O  O   . TYR A 1 71  ? 3.740   -2.909  15.603  1.00 12.89 ? 71   TYR A O   1 
ATOM   590  C  CB  . TYR A 1 71  ? 3.901   -6.255  16.610  1.00 13.49 ? 71   TYR A CB  1 
ATOM   591  C  CG  . TYR A 1 71  ? 4.712   -6.430  15.347  1.00 11.03 ? 71   TYR A CG  1 
ATOM   592  C  CD1 . TYR A 1 71  ? 4.122   -6.924  14.185  1.00 12.50 ? 71   TYR A CD1 1 
ATOM   593  C  CD2 . TYR A 1 71  ? 6.066   -6.097  15.309  1.00 12.55 ? 71   TYR A CD2 1 
ATOM   594  C  CE1 . TYR A 1 71  ? 4.854   -7.083  13.019  1.00 12.35 ? 71   TYR A CE1 1 
ATOM   595  C  CE2 . TYR A 1 71  ? 6.811   -6.253  14.148  1.00 12.19 ? 71   TYR A CE2 1 
ATOM   596  C  CZ  . TYR A 1 71  ? 6.199   -6.745  13.005  1.00 11.81 ? 71   TYR A CZ  1 
ATOM   597  O  OH  . TYR A 1 71  ? 6.927   -6.890  11.849  1.00 12.46 ? 71   TYR A OH  1 
ATOM   598  N  N   . VAL A 1 72  ? 4.974   -3.587  17.362  1.00 13.55 ? 72   VAL A N   1 
ATOM   599  C  CA  . VAL A 1 72  ? 5.878   -2.446  17.312  1.00 13.48 ? 72   VAL A CA  1 
ATOM   600  C  C   . VAL A 1 72  ? 7.312   -2.943  17.191  1.00 12.40 ? 72   VAL A C   1 
ATOM   601  O  O   . VAL A 1 72  ? 7.742   -3.798  17.959  1.00 14.09 ? 72   VAL A O   1 
ATOM   602  C  CB  . VAL A 1 72  ? 5.741   -1.592  18.593  1.00 14.11 ? 72   VAL A CB  1 
ATOM   603  C  CG1 . VAL A 1 72  ? 6.527   -0.302  18.447  1.00 15.63 ? 72   VAL A CG1 1 
ATOM   604  C  CG2 . VAL A 1 72  ? 4.271   -1.300  18.867  1.00 14.82 ? 72   VAL A CG2 1 
ATOM   605  N  N   . ASP A 1 73  ? 8.046   -2.409  16.223  1.00 12.79 ? 73   ASP A N   1 
ATOM   606  C  CA  . ASP A 1 73  ? 9.426   -2.818  15.996  1.00 11.98 ? 73   ASP A CA  1 
ATOM   607  C  C   . ASP A 1 73  ? 10.096  -1.670  15.254  1.00 12.18 ? 73   ASP A C   1 
ATOM   608  O  O   . ASP A 1 73  ? 9.642   -1.273  14.184  1.00 12.10 ? 73   ASP A O   1 
ATOM   609  C  CB  . ASP A 1 73  ? 9.434   -4.102  15.153  1.00 12.42 ? 73   ASP A CB  1 
ATOM   610  C  CG  . ASP A 1 73  ? 10.832  -4.634  14.875  1.00 13.48 ? 73   ASP A CG  1 
ATOM   611  O  OD1 . ASP A 1 73  ? 11.831  -3.948  15.196  1.00 15.30 ? 73   ASP A OD1 1 
ATOM   612  O  OD2 . ASP A 1 73  ? 10.924  -5.752  14.316  1.00 15.78 ? 73   ASP A OD2 1 
ATOM   613  N  N   . PHE A 1 74  ? 11.178  -1.143  15.821  1.00 12.28 ? 74   PHE A N   1 
ATOM   614  C  CA  . PHE A 1 74  ? 11.882  -0.004  15.235  1.00 12.62 ? 74   PHE A CA  1 
ATOM   615  C  C   . PHE A 1 74  ? 13.081  -0.344  14.353  1.00 12.81 ? 74   PHE A C   1 
ATOM   616  O  O   . PHE A 1 74  ? 13.876  0.540   14.024  1.00 13.85 ? 74   PHE A O   1 
ATOM   617  C  CB  . PHE A 1 74  ? 12.316  0.939   16.361  1.00 13.63 ? 74   PHE A CB  1 
ATOM   618  C  CG  . PHE A 1 74  ? 11.198  1.309   17.294  1.00 13.54 ? 74   PHE A CG  1 
ATOM   619  C  CD1 . PHE A 1 74  ? 10.367  2.389   17.011  1.00 13.65 ? 74   PHE A CD1 1 
ATOM   620  C  CD2 . PHE A 1 74  ? 10.940  0.547   18.431  1.00 13.45 ? 74   PHE A CD2 1 
ATOM   621  C  CE1 . PHE A 1 74  ? 9.295   2.704   17.842  1.00 13.58 ? 74   PHE A CE1 1 
ATOM   622  C  CE2 . PHE A 1 74  ? 9.870   0.852   19.270  1.00 14.17 ? 74   PHE A CE2 1 
ATOM   623  C  CZ  . PHE A 1 74  ? 9.047   1.932   18.973  1.00 14.17 ? 74   PHE A CZ  1 
ATOM   624  N  N   . SER A 1 75  ? 13.208  -1.606  13.952  1.00 13.78 ? 75   SER A N   1 
ATOM   625  C  CA  . SER A 1 75  ? 14.334  -1.996  13.108  1.00 14.52 ? 75   SER A CA  1 
ATOM   626  C  C   . SER A 1 75  ? 14.344  -1.146  11.842  1.00 14.79 ? 75   SER A C   1 
ATOM   627  O  O   . SER A 1 75  ? 13.294  -0.856  11.261  1.00 15.66 ? 75   SER A O   1 
ATOM   628  C  CB  . SER A 1 75  ? 14.256  -3.486  12.749  1.00 15.88 ? 75   SER A CB  1 
ATOM   629  O  OG  . SER A 1 75  ? 13.171  -3.755  11.878  1.00 17.72 ? 75   SER A OG  1 
ATOM   630  N  N   . ARG A 1 76  ? 15.531  -0.737  11.420  1.00 14.82 ? 76   ARG A N   1 
ATOM   631  C  CA  . ARG A 1 76  ? 15.666  0.093   10.237  1.00 15.65 ? 76   ARG A CA  1 
ATOM   632  C  C   . ARG A 1 76  ? 15.716  -0.743  8.969   1.00 16.41 ? 76   ARG A C   1 
ATOM   633  O  O   . ARG A 1 76  ? 16.773  -1.239  8.580   1.00 18.60 ? 76   ARG A O   1 
ATOM   634  C  CB  . ARG A 1 76  ? 16.924  0.961   10.360  1.00 17.52 ? 76   ARG A CB  1 
ATOM   635  C  CG  . ARG A 1 76  ? 16.781  2.079   11.380  1.00 20.90 ? 76   ARG A CG  1 
ATOM   636  C  CD  . ARG A 1 76  ? 18.127  2.598   11.854  1.00 24.92 ? 76   ARG A CD  1 
ATOM   637  N  NE  . ARG A 1 76  ? 18.837  1.589   12.634  1.00 28.86 ? 76   ARG A NE  1 
ATOM   638  C  CZ  . ARG A 1 76  ? 19.945  1.819   13.329  1.00 30.53 ? 76   ARG A CZ  1 
ATOM   639  N  NH1 . ARG A 1 76  ? 20.480  3.034   13.346  1.00 31.37 ? 76   ARG A NH1 1 
ATOM   640  N  NH2 . ARG A 1 76  ? 20.517  0.834   14.010  1.00 31.93 ? 76   ARG A NH2 1 
ATOM   641  N  N   . ILE A 1 77  ? 14.560  -0.916  8.336   1.00 14.03 ? 77   ILE A N   1 
ATOM   642  C  CA  . ILE A 1 77  ? 14.492  -1.681  7.101   1.00 13.68 ? 77   ILE A CA  1 
ATOM   643  C  C   . ILE A 1 77  ? 13.966  -0.844  5.935   1.00 12.33 ? 77   ILE A C   1 
ATOM   644  O  O   . ILE A 1 77  ? 14.357  -1.067  4.796   1.00 12.33 ? 77   ILE A O   1 
ATOM   645  C  CB  . ILE A 1 77  ? 13.619  -2.964  7.256   1.00 13.19 ? 77   ILE A CB  1 
ATOM   646  C  CG1 . ILE A 1 77  ? 12.277  -2.637  7.913   1.00 14.07 ? 77   ILE A CG1 1 
ATOM   647  C  CG2 . ILE A 1 77  ? 14.374  -4.005  8.076   1.00 14.04 ? 77   ILE A CG2 1 
ATOM   648  C  CD1 . ILE A 1 77  ? 11.290  -3.798  7.873   1.00 16.92 ? 77   ILE A CD1 1 
ATOM   649  N  N   . PHE A 1 78  ? 13.092  0.121   6.219   1.00 12.18 ? 78   PHE A N   1 
ATOM   650  C  CA  . PHE A 1 78  ? 12.528  0.981   5.176   1.00 12.73 ? 78   PHE A CA  1 
ATOM   651  C  C   . PHE A 1 78  ? 13.355  2.239   4.956   1.00 12.75 ? 78   PHE A C   1 
ATOM   652  O  O   . PHE A 1 78  ? 14.088  2.671   5.841   1.00 14.35 ? 78   PHE A O   1 
ATOM   653  C  CB  . PHE A 1 78  ? 11.096  1.406   5.528   1.00 12.96 ? 78   PHE A CB  1 
ATOM   654  C  CG  . PHE A 1 78  ? 10.126  0.266   5.628   1.00 12.36 ? 78   PHE A CG  1 
ATOM   655  C  CD1 . PHE A 1 78  ? 9.751   -0.449  4.490   1.00 12.41 ? 78   PHE A CD1 1 
ATOM   656  C  CD2 . PHE A 1 78  ? 9.606   -0.108  6.859   1.00 13.06 ? 78   PHE A CD2 1 
ATOM   657  C  CE1 . PHE A 1 78  ? 8.867   -1.529  4.583   1.00 14.93 ? 78   PHE A CE1 1 
ATOM   658  C  CE2 . PHE A 1 78  ? 8.724   -1.183  6.964   1.00 14.20 ? 78   PHE A CE2 1 
ATOM   659  C  CZ  . PHE A 1 78  ? 8.355   -1.894  5.825   1.00 13.74 ? 78   PHE A CZ  1 
ATOM   660  N  N   . LYS A 1 79  ? 13.226  2.821   3.768   1.00 13.12 ? 79   LYS A N   1 
ATOM   661  C  CA  . LYS A 1 79  ? 13.926  4.058   3.431   1.00 13.92 ? 79   LYS A CA  1 
ATOM   662  C  C   . LYS A 1 79  ? 12.917  5.188   3.650   1.00 13.74 ? 79   LYS A C   1 
ATOM   663  O  O   . LYS A 1 79  ? 11.887  5.239   2.976   1.00 12.94 ? 79   LYS A O   1 
ATOM   664  C  CB  . LYS A 1 79  ? 14.365  4.035   1.964   1.00 16.74 ? 79   LYS A CB  1 
ATOM   665  C  CG  . LYS A 1 79  ? 15.060  5.309   1.479   1.00 20.99 ? 79   LYS A CG  1 
ATOM   666  C  CD  . LYS A 1 79  ? 16.561  5.306   1.755   1.00 24.57 ? 79   LYS A CD  1 
ATOM   667  C  CE  . LYS A 1 79  ? 16.899  5.717   3.179   1.00 26.93 ? 79   LYS A CE  1 
ATOM   668  N  NZ  . LYS A 1 79  ? 18.132  5.042   3.676   1.00 30.19 ? 79   LYS A NZ  1 
ATOM   669  N  N   . PRO A 1 80  ? 13.186  6.098   4.605   1.00 12.76 ? 80   PRO A N   1 
ATOM   670  C  CA  . PRO A 1 80  ? 12.267  7.214   4.879   1.00 12.59 ? 80   PRO A CA  1 
ATOM   671  C  C   . PRO A 1 80  ? 11.816  7.869   3.579   1.00 13.18 ? 80   PRO A C   1 
ATOM   672  O  O   . PRO A 1 80  ? 12.634  8.432   2.846   1.00 14.24 ? 80   PRO A O   1 
ATOM   673  C  CB  . PRO A 1 80  ? 13.112  8.139   5.746   1.00 12.77 ? 80   PRO A CB  1 
ATOM   674  C  CG  . PRO A 1 80  ? 13.943  7.158   6.528   1.00 12.48 ? 80   PRO A CG  1 
ATOM   675  C  CD  . PRO A 1 80  ? 14.381  6.181   5.465   1.00 13.39 ? 80   PRO A CD  1 
ATOM   676  N  N   . HIS A 1 81  ? 10.516  7.809   3.299   1.00 13.15 ? 81   HIS A N   1 
ATOM   677  C  CA  . HIS A 1 81  ? 10.010  8.338   2.041   1.00 13.78 ? 81   HIS A CA  1 
ATOM   678  C  C   . HIS A 1 81  ? 10.019  9.853   1.865   1.00 15.37 ? 81   HIS A C   1 
ATOM   679  O  O   . HIS A 1 81  ? 9.799   10.343  0.761   1.00 15.89 ? 81   HIS A O   1 
ATOM   680  C  CB  . HIS A 1 81  ? 8.612   7.764   1.731   1.00 14.04 ? 81   HIS A CB  1 
ATOM   681  C  CG  . HIS A 1 81  ? 7.486   8.404   2.484   1.00 14.20 ? 81   HIS A CG  1 
ATOM   682  N  ND1 . HIS A 1 81  ? 7.230   8.153   3.816   1.00 14.95 ? 81   HIS A ND1 1 
ATOM   683  C  CD2 . HIS A 1 81  ? 6.512   9.248   2.067   1.00 14.90 ? 81   HIS A CD2 1 
ATOM   684  C  CE1 . HIS A 1 81  ? 6.145   8.810   4.185   1.00 15.06 ? 81   HIS A CE1 1 
ATOM   685  N  NE2 . HIS A 1 81  ? 5.689   9.482   3.142   1.00 14.60 ? 81   HIS A NE2 1 
ATOM   686  N  N   . ARG A 1 82  ? 10.284  10.593  2.934   1.00 14.53 ? 82   ARG A N   1 
ATOM   687  C  CA  . ARG A 1 82  ? 10.341  12.050  2.828   1.00 16.80 ? 82   ARG A CA  1 
ATOM   688  C  C   . ARG A 1 82  ? 11.683  12.573  3.333   1.00 17.34 ? 82   ARG A C   1 
ATOM   689  O  O   . ARG A 1 82  ? 11.793  13.717  3.770   1.00 18.99 ? 82   ARG A O   1 
ATOM   690  C  CB  . ARG A 1 82  ? 9.188   12.695  3.604   1.00 18.00 ? 82   ARG A CB  1 
ATOM   691  C  CG  . ARG A 1 82  ? 7.812   12.220  3.156   1.00 19.70 ? 82   ARG A CG  1 
ATOM   692  C  CD  . ARG A 1 82  ? 6.706   12.946  3.896   1.00 22.06 ? 82   ARG A CD  1 
ATOM   693  N  NE  . ARG A 1 82  ? 6.381   14.222  3.268   1.00 22.90 ? 82   ARG A NE  1 
ATOM   694  C  CZ  . ARG A 1 82  ? 5.597   15.142  3.822   1.00 23.20 ? 82   ARG A CZ  1 
ATOM   695  N  NH1 . ARG A 1 82  ? 5.063   14.928  5.017   1.00 24.06 ? 82   ARG A NH1 1 
ATOM   696  N  NH2 . ARG A 1 82  ? 5.334   16.265  3.175   1.00 25.02 ? 82   ARG A NH2 1 
ATOM   697  N  N   . GLY A 1 83  ? 12.700  11.716  3.280   1.00 17.32 ? 83   GLY A N   1 
ATOM   698  C  CA  . GLY A 1 83  ? 14.033  12.115  3.701   1.00 17.75 ? 83   GLY A CA  1 
ATOM   699  C  C   . GLY A 1 83  ? 14.317  12.234  5.187   1.00 17.06 ? 83   GLY A C   1 
ATOM   700  O  O   . GLY A 1 83  ? 15.372  12.750  5.568   1.00 18.98 ? 83   GLY A O   1 
ATOM   701  N  N   . GLY A 1 84  ? 13.402  11.765  6.028   1.00 15.49 ? 84   GLY A N   1 
ATOM   702  C  CA  . GLY A 1 84  ? 13.611  11.842  7.463   1.00 14.79 ? 84   GLY A CA  1 
ATOM   703  C  C   . GLY A 1 84  ? 14.365  10.639  8.001   1.00 13.88 ? 84   GLY A C   1 
ATOM   704  O  O   . GLY A 1 84  ? 15.219  10.076  7.319   1.00 15.22 ? 84   GLY A O   1 
ATOM   705  N  N   . LYS A 1 85  ? 14.043  10.253  9.229   1.00 13.62 ? 85   LYS A N   1 
ATOM   706  C  CA  . LYS A 1 85  ? 14.676  9.104   9.872   1.00 14.45 ? 85   LYS A CA  1 
ATOM   707  C  C   . LYS A 1 85  ? 13.614  8.099   10.308  1.00 13.91 ? 85   LYS A C   1 
ATOM   708  O  O   . LYS A 1 85  ? 13.885  7.178   11.079  1.00 14.64 ? 85   LYS A O   1 
ATOM   709  C  CB  . LYS A 1 85  ? 15.483  9.566   11.084  1.00 16.57 ? 85   LYS A CB  1 
ATOM   710  C  CG  . LYS A 1 85  ? 16.527  10.613  10.745  1.00 19.26 ? 85   LYS A CG  1 
ATOM   711  C  CD  . LYS A 1 85  ? 17.349  10.989  11.964  1.00 22.17 ? 85   LYS A CD  1 
ATOM   712  C  CE  . LYS A 1 85  ? 18.336  12.096  11.628  1.00 25.15 ? 85   LYS A CE  1 
ATOM   713  N  NZ  . LYS A 1 85  ? 19.214  11.723  10.487  1.00 27.12 ? 85   LYS A NZ  1 
ATOM   714  N  N   . GLU A 1 86  ? 12.405  8.297   9.793   1.00 13.02 ? 86   GLU A N   1 
ATOM   715  C  CA  . GLU A 1 86  ? 11.258  7.445   10.093  1.00 12.32 ? 86   GLU A CA  1 
ATOM   716  C  C   . GLU A 1 86  ? 11.541  5.954   9.937   1.00 10.72 ? 86   GLU A C   1 
ATOM   717  O  O   . GLU A 1 86  ? 12.153  5.533   8.953   1.00 11.87 ? 86   GLU A O   1 
ATOM   718  C  CB  . GLU A 1 86  ? 10.096  7.824   9.173   1.00 10.79 ? 86   GLU A CB  1 
ATOM   719  C  CG  . GLU A 1 86  ? 8.862   6.953   9.347   1.00 12.17 ? 86   GLU A CG  1 
ATOM   720  C  CD  . GLU A 1 86  ? 8.228   7.119   10.709  1.00 11.04 ? 86   GLU A CD  1 
ATOM   721  O  OE1 . GLU A 1 86  ? 7.932   8.271   11.076  1.00 12.32 ? 86   GLU A OE1 1 
ATOM   722  O  OE2 . GLU A 1 86  ? 8.015   6.119   11.416  1.00 11.68 ? 86   GLU A OE2 1 
ATOM   723  N  N   . THR A 1 87  ? 11.073  5.164   10.899  1.00 11.02 ? 87   THR A N   1 
ATOM   724  C  CA  . THR A 1 87  ? 11.262  3.717   10.840  1.00 11.74 ? 87   THR A CA  1 
ATOM   725  C  C   . THR A 1 87  ? 9.980   2.937   10.513  1.00 11.31 ? 87   THR A C   1 
ATOM   726  O  O   . THR A 1 87  ? 10.060  1.742   10.227  1.00 11.87 ? 87   THR A O   1 
ATOM   727  C  CB  . THR A 1 87  ? 11.831  3.150   12.168  1.00 12.93 ? 87   THR A CB  1 
ATOM   728  O  OG1 . THR A 1 87  ? 10.994  3.547   13.263  1.00 15.42 ? 87   THR A OG1 1 
ATOM   729  C  CG2 . THR A 1 87  ? 13.251  3.646   12.400  1.00 14.33 ? 87   THR A CG2 1 
ATOM   730  N  N   . TYR A 1 88  ? 8.818   3.598   10.550  1.00 10.48 ? 88   TYR A N   1 
ATOM   731  C  CA  . TYR A 1 88  ? 7.526   2.941   10.269  1.00 10.06 ? 88   TYR A CA  1 
ATOM   732  C  C   . TYR A 1 88  ? 7.462   1.706   11.167  1.00 10.25 ? 88   TYR A C   1 
ATOM   733  O  O   . TYR A 1 88  ? 7.337   0.574   10.684  1.00 10.68 ? 88   TYR A O   1 
ATOM   734  C  CB  . TYR A 1 88  ? 7.449   2.506   8.801   1.00 9.78  ? 88   TYR A CB  1 
ATOM   735  C  CG  . TYR A 1 88  ? 7.763   3.611   7.821   1.00 10.64 ? 88   TYR A CG  1 
ATOM   736  C  CD1 . TYR A 1 88  ? 6.781   4.522   7.419   1.00 10.95 ? 88   TYR A CD1 1 
ATOM   737  C  CD2 . TYR A 1 88  ? 9.060   3.787   7.340   1.00 11.36 ? 88   TYR A CD2 1 
ATOM   738  C  CE1 . TYR A 1 88  ? 7.092   5.577   6.570   1.00 11.46 ? 88   TYR A CE1 1 
ATOM   739  C  CE2 . TYR A 1 88  ? 9.377   4.836   6.497   1.00 11.87 ? 88   TYR A CE2 1 
ATOM   740  C  CZ  . TYR A 1 88  ? 8.393   5.728   6.115   1.00 11.30 ? 88   TYR A CZ  1 
ATOM   741  O  OH  . TYR A 1 88  ? 8.740   6.777   5.297   1.00 12.66 ? 88   TYR A OH  1 
ATOM   742  N  N   . PRO A 1 89  ? 7.512   1.919   12.491  1.00 10.26 ? 89   PRO A N   1 
ATOM   743  C  CA  . PRO A 1 89  ? 7.642   0.912   13.554  1.00 10.72 ? 89   PRO A CA  1 
ATOM   744  C  C   . PRO A 1 89  ? 6.344   0.114   13.800  1.00 10.86 ? 89   PRO A C   1 
ATOM   745  O  O   . PRO A 1 89  ? 6.355   -0.990  14.328  1.00 11.43 ? 89   PRO A O   1 
ATOM   746  C  CB  . PRO A 1 89  ? 8.055   1.636   14.828  1.00 11.35 ? 89   PRO A CB  1 
ATOM   747  C  CG  . PRO A 1 89  ? 7.632   3.092   14.686  1.00 11.19 ? 89   PRO A CG  1 
ATOM   748  C  CD  . PRO A 1 89  ? 7.484   3.245   13.097  1.00 11.76 ? 89   PRO A CD  1 
ATOM   749  N  N   . TYR A 1 90  ? 5.187   0.732   13.474  1.00 10.54 ? 90   TYR A N   1 
ATOM   750  C  CA  . TYR A 1 90  ? 3.992   -0.065  13.720  1.00 10.13 ? 90   TYR A CA  1 
ATOM   751  C  C   . TYR A 1 90  ? 3.612   -0.904  12.498  1.00 10.05 ? 90   TYR A C   1 
ATOM   752  O  O   . TYR A 1 90  ? 3.343   -0.393  11.418  1.00 10.66 ? 90   TYR A O   1 
ATOM   753  C  CB  . TYR A 1 90  ? 2.849   0.886   14.081  1.00 11.07 ? 90   TYR A CB  1 
ATOM   754  C  CG  . TYR A 1 90  ? 3.357   1.961   14.974  1.00 11.20 ? 90   TYR A CG  1 
ATOM   755  C  CD1 . TYR A 1 90  ? 3.501   1.719   16.336  1.00 11.76 ? 90   TYR A CD1 1 
ATOM   756  C  CD2 . TYR A 1 90  ? 3.715   3.204   14.453  1.00 11.36 ? 90   TYR A CD2 1 
ATOM   757  C  CE1 . TYR A 1 90  ? 4.011   2.700   17.170  1.00 12.72 ? 90   TYR A CE1 1 
ATOM   758  C  CE2 . TYR A 1 90  ? 4.218   4.192   15.286  1.00 12.29 ? 90   TYR A CE2 1 
ATOM   759  C  CZ  . TYR A 1 90  ? 4.360   3.945   16.640  1.00 11.03 ? 90   TYR A CZ  1 
ATOM   760  O  OH  . TYR A 1 90  ? 4.875   4.916   17.478  1.00 12.34 ? 90   TYR A OH  1 
ATOM   761  N  N   . ARG A 1 91  ? 3.687   -2.225  12.761  1.00 11.38 ? 91   ARG A N   1 
ATOM   762  C  CA  . ARG A 1 91  ? 3.737   -3.167  11.649  1.00 10.27 ? 91   ARG A CA  1 
ATOM   763  C  C   . ARG A 1 91  ? 2.795   -4.360  11.811  1.00 9.73  ? 91   ARG A C   1 
ATOM   764  O  O   . ARG A 1 91  ? 2.287   -4.671  12.879  1.00 11.04 ? 91   ARG A O   1 
ATOM   765  C  CB  . ARG A 1 91  ? 5.168   -3.695  11.557  1.00 13.34 ? 91   ARG A CB  1 
ATOM   766  C  CG  . ARG A 1 91  ? 6.166   -2.628  11.117  1.00 9.49  ? 91   ARG A CG  1 
ATOM   767  C  CD  . ARG A 1 91  ? 7.600   -2.989  11.521  1.00 11.40 ? 91   ARG A CD  1 
ATOM   768  N  NE  . ARG A 1 91  ? 8.522   -1.911  11.156  1.00 9.88  ? 91   ARG A NE  1 
ATOM   769  C  CZ  . ARG A 1 91  ? 9.838   -2.153  11.291  1.00 11.82 ? 91   ARG A CZ  1 
ATOM   770  N  NH1 . ARG A 1 91  ? 10.256  -3.326  11.734  1.00 11.33 ? 91   ARG A NH1 1 
ATOM   771  N  NH2 . ARG A 1 91  ? 10.719  -1.203  10.965  1.00 12.71 ? 91   ARG A NH2 1 
ATOM   772  N  N   . VAL A 1 92  ? 2.545   -5.004  10.659  1.00 9.99  ? 92   VAL A N   1 
ATOM   773  C  CA  . VAL A 1 92  ? 1.994   -6.350  10.667  1.00 9.81  ? 92   VAL A CA  1 
ATOM   774  C  C   . VAL A 1 92  ? 2.824   -7.246  9.752   1.00 10.00 ? 92   VAL A C   1 
ATOM   775  O  O   . VAL A 1 92  ? 3.384   -6.820  8.754   1.00 10.34 ? 92   VAL A O   1 
ATOM   776  C  CB  . VAL A 1 92  ? 0.548   -6.289  10.161  1.00 9.86  ? 92   VAL A CB  1 
ATOM   777  C  CG1 . VAL A 1 92  ? -0.336  -5.585  11.187  1.00 11.83 ? 92   VAL A CG1 1 
ATOM   778  C  CG2 . VAL A 1 92  ? 0.478   -5.543  8.842   1.00 11.27 ? 92   VAL A CG2 1 
ATOM   779  N  N   . LYS A 1 93  ? 2.952   -8.523  10.149  1.00 11.53 ? 93   LYS A N   1 
ATOM   780  C  CA  . LYS A 1 93  ? 3.604   -9.462  9.253   1.00 10.33 ? 93   LYS A CA  1 
ATOM   781  C  C   . LYS A 1 93  ? 2.661   -9.856  8.119   1.00 10.31 ? 93   LYS A C   1 
ATOM   782  O  O   . LYS A 1 93  ? 1.442   -9.865  8.258   1.00 10.61 ? 93   LYS A O   1 
ATOM   783  C  CB  . LYS A 1 93  ? 4.003   -10.703 10.050  1.00 11.31 ? 93   LYS A CB  1 
ATOM   784  C  CG  . LYS A 1 93  ? 5.143   -10.424 11.033  1.00 14.06 ? 93   LYS A CG  1 
ATOM   785  C  CD  . LYS A 1 93  ? 6.445   -10.048 10.316  1.00 15.43 ? 93   LYS A CD  1 
ATOM   786  C  CE  . LYS A 1 93  ? 7.044   -11.209 9.516   1.00 18.12 ? 93   LYS A CE  1 
ATOM   787  N  NZ  . LYS A 1 93  ? 8.046   -10.686 8.588   1.00 19.37 ? 93   LYS A NZ  1 
ATOM   788  N  N   . ILE A 1 94  ? 3.198   -10.176 6.946   1.00 9.56  ? 94   ILE A N   1 
ATOM   789  C  CA  . ILE A 1 94  ? 2.363   -10.502 5.800   1.00 10.22 ? 94   ILE A CA  1 
ATOM   790  C  C   . ILE A 1 94  ? 2.982   -11.617 4.972   1.00 10.31 ? 94   ILE A C   1 
ATOM   791  O  O   . ILE A 1 94  ? 4.118   -12.021 5.203   1.00 11.15 ? 94   ILE A O   1 
ATOM   792  C  CB  . ILE A 1 94  ? 2.192   -9.254  4.899   1.00 9.66  ? 94   ILE A CB  1 
ATOM   793  C  CG1 . ILE A 1 94  ? 3.568   -8.782  4.413   1.00 10.95 ? 94   ILE A CG1 1 
ATOM   794  C  CG2 . ILE A 1 94  ? 1.492   -8.140  5.669   1.00 10.37 ? 94   ILE A CG2 1 
ATOM   795  C  CD1 . ILE A 1 94  ? 3.560   -7.432  3.687   1.00 10.78 ? 94   ILE A CD1 1 
ATOM   796  N  N   . LYS A 1 95  ? 2.213   -12.125 4.015   1.00 10.94 ? 95   LYS A N   1 
ATOM   797  C  CA  . LYS A 1 95  ? 2.690   -13.160 3.098   1.00 11.15 ? 95   LYS A CA  1 
ATOM   798  C  C   . LYS A 1 95  ? 2.084   -12.854 1.733   1.00 10.66 ? 95   LYS A C   1 
ATOM   799  O  O   . LYS A 1 95  ? 0.943   -12.390 1.644   1.00 11.98 ? 95   LYS A O   1 
ATOM   800  C  CB  . LYS A 1 95  ? 2.281   -14.559 3.569   1.00 13.44 ? 95   LYS A CB  1 
ATOM   801  C  CG  . LYS A 1 95  ? 0.797   -14.836 3.552   1.00 15.85 ? 95   LYS A CG  1 
ATOM   802  C  CD  . LYS A 1 95  ? 0.522   -16.332 3.627   1.00 19.80 ? 95   LYS A CD  1 
ATOM   803  C  CE  . LYS A 1 95  ? -0.971  -16.612 3.657   1.00 18.81 ? 95   LYS A CE  1 
ATOM   804  N  NZ  . LYS A 1 95  ? -1.252  -18.023 4.032   1.00 22.84 ? 95   LYS A NZ  1 
ATOM   805  N  N   . PRO A 1 96  ? 2.835   -13.105 0.650   1.00 11.31 ? 96   PRO A N   1 
ATOM   806  C  CA  . PRO A 1 96  ? 2.295   -12.811 -0.681  1.00 11.31 ? 96   PRO A CA  1 
ATOM   807  C  C   . PRO A 1 96  ? 1.178   -13.712 -1.181  1.00 12.09 ? 96   PRO A C   1 
ATOM   808  O  O   . PRO A 1 96  ? 1.152   -14.907 -0.891  1.00 12.36 ? 96   PRO A O   1 
ATOM   809  C  CB  . PRO A 1 96  ? 3.525   -12.908 -1.577  1.00 10.73 ? 96   PRO A CB  1 
ATOM   810  C  CG  . PRO A 1 96  ? 4.287   -14.008 -0.936  1.00 12.10 ? 96   PRO A CG  1 
ATOM   811  C  CD  . PRO A 1 96  ? 4.192   -13.672 0.544   1.00 11.05 ? 96   PRO A CD  1 
ATOM   812  N  N   . ILE A 1 97  ? 0.265   -13.115 -1.942  1.00 11.96 ? 97   ILE A N   1 
ATOM   813  C  CA  . ILE A 1 97  ? -0.843  -13.830 -2.562  1.00 13.56 ? 97   ILE A CA  1 
ATOM   814  C  C   . ILE A 1 97  ? -0.653  -13.712 -4.072  1.00 14.00 ? 97   ILE A C   1 
ATOM   815  O  O   . ILE A 1 97  ? -0.774  -14.693 -4.807  1.00 13.53 ? 97   ILE A O   1 
ATOM   816  C  CB  . ILE A 1 97  ? -2.212  -13.219 -2.189  1.00 14.41 ? 97   ILE A CB  1 
ATOM   817  C  CG1 . ILE A 1 97  ? -2.370  -13.199 -0.666  1.00 16.99 ? 97   ILE A CG1 1 
ATOM   818  C  CG2 . ILE A 1 97  ? -3.335  -14.017 -2.844  1.00 17.49 ? 97   ILE A CG2 1 
ATOM   819  C  CD1 . ILE A 1 97  ? -2.690  -14.544 -0.051  1.00 19.95 ? 97   ILE A CD1 1 
ATOM   820  N  N   . LYS A 1 98  ? -0.333  -12.506 -4.525  1.00 13.65 ? 98   LYS A N   1 
ATOM   821  C  CA  . LYS A 1 98  ? -0.236  -12.179 -5.943  1.00 15.44 ? 98   LYS A CA  1 
ATOM   822  C  C   . LYS A 1 98  ? 0.815   -11.094 -6.201  1.00 15.20 ? 98   LYS A C   1 
ATOM   823  O  O   . LYS A 1 98  ? 0.887   -10.082 -5.519  1.00 14.57 ? 98   LYS A O   1 
ATOM   824  C  CB  . LYS A 1 98  ? -1.606  -11.685 -6.403  1.00 17.70 ? 98   LYS A CB  1 
ATOM   825  C  CG  . LYS A 1 98  ? -1.953  -12.159 -7.815  1.00 21.78 ? 98   LYS A CG  1 
ATOM   826  C  CD  . LYS A 1 98  ? -3.461  -12.161 -8.067  1.00 23.27 ? 98   LYS A CD  1 
ATOM   827  C  CE  . LYS A 1 98  ? -3.934  -13.429 -8.784  1.00 26.20 ? 98   LYS A CE  1 
ATOM   828  N  NZ  . LYS A 1 98  ? -3.701  -13.296 -10.220 1.00 30.05 ? 98   LYS A NZ  1 
ATOM   829  N  N   . ILE A 1 99  ? 1.681   -11.358 -7.199  1.00 14.85 ? 99   ILE A N   1 
ATOM   830  C  CA  . ILE A 1 99  ? 2.638   -10.339 -7.610  1.00 15.90 ? 99   ILE A CA  1 
ATOM   831  C  C   . ILE A 1 99  ? 2.481   -10.000 -9.093  1.00 17.11 ? 99   ILE A C   1 
ATOM   832  O  O   . ILE A 1 99  ? 2.594   -10.848 -9.970  1.00 18.15 ? 99   ILE A O   1 
ATOM   833  C  CB  . ILE A 1 99  ? 4.045   -10.877 -7.345  1.00 15.36 ? 99   ILE A CB  1 
ATOM   834  C  CG1 . ILE A 1 99  ? 4.188   -11.293 -5.878  1.00 17.27 ? 99   ILE A CG1 1 
ATOM   835  C  CG2 . ILE A 1 99  ? 5.084   -9.780  -7.629  1.00 16.46 ? 99   ILE A CG2 1 
ATOM   836  C  CD1 . ILE A 1 99  ? 4.379   -10.095 -4.948  1.00 17.75 ? 99   ILE A CD1 1 
ATOM   837  N  N   . GLY A 1 100 ? 2.170   -8.718  -9.356  1.00 18.58 ? 100  GLY A N   1 
ATOM   838  C  CA  . GLY A 1 100 ? 1.961   -8.298  -10.734 1.00 19.63 ? 100  GLY A CA  1 
ATOM   839  C  C   . GLY A 1 100 ? 2.315   -6.825  -10.938 1.00 21.59 ? 100  GLY A C   1 
ATOM   840  O  O   . GLY A 1 100 ? 3.176   -6.258  -10.275 1.00 22.58 ? 100  GLY A O   1 
ATOM   841  N  N   . GLU A 1 101 ? 1.637   -6.211  -11.925 1.00 21.80 ? 101  GLU A N   1 
ATOM   842  C  CA  . GLU A 1 101 ? 1.944   -4.828  -12.261 1.00 23.37 ? 101  GLU A CA  1 
ATOM   843  C  C   . GLU A 1 101 ? 0.930   -4.248  -13.248 1.00 23.40 ? 101  GLU A C   1 
ATOM   844  O  O   . GLU A 1 101 ? 0.963   -4.508  -14.445 1.00 24.75 ? 101  GLU A O   1 
ATOM   845  C  CB  . GLU A 1 101 ? 3.345   -4.793  -12.878 1.00 26.11 ? 101  GLU A CB  1 
ATOM   846  C  CG  . GLU A 1 101 ? 4.111   -3.512  -12.544 1.00 30.63 ? 101  GLU A CG  1 
ATOM   847  C  CD  . GLU A 1 101 ? 4.325   -2.715  -13.811 1.00 32.82 ? 101  GLU A CD  1 
ATOM   848  O  OE1 . GLU A 1 101 ? 3.371   -2.528  -14.549 1.00 35.41 ? 101  GLU A OE1 1 
ATOM   849  O  OE2 . GLU A 1 101 ? 5.454   -2.284  -14.048 1.00 34.87 ? 101  GLU A OE2 1 
ATOM   850  N  N   . ILE A 1 102 ? -0.027  -3.474  -12.704 1.00 21.12 ? 102  ILE A N   1 
ATOM   851  C  CA  . ILE A 1 102 ? -0.997  -2.818  -13.573 1.00 19.92 ? 102  ILE A CA  1 
ATOM   852  C  C   . ILE A 1 102 ? -1.109  -1.321  -13.271 1.00 18.37 ? 102  ILE A C   1 
ATOM   853  O  O   . ILE A 1 102 ? -1.026  -0.875  -12.134 1.00 17.29 ? 102  ILE A O   1 
ATOM   854  C  CB  . ILE A 1 102 ? -2.355  -3.503  -13.399 1.00 20.57 ? 102  ILE A CB  1 
ATOM   855  C  CG1 . ILE A 1 102 ? -2.872  -3.323  -11.969 1.00 21.11 ? 102  ILE A CG1 1 
ATOM   856  C  CG2 . ILE A 1 102 ? -2.212  -5.013  -13.661 1.00 22.63 ? 102  ILE A CG2 1 
ATOM   857  C  CD1 . ILE A 1 102 ? -4.363  -3.651  -11.848 1.00 23.17 ? 102  ILE A CD1 1 
ATOM   858  N  N   . ASN A 1 103 ? -1.249  -0.511  -14.336 1.00 15.52 ? 103  ASN A N   1 
ATOM   859  C  CA  . ASN A 1 103 ? -1.394  0.923   -14.106 1.00 15.28 ? 103  ASN A CA  1 
ATOM   860  C  C   . ASN A 1 103 ? -2.667  1.235   -13.310 1.00 13.84 ? 103  ASN A C   1 
ATOM   861  O  O   . ASN A 1 103 ? -3.748  0.726   -13.579 1.00 14.12 ? 103  ASN A O   1 
ATOM   862  C  CB  . ASN A 1 103 ? -1.439  1.641   -15.454 1.00 16.61 ? 103  ASN A CB  1 
ATOM   863  C  CG  . ASN A 1 103 ? -0.077  1.595   -16.100 1.00 19.51 ? 103  ASN A CG  1 
ATOM   864  O  OD1 . ASN A 1 103 ? 0.951   1.856   -15.481 1.00 23.24 ? 103  ASN A OD1 1 
ATOM   865  N  ND2 . ASN A 1 103 ? -0.088  1.317   -17.414 1.00 21.57 ? 103  ASN A ND2 1 
ATOM   866  N  N   . PHE A 1 104 ? -2.542  2.111   -12.323 1.00 12.93 ? 104  PHE A N   1 
ATOM   867  C  CA  . PHE A 1 104 ? -3.665  2.472   -11.470 1.00 12.06 ? 104  PHE A CA  1 
ATOM   868  C  C   . PHE A 1 104 ? -4.639  3.491   -12.055 1.00 12.47 ? 104  PHE A C   1 
ATOM   869  O  O   . PHE A 1 104 ? -5.851  3.346   -11.918 1.00 11.98 ? 104  PHE A O   1 
ATOM   870  C  CB  . PHE A 1 104 ? -3.140  3.010   -10.133 1.00 12.33 ? 104  PHE A CB  1 
ATOM   871  C  CG  . PHE A 1 104 ? -4.223  3.323   -9.142  1.00 10.43 ? 104  PHE A CG  1 
ATOM   872  C  CD1 . PHE A 1 104 ? -4.837  2.306   -8.418  1.00 12.44 ? 104  PHE A CD1 1 
ATOM   873  C  CD2 . PHE A 1 104 ? -4.658  4.630   -8.963  1.00 12.17 ? 104  PHE A CD2 1 
ATOM   874  C  CE1 . PHE A 1 104 ? -5.876  2.586   -7.530  1.00 11.86 ? 104  PHE A CE1 1 
ATOM   875  C  CE2 . PHE A 1 104 ? -5.697  4.925   -8.078  1.00 12.39 ? 104  PHE A CE2 1 
ATOM   876  C  CZ  . PHE A 1 104 ? -6.308  3.899   -7.362  1.00 13.52 ? 104  PHE A CZ  1 
ATOM   877  N  N   . LYS A 1 105 ? -4.112  4.517   -12.709 1.00 11.45 ? 105  LYS A N   1 
ATOM   878  C  CA  . LYS A 1 105 ? -4.954  5.572   -13.260 1.00 12.66 ? 105  LYS A CA  1 
ATOM   879  C  C   . LYS A 1 105 ? -6.188  5.124   -14.043 1.00 12.46 ? 105  LYS A C   1 
ATOM   880  O  O   . LYS A 1 105 ? -7.277  5.651   -13.832 1.00 12.67 ? 105  LYS A O   1 
ATOM   881  C  CB  . LYS A 1 105 ? -4.107  6.532   -14.100 1.00 14.11 ? 105  LYS A CB  1 
ATOM   882  C  CG  . LYS A 1 105 ? -3.346  7.548   -13.250 1.00 18.89 ? 105  LYS A CG  1 
ATOM   883  C  CD  . LYS A 1 105 ? -2.541  8.510   -14.105 1.00 21.39 ? 105  LYS A CD  1 
ATOM   884  C  CE  . LYS A 1 105 ? -1.520  9.271   -13.275 1.00 25.27 ? 105  LYS A CE  1 
ATOM   885  N  NZ  . LYS A 1 105 ? -0.540  9.990   -14.142 1.00 26.94 ? 105  LYS A NZ  1 
ATOM   886  N  N   . PRO A 1 106 ? -6.047  4.140   -14.944 1.00 12.07 ? 106  PRO A N   1 
ATOM   887  C  CA  . PRO A 1 106 ? -7.263  3.826   -15.707 1.00 12.87 ? 106  PRO A CA  1 
ATOM   888  C  C   . PRO A 1 106 ? -8.389  3.245   -14.832 1.00 12.78 ? 106  PRO A C   1 
ATOM   889  O  O   . PRO A 1 106 ? -9.511  3.037   -15.275 1.00 12.01 ? 106  PRO A O   1 
ATOM   890  C  CB  . PRO A 1 106 ? -6.892  2.832   -16.806 1.00 12.14 ? 106  PRO A CB  1 
ATOM   891  C  CG  . PRO A 1 106 ? -5.375  2.672   -16.806 1.00 14.37 ? 106  PRO A CG  1 
ATOM   892  C  CD  . PRO A 1 106 ? -4.995  3.224   -15.355 1.00 12.90 ? 106  PRO A CD  1 
ATOM   893  N  N   . LEU A 1 107 ? -8.107  3.024   -13.531 1.00 13.23 ? 107  LEU A N   1 
ATOM   894  C  CA  . LEU A 1 107 ? -9.057  2.240   -12.747 1.00 12.18 ? 107  LEU A CA  1 
ATOM   895  C  C   . LEU A 1 107 ? -9.974  3.122   -11.896 1.00 12.30 ? 107  LEU A C   1 
ATOM   896  O  O   . LEU A 1 107 ? -10.988 2.690   -11.363 1.00 12.16 ? 107  LEU A O   1 
ATOM   897  C  CB  . LEU A 1 107 ? -8.256  1.312   -11.832 1.00 14.03 ? 107  LEU A CB  1 
ATOM   898  C  CG  . LEU A 1 107 ? -8.153  -0.108  -12.382 1.00 15.79 ? 107  LEU A CG  1 
ATOM   899  C  CD1 . LEU A 1 107 ? -7.122  -0.226  -13.507 1.00 17.42 ? 107  LEU A CD1 1 
ATOM   900  C  CD2 . LEU A 1 107 ? -7.748  -1.125  -11.316 1.00 18.45 ? 107  LEU A CD2 1 
ATOM   901  N  N   . ILE A 1 108 ? -9.566  4.393   -11.745 1.00 14.07 ? 108  ILE A N   1 
ATOM   902  C  CA  . ILE A 1 108 ? -10.256 5.267   -10.804 1.00 14.89 ? 108  ILE A CA  1 
ATOM   903  C  C   . ILE A 1 108 ? -11.781 5.326   -11.012 1.00 14.51 ? 108  ILE A C   1 
ATOM   904  O  O   . ILE A 1 108 ? -12.559 5.399   -10.071 1.00 15.45 ? 108  ILE A O   1 
ATOM   905  C  CB  . ILE A 1 108 ? -9.639  6.667   -10.894 1.00 16.40 ? 108  ILE A CB  1 
ATOM   906  C  CG1 . ILE A 1 108 ? -9.872  7.270   -12.280 1.00 18.63 ? 108  ILE A CG1 1 
ATOM   907  C  CG2 . ILE A 1 108 ? -8.117  6.583   -10.665 1.00 15.59 ? 108  ILE A CG2 1 
ATOM   908  C  CD1 . ILE A 1 108 ? -9.547  8.766   -12.323 1.00 22.53 ? 108  ILE A CD1 1 
ATOM   909  N  N   . ASN A 1 109 ? -12.203 5.325   -12.294 1.00 14.17 ? 109  ASN A N   1 
ATOM   910  C  CA  . ASN A 1 109 ? -13.627 5.523   -12.580 1.00 14.29 ? 109  ASN A CA  1 
ATOM   911  C  C   . ASN A 1 109 ? -14.517 4.407   -12.016 1.00 12.80 ? 109  ASN A C   1 
ATOM   912  O  O   . ASN A 1 109 ? -15.713 4.570   -11.816 1.00 15.03 ? 109  ASN A O   1 
ATOM   913  C  CB  . ASN A 1 109 ? -13.806 5.626   -14.096 1.00 15.88 ? 109  ASN A CB  1 
ATOM   914  C  CG  . ASN A 1 109 ? -13.474 7.029   -14.544 1.00 16.83 ? 109  ASN A CG  1 
ATOM   915  O  OD1 . ASN A 1 109 ? -13.879 8.019   -13.942 1.00 17.35 ? 109  ASN A OD1 1 
ATOM   916  N  ND2 . ASN A 1 109 ? -12.699 7.105   -15.639 1.00 21.08 ? 109  ASN A ND2 1 
ATOM   917  N  N   . ASP A 1 110 ? -13.866 3.271   -11.789 1.00 11.64 ? 110  ASP A N   1 
ATOM   918  C  CA  . ASP A 1 110 ? -14.572 2.091   -11.324 1.00 11.71 ? 110  ASP A CA  1 
ATOM   919  C  C   . ASP A 1 110 ? -14.244 1.640   -9.913  1.00 12.97 ? 110  ASP A C   1 
ATOM   920  O  O   . ASP A 1 110 ? -14.705 0.592   -9.468  1.00 15.67 ? 110  ASP A O   1 
ATOM   921  C  CB  . ASP A 1 110 ? -14.345 0.966   -12.325 1.00 11.62 ? 110  ASP A CB  1 
ATOM   922  C  CG  . ASP A 1 110 ? -14.943 1.291   -13.674 1.00 11.96 ? 110  ASP A CG  1 
ATOM   923  O  OD1 . ASP A 1 110 ? -16.180 1.189   -13.800 1.00 15.06 ? 110  ASP A OD1 1 
ATOM   924  O  OD2 . ASP A 1 110 ? -14.192 1.675   -14.591 1.00 12.96 ? 110  ASP A OD2 1 
ATOM   925  N  N   . LEU A 1 111 ? -13.453 2.442   -9.211  1.00 12.72 ? 111  LEU A N   1 
ATOM   926  C  CA  . LEU A 1 111 ? -13.093 2.145   -7.831  1.00 12.04 ? 111  LEU A CA  1 
ATOM   927  C  C   . LEU A 1 111 ? -13.966 3.007   -6.933  1.00 11.70 ? 111  LEU A C   1 
ATOM   928  O  O   . LEU A 1 111 ? -13.871 4.231   -6.940  1.00 12.23 ? 111  LEU A O   1 
ATOM   929  C  CB  . LEU A 1 111 ? -11.611 2.445   -7.584  1.00 12.10 ? 111  LEU A CB  1 
ATOM   930  C  CG  . LEU A 1 111 ? -10.661 1.400   -8.173  1.00 11.92 ? 111  LEU A CG  1 
ATOM   931  C  CD1 . LEU A 1 111 ? -9.230  1.892   -8.074  1.00 12.93 ? 111  LEU A CD1 1 
ATOM   932  C  CD2 . LEU A 1 111 ? -10.829 0.074   -7.435  1.00 13.66 ? 111  LEU A CD2 1 
ATOM   933  N  N   . LYS A 1 112 ? -14.825 2.352   -6.165  1.00 12.54 ? 112  LYS A N   1 
ATOM   934  C  CA  . LYS A 1 112 ? -15.746 3.034   -5.273  1.00 15.30 ? 112  LYS A CA  1 
ATOM   935  C  C   . LYS A 1 112 ? -15.079 3.905   -4.211  1.00 14.39 ? 112  LYS A C   1 
ATOM   936  O  O   . LYS A 1 112 ? -15.617 4.950   -3.850  1.00 16.03 ? 112  LYS A O   1 
ATOM   937  C  CB  . LYS A 1 112 ? -16.655 2.003   -4.600  1.00 18.93 ? 112  LYS A CB  1 
ATOM   938  C  CG  . LYS A 1 112 ? -17.775 2.593   -3.764  1.00 23.22 ? 112  LYS A CG  1 
ATOM   939  C  CD  . LYS A 1 112 ? -18.664 1.494   -3.205  1.00 27.00 ? 112  LYS A CD  1 
ATOM   940  C  CE  . LYS A 1 112 ? -19.861 2.075   -2.471  1.00 29.20 ? 112  LYS A CE  1 
ATOM   941  N  NZ  . LYS A 1 112 ? -20.802 1.008   -2.028  1.00 30.78 ? 112  LYS A NZ  1 
ATOM   942  N  N   . PHE A 1 113 ? -13.914 3.504   -3.709  1.00 13.86 ? 113  PHE A N   1 
ATOM   943  C  CA  . PHE A 1 113 ? -13.287 4.322   -2.677  1.00 14.16 ? 113  PHE A CA  1 
ATOM   944  C  C   . PHE A 1 113 ? -12.813 5.672   -3.216  1.00 13.89 ? 113  PHE A C   1 
ATOM   945  O  O   . PHE A 1 113 ? -12.545 6.598   -2.453  1.00 14.91 ? 113  PHE A O   1 
ATOM   946  C  CB  . PHE A 1 113 ? -12.154 3.561   -1.962  1.00 14.93 ? 113  PHE A CB  1 
ATOM   947  C  CG  . PHE A 1 113 ? -10.801 3.714   -2.591  1.00 14.57 ? 113  PHE A CG  1 
ATOM   948  C  CD1 . PHE A 1 113 ? -10.401 2.893   -3.639  1.00 14.37 ? 113  PHE A CD1 1 
ATOM   949  C  CD2 . PHE A 1 113 ? -9.903  4.651   -2.095  1.00 14.95 ? 113  PHE A CD2 1 
ATOM   950  C  CE1 . PHE A 1 113 ? -9.119  3.003   -4.175  1.00 14.96 ? 113  PHE A CE1 1 
ATOM   951  C  CE2 . PHE A 1 113 ? -8.624  4.770   -2.625  1.00 15.04 ? 113  PHE A CE2 1 
ATOM   952  C  CZ  . PHE A 1 113 ? -8.232  3.943   -3.666  1.00 14.46 ? 113  PHE A CZ  1 
ATOM   953  N  N   . ILE A 1 114 ? -12.711 5.793   -4.536  1.00 13.79 ? 114  ILE A N   1 
ATOM   954  C  CA  . ILE A 1 114 ? -12.328 7.069   -5.132  1.00 14.18 ? 114  ILE A CA  1 
ATOM   955  C  C   . ILE A 1 114 ? -13.646 7.817   -5.351  1.00 14.40 ? 114  ILE A C   1 
ATOM   956  O  O   . ILE A 1 114 ? -14.291 7.686   -6.397  1.00 14.89 ? 114  ILE A O   1 
ATOM   957  C  CB  . ILE A 1 114 ? -11.597 6.874   -6.480  1.00 13.81 ? 114  ILE A CB  1 
ATOM   958  C  CG1 . ILE A 1 114 ? -10.332 6.037   -6.256  1.00 15.98 ? 114  ILE A CG1 1 
ATOM   959  C  CG2 . ILE A 1 114 ? -11.234 8.227   -7.086  1.00 13.96 ? 114  ILE A CG2 1 
ATOM   960  C  CD1 . ILE A 1 114 ? -9.252  6.735   -5.479  1.00 18.07 ? 114  ILE A CD1 1 
ATOM   961  N  N   . LYS A 1 115 ? -14.053 8.578   -4.340  1.00 14.45 ? 115  LYS A N   1 
ATOM   962  C  CA  . LYS A 1 115 ? -15.316 9.324   -4.417  1.00 16.40 ? 115  LYS A CA  1 
ATOM   963  C  C   . LYS A 1 115 ? -15.186 10.536  -5.351  1.00 16.50 ? 115  LYS A C   1 
ATOM   964  O  O   . LYS A 1 115 ? -16.086 10.909  -6.083  1.00 17.81 ? 115  LYS A O   1 
ATOM   965  C  CB  . LYS A 1 115 ? -15.649 9.836   -3.013  1.00 18.14 ? 115  LYS A CB  1 
ATOM   966  C  CG  . LYS A 1 115 ? -16.001 8.730   -2.012  1.00 23.03 ? 115  LYS A CG  1 
ATOM   967  C  CD  . LYS A 1 115 ? -16.582 9.316   -0.716  1.00 25.63 ? 115  LYS A CD  1 
ATOM   968  C  CE  . LYS A 1 115 ? -16.512 8.338   0.461   1.00 27.98 ? 115  LYS A CE  1 
ATOM   969  N  NZ  . LYS A 1 115 ? -15.118 8.038   0.768   1.00 30.47 ? 115  LYS A NZ  1 
ATOM   970  N  N   . ASN A 1 116 ? -14.015 11.174  -5.236  1.00 16.10 ? 116  ASN A N   1 
ATOM   971  C  CA  . ASN A 1 116 ? -13.748 12.367  -6.040  1.00 18.43 ? 116  ASN A CA  1 
ATOM   972  C  C   . ASN A 1 116 ? -12.914 12.056  -7.291  1.00 17.93 ? 116  ASN A C   1 
ATOM   973  O  O   . ASN A 1 116 ? -11.690 12.068  -7.271  1.00 17.50 ? 116  ASN A O   1 
ATOM   974  C  CB  . ASN A 1 116 ? -13.014 13.380  -5.161  1.00 20.98 ? 116  ASN A CB  1 
ATOM   975  C  CG  . ASN A 1 116 ? -13.797 13.607  -3.895  1.00 23.98 ? 116  ASN A CG  1 
ATOM   976  O  OD1 . ASN A 1 116 ? -15.025 13.627  -3.886  1.00 26.28 ? 116  ASN A OD1 1 
ATOM   977  N  ND2 . ASN A 1 116 ? -13.052 13.780  -2.790  1.00 25.01 ? 116  ASN A ND2 1 
ATOM   978  N  N   . LYS A 1 117 ? -13.631 11.759  -8.409  1.00 17.62 ? 117  LYS A N   1 
ATOM   979  C  CA  . LYS A 1 117 ? -12.959 11.284  -9.633  1.00 19.65 ? 117  LYS A CA  1 
ATOM   980  C  C   . LYS A 1 117 ? -12.024 12.335  -10.249 1.00 20.47 ? 117  LYS A C   1 
ATOM   981  O  O   . LYS A 1 117 ? -10.943 12.036  -10.742 1.00 23.28 ? 117  LYS A O   1 
ATOM   982  C  CB  . LYS A 1 117 ? -14.012 10.874  -10.679 1.00 18.80 ? 117  LYS A CB  1 
ATOM   983  C  CG  . LYS A 1 117 ? -15.025 9.856   -10.153 1.00 18.09 ? 117  LYS A CG  1 
ATOM   984  C  CD  . LYS A 1 117 ? -14.377 8.539   -9.712  1.00 15.93 ? 117  LYS A CD  1 
ATOM   985  C  CE  . LYS A 1 117 ? -15.401 7.405   -9.604  1.00 15.15 ? 117  LYS A CE  1 
ATOM   986  N  NZ  . LYS A 1 117 ? -14.848 6.313   -8.821  1.00 13.86 ? 117  LYS A NZ  1 
ATOM   987  N  N   . LYS A 1 118 ? -12.437 13.598  -10.217 1.00 21.09 ? 118  LYS A N   1 
ATOM   988  C  CA  . LYS A 1 118 ? -11.636 14.658  -10.851 1.00 22.57 ? 118  LYS A CA  1 
ATOM   989  C  C   . LYS A 1 118 ? -10.248 14.854  -10.203 1.00 22.65 ? 118  LYS A C   1 
ATOM   990  O  O   . LYS A 1 118 ? -9.272  15.195  -10.858 1.00 25.69 ? 118  LYS A O   1 
ATOM   991  C  CB  . LYS A 1 118 ? -12.433 15.960  -10.782 1.00 23.76 ? 118  LYS A CB  1 
ATOM   992  C  CG  . LYS A 1 118 ? -13.611 15.973  -11.760 1.00 27.29 ? 118  LYS A CG  1 
ATOM   993  C  CD  . LYS A 1 118 ? -13.171 15.695  -13.198 1.00 28.83 ? 118  LYS A CD  1 
ATOM   994  C  CE  . LYS A 1 118 ? -14.348 15.669  -14.178 1.00 30.54 ? 118  LYS A CE  1 
ATOM   995  N  NZ  . LYS A 1 118 ? -13.921 15.080  -15.446 1.00 32.73 ? 118  LYS A NZ  1 
ATOM   996  N  N   . ARG A 1 119 ? -10.110 14.635  -8.900  1.00 20.94 ? 119  ARG A N   1 
ATOM   997  C  CA  . ARG A 1 119 ? -8.827  14.736  -8.252  1.00 20.66 ? 119  ARG A CA  1 
ATOM   998  C  C   . ARG A 1 119 ? -8.624  13.523  -7.371  1.00 18.61 ? 119  ARG A C   1 
ATOM   999  O  O   . ARG A 1 119 ? -8.579  13.609  -6.151  1.00 18.87 ? 119  ARG A O   1 
ATOM   1000 C  CB  . ARG A 1 119 ? -8.818  16.007  -7.401  1.00 23.52 ? 119  ARG A CB  1 
ATOM   1001 C  CG  . ARG A 1 119 ? -7.405  16.535  -7.161  1.00 27.48 ? 119  ARG A CG  1 
ATOM   1002 C  CD  . ARG A 1 119 ? -7.401  18.021  -6.784  1.00 30.63 ? 119  ARG A CD  1 
ATOM   1003 N  NE  . ARG A 1 119 ? -7.125  18.850  -7.961  1.00 34.07 ? 119  ARG A NE  1 
ATOM   1004 C  CZ  . ARG A 1 119 ? -7.382  20.167  -7.863  1.00 35.63 ? 119  ARG A CZ  1 
ATOM   1005 N  NH1 . ARG A 1 119 ? -7.850  20.670  -6.734  1.00 36.93 ? 119  ARG A NH1 1 
ATOM   1006 N  NH2 . ARG A 1 119 ? -7.177  20.961  -8.917  1.00 36.72 ? 119  ARG A NH2 1 
ATOM   1007 N  N   . TRP A 1 120 ? -8.518  12.372  -8.021  1.00 17.15 ? 120  TRP A N   1 
ATOM   1008 C  CA  . TRP A 1 120 ? -8.381  11.103  -7.321  1.00 16.89 ? 120  TRP A CA  1 
ATOM   1009 C  C   . TRP A 1 120 ? -7.242  11.063  -6.310  1.00 17.28 ? 120  TRP A C   1 
ATOM   1010 O  O   . TRP A 1 120 ? -7.344  10.387  -5.288  1.00 15.60 ? 120  TRP A O   1 
ATOM   1011 C  CB  . TRP A 1 120 ? -8.196  9.967   -8.325  1.00 16.65 ? 120  TRP A CB  1 
ATOM   1012 C  CG  . TRP A 1 120 ? -6.922  10.055  -9.107  1.00 17.80 ? 120  TRP A CG  1 
ATOM   1013 C  CD1 . TRP A 1 120 ? -6.702  10.781  -10.243 1.00 19.86 ? 120  TRP A CD1 1 
ATOM   1014 C  CD2 . TRP A 1 120 ? -5.680  9.413   -8.794  1.00 18.42 ? 120  TRP A CD2 1 
ATOM   1015 N  NE1 . TRP A 1 120 ? -5.399  10.630  -10.656 1.00 21.39 ? 120  TRP A NE1 1 
ATOM   1016 C  CE2 . TRP A 1 120 ? -4.750  9.796   -9.784  1.00 19.41 ? 120  TRP A CE2 1 
ATOM   1017 C  CE3 . TRP A 1 120 ? -5.264  8.554   -7.770  1.00 17.37 ? 120  TRP A CE3 1 
ATOM   1018 C  CZ2 . TRP A 1 120 ? -3.424  9.346   -9.782  1.00 20.00 ? 120  TRP A CZ2 1 
ATOM   1019 C  CZ3 . TRP A 1 120 ? -3.946  8.107   -7.768  1.00 17.62 ? 120  TRP A CZ3 1 
ATOM   1020 C  CH2 . TRP A 1 120 ? -3.043  8.504   -8.769  1.00 18.90 ? 120  TRP A CH2 1 
ATOM   1021 N  N   . SER A 1 121 ? -6.167  11.789  -6.595  1.00 17.90 ? 121  SER A N   1 
ATOM   1022 C  CA  . SER A 1 121 ? -5.002  11.809  -5.716  1.00 19.79 ? 121  SER A CA  1 
ATOM   1023 C  C   . SER A 1 121 ? -5.299  12.264  -4.290  1.00 19.76 ? 121  SER A C   1 
ATOM   1024 O  O   . SER A 1 121 ? -4.552  11.929  -3.367  1.00 20.29 ? 121  SER A O   1 
ATOM   1025 C  CB  . SER A 1 121 ? -3.906  12.695  -6.316  1.00 21.67 ? 121  SER A CB  1 
ATOM   1026 O  OG  . SER A 1 121 ? -4.326  14.046  -6.395  1.00 25.10 ? 121  SER A OG  1 
ATOM   1027 N  N   . MET A 1 122 ? -6.379  13.015  -4.100  1.00 19.60 ? 122  MET A N   1 
ATOM   1028 C  CA  . MET A 1 122 ? -6.723  13.501  -2.768  1.00 19.72 ? 122  MET A CA  1 
ATOM   1029 C  C   . MET A 1 122 ? -7.037  12.356  -1.813  1.00 18.97 ? 122  MET A C   1 
ATOM   1030 O  O   . MET A 1 122 ? -6.947  12.512  -0.598  1.00 19.42 ? 122  MET A O   1 
ATOM   1031 C  CB  . MET A 1 122 ? -7.915  14.466  -2.822  1.00 22.59 ? 122  MET A CB  1 
ATOM   1032 C  CG  . MET A 1 122 ? -9.271  13.796  -2.952  1.00 25.21 ? 122  MET A CG  1 
ATOM   1033 S  SD  . MET A 1 122 ? -10.628 14.968  -2.717  1.00 29.24 ? 122  MET A SD  1 
ATOM   1034 C  CE  . MET A 1 122 ? -10.541 15.898  -4.241  1.00 29.58 ? 122  MET A CE  1 
ATOM   1035 N  N   . HIS A 1 123 ? -7.400  11.203  -2.365  1.00 16.97 ? 123  HIS A N   1 
ATOM   1036 C  CA  . HIS A 1 123 ? -7.716  10.041  -1.541  1.00 16.16 ? 123  HIS A CA  1 
ATOM   1037 C  C   . HIS A 1 123 ? -6.456  9.315   -1.074  1.00 15.39 ? 123  HIS A C   1 
ATOM   1038 O  O   . HIS A 1 123 ? -6.528  8.417   -0.239  1.00 17.20 ? 123  HIS A O   1 
ATOM   1039 C  CB  . HIS A 1 123 ? -8.629  9.083   -2.316  1.00 16.82 ? 123  HIS A CB  1 
ATOM   1040 C  CG  . HIS A 1 123 ? -9.994  9.640   -2.579  1.00 17.08 ? 123  HIS A CG  1 
ATOM   1041 N  ND1 . HIS A 1 123 ? -10.909 9.869   -1.574  1.00 17.27 ? 123  HIS A ND1 1 
ATOM   1042 C  CD2 . HIS A 1 123 ? -10.582 10.057  -3.725  1.00 17.52 ? 123  HIS A CD2 1 
ATOM   1043 C  CE1 . HIS A 1 123 ? -12.002 10.406  -2.088  1.00 18.25 ? 123  HIS A CE1 1 
ATOM   1044 N  NE2 . HIS A 1 123 ? -11.829 10.530  -3.392  1.00 17.97 ? 123  HIS A NE2 1 
ATOM   1045 N  N   . PHE A 1 124 ? -5.308  9.710   -1.616  1.00 14.31 ? 124  PHE A N   1 
ATOM   1046 C  CA  . PHE A 1 124 ? -4.031  9.103   -1.247  1.00 14.31 ? 124  PHE A CA  1 
ATOM   1047 C  C   . PHE A 1 124 ? -3.170  10.056  -0.434  1.00 14.84 ? 124  PHE A C   1 
ATOM   1048 O  O   . PHE A 1 124 ? -2.314  9.626   0.342   1.00 15.91 ? 124  PHE A O   1 
ATOM   1049 C  CB  . PHE A 1 124 ? -3.241  8.700   -2.491  1.00 14.51 ? 124  PHE A CB  1 
ATOM   1050 C  CG  . PHE A 1 124 ? -3.796  7.504   -3.199  1.00 13.92 ? 124  PHE A CG  1 
ATOM   1051 C  CD1 . PHE A 1 124 ? -4.988  7.587   -3.918  1.00 15.43 ? 124  PHE A CD1 1 
ATOM   1052 C  CD2 . PHE A 1 124 ? -3.128  6.289   -3.144  1.00 14.89 ? 124  PHE A CD2 1 
ATOM   1053 C  CE1 . PHE A 1 124 ? -5.500  6.467   -4.571  1.00 15.78 ? 124  PHE A CE1 1 
ATOM   1054 C  CE2 . PHE A 1 124 ? -3.633  5.164   -3.794  1.00 14.47 ? 124  PHE A CE2 1 
ATOM   1055 C  CZ  . PHE A 1 124 ? -4.820  5.254   -4.508  1.00 15.35 ? 124  PHE A CZ  1 
ATOM   1056 N  N   . PHE A 1 125 ? -3.394  11.351  -0.624  1.00 14.66 ? 125  PHE A N   1 
ATOM   1057 C  CA  . PHE A 1 125 ? -2.620  12.366  0.076   1.00 15.89 ? 125  PHE A CA  1 
ATOM   1058 C  C   . PHE A 1 125 ? -2.677  12.239  1.593   1.00 15.21 ? 125  PHE A C   1 
ATOM   1059 O  O   . PHE A 1 125 ? -3.752  12.128  2.181   1.00 17.02 ? 125  PHE A O   1 
ATOM   1060 C  CB  . PHE A 1 125 ? -3.089  13.765  -0.310  1.00 16.75 ? 125  PHE A CB  1 
ATOM   1061 C  CG  . PHE A 1 125 ? -2.256  14.852  0.293   1.00 18.47 ? 125  PHE A CG  1 
ATOM   1062 C  CD1 . PHE A 1 125 ? -0.983  15.113  -0.199  1.00 19.09 ? 125  PHE A CD1 1 
ATOM   1063 C  CD2 . PHE A 1 125 ? -2.714  15.571  1.388   1.00 18.94 ? 125  PHE A CD2 1 
ATOM   1064 C  CE1 . PHE A 1 125 ? -0.171  16.076  0.396   1.00 19.50 ? 125  PHE A CE1 1 
ATOM   1065 C  CE2 . PHE A 1 125 ? -1.911  16.536  1.990   1.00 18.60 ? 125  PHE A CE2 1 
ATOM   1066 C  CZ  . PHE A 1 125 ? -0.639  16.785  1.492   1.00 19.83 ? 125  PHE A CZ  1 
ATOM   1067 N  N   . GLY A 1 126 ? -1.504  12.259  2.215   1.00 17.79 ? 126  GLY A N   1 
ATOM   1068 C  CA  . GLY A 1 126 ? -1.422  12.167  3.662   1.00 18.00 ? 126  GLY A CA  1 
ATOM   1069 C  C   . GLY A 1 126 ? -1.952  10.879  4.258   1.00 18.35 ? 126  GLY A C   1 
ATOM   1070 O  O   . GLY A 1 126 ? -2.467  10.871  5.378   1.00 18.64 ? 126  GLY A O   1 
ATOM   1071 N  N   . LYS A 1 127 ? -1.827  9.782   3.519   1.00 16.57 ? 127  LYS A N   1 
ATOM   1072 C  CA  . LYS A 1 127 ? -2.300  8.492   4.001   1.00 16.61 ? 127  LYS A CA  1 
ATOM   1073 C  C   . LYS A 1 127 ? -1.286  7.396   3.728   1.00 13.96 ? 127  LYS A C   1 
ATOM   1074 O  O   . LYS A 1 127 ? -0.526  7.465   2.763   1.00 15.35 ? 127  LYS A O   1 
ATOM   1075 C  CB  . LYS A 1 127 ? -3.620  8.124   3.321   1.00 17.41 ? 127  LYS A CB  1 
ATOM   1076 C  CG  . LYS A 1 127 ? -4.753  9.103   3.578   1.00 21.06 ? 127  LYS A CG  1 
ATOM   1077 C  CD  . LYS A 1 127 ? -5.374  8.899   4.947   1.00 23.56 ? 127  LYS A CD  1 
ATOM   1078 C  CE  . LYS A 1 127 ? -6.213  10.107  5.350   1.00 26.12 ? 127  LYS A CE  1 
ATOM   1079 N  NZ  . LYS A 1 127 ? -7.306  10.379  4.372   1.00 27.97 ? 127  LYS A NZ  1 
ATOM   1080 N  N   . ALA A 1 128 ? -1.272  6.386   4.593   1.00 13.02 ? 128  ALA A N   1 
ATOM   1081 C  CA  . ALA A 1 128 ? -0.384  5.244   4.423   1.00 11.67 ? 128  ALA A CA  1 
ATOM   1082 C  C   . ALA A 1 128 ? -1.230  4.073   3.936   1.00 11.10 ? 128  ALA A C   1 
ATOM   1083 O  O   . ALA A 1 128 ? -0.770  3.231   3.172   1.00 10.68 ? 128  ALA A O   1 
ATOM   1084 C  CB  . ALA A 1 128 ? 0.296   4.888   5.749   1.00 11.62 ? 128  ALA A CB  1 
ATOM   1085 N  N   . MET A 1 129 ? -2.479  4.025   4.381   1.00 11.73 ? 129  MET A N   1 
ATOM   1086 C  CA  . MET A 1 129 ? -3.357  2.941   3.973   1.00 11.95 ? 129  MET A CA  1 
ATOM   1087 C  C   . MET A 1 129 ? -4.804  3.320   4.233   1.00 13.38 ? 129  MET A C   1 
ATOM   1088 O  O   . MET A 1 129 ? -5.094  4.187   5.055   1.00 14.32 ? 129  MET A O   1 
ATOM   1089 C  CB  . MET A 1 129 ? -3.000  1.662   4.747   1.00 13.22 ? 129  MET A CB  1 
ATOM   1090 C  CG  . MET A 1 129 ? -3.389  1.695   6.224   1.00 14.32 ? 129  MET A CG  1 
ATOM   1091 S  SD  . MET A 1 129 ? -2.697  0.307   7.161   1.00 12.46 ? 129  MET A SD  1 
ATOM   1092 C  CE  . MET A 1 129 ? -3.612  -1.070  6.474   1.00 14.31 ? 129  MET A CE  1 
ATOM   1093 N  N   . ARG A 1 130 ? -5.718  2.682   3.515   1.00 13.91 ? 130  ARG A N   1 
ATOM   1094 C  CA  . ARG A 1 130 ? -7.127  2.948   3.733   1.00 15.66 ? 130  ARG A CA  1 
ATOM   1095 C  C   . ARG A 1 130 ? -7.935  1.725   3.353   1.00 14.50 ? 130  ARG A C   1 
ATOM   1096 O  O   . ARG A 1 130 ? -7.491  0.892   2.558   1.00 13.47 ? 130  ARG A O   1 
ATOM   1097 C  CB  . ARG A 1 130 ? -7.585  4.175   2.944   1.00 18.83 ? 130  ARG A CB  1 
ATOM   1098 C  CG  . ARG A 1 130 ? -7.465  4.078   1.447   1.00 21.27 ? 130  ARG A CG  1 
ATOM   1099 C  CD  . ARG A 1 130 ? -7.823  5.422   0.838   1.00 25.05 ? 130  ARG A CD  1 
ATOM   1100 N  NE  . ARG A 1 130 ? -9.163  5.846   1.240   1.00 28.31 ? 130  ARG A NE  1 
ATOM   1101 C  CZ  . ARG A 1 130 ? -9.556  7.114   1.327   1.00 29.64 ? 130  ARG A CZ  1 
ATOM   1102 N  NH1 . ARG A 1 130 ? -8.713  8.096   1.043   1.00 30.61 ? 130  ARG A NH1 1 
ATOM   1103 N  NH2 . ARG A 1 130 ? -10.797 7.397   1.700   1.00 31.17 ? 130  ARG A NH2 1 
ATOM   1104 N  N   . GLU A 1 131 ? -9.118  1.607   3.940   1.00 14.21 ? 131  GLU A N   1 
ATOM   1105 C  CA  . GLU A 1 131 ? -9.971  0.466   3.669   1.00 15.07 ? 131  GLU A CA  1 
ATOM   1106 C  C   . GLU A 1 131 ? -10.523 0.473   2.248   1.00 14.44 ? 131  GLU A C   1 
ATOM   1107 O  O   . GLU A 1 131 ? -10.896 1.520   1.721   1.00 14.58 ? 131  GLU A O   1 
ATOM   1108 C  CB  . GLU A 1 131 ? -11.128 0.417   4.667   1.00 16.48 ? 131  GLU A CB  1 
ATOM   1109 C  CG  . GLU A 1 131 ? -12.032 -0.784  4.457   1.00 19.05 ? 131  GLU A CG  1 
ATOM   1110 C  CD  . GLU A 1 131 ? -13.125 -0.906  5.500   1.00 21.12 ? 131  GLU A CD  1 
ATOM   1111 O  OE1 . GLU A 1 131 ? -13.168 -0.075  6.432   1.00 21.24 ? 131  GLU A OE1 1 
ATOM   1112 O  OE2 . GLU A 1 131 ? -13.942 -1.843  5.381   1.00 22.51 ? 131  GLU A OE2 1 
ATOM   1113 N  N   . LEU A 1 132 ? -10.561 -0.710  1.644   1.00 13.48 ? 132  LEU A N   1 
ATOM   1114 C  CA  . LEU A 1 132 ? -11.078 -0.895  0.290   1.00 14.93 ? 132  LEU A CA  1 
ATOM   1115 C  C   . LEU A 1 132 ? -12.399 -1.640  0.340   1.00 15.30 ? 132  LEU A C   1 
ATOM   1116 O  O   . LEU A 1 132 ? -12.522 -2.645  1.039   1.00 15.30 ? 132  LEU A O   1 
ATOM   1117 C  CB  . LEU A 1 132 ? -10.129 -1.748  -0.548  1.00 16.18 ? 132  LEU A CB  1 
ATOM   1118 C  CG  . LEU A 1 132 ? -8.902  -1.172  -1.236  1.00 16.48 ? 132  LEU A CG  1 
ATOM   1119 C  CD1 . LEU A 1 132 ? -8.189  -2.306  -1.968  1.00 15.22 ? 132  LEU A CD1 1 
ATOM   1120 C  CD2 . LEU A 1 132 ? -9.320  -0.086  -2.214  1.00 15.18 ? 132  LEU A CD2 1 
ATOM   1121 N  N   . PRO A 1 133 ? -13.405 -1.158  -0.395  1.00 16.37 ? 133  PRO A N   1 
ATOM   1122 C  CA  . PRO A 1 133 ? -14.694 -1.852  -0.394  1.00 17.11 ? 133  PRO A CA  1 
ATOM   1123 C  C   . PRO A 1 133 ? -14.447 -3.212  -1.050  1.00 16.28 ? 133  PRO A C   1 
ATOM   1124 O  O   . PRO A 1 133 ? -13.560 -3.339  -1.897  1.00 15.80 ? 133  PRO A O   1 
ATOM   1125 C  CB  . PRO A 1 133 ? -15.569 -0.948  -1.256  1.00 18.92 ? 133  PRO A CB  1 
ATOM   1126 C  CG  . PRO A 1 133 ? -15.004 0.411   -0.996  1.00 19.41 ? 133  PRO A CG  1 
ATOM   1127 C  CD  . PRO A 1 133 ? -13.514 0.155   -1.052  1.00 17.73 ? 133  PRO A CD  1 
ATOM   1128 N  N   . GLU A 1 134 ? -15.219 -4.221  -0.667  1.00 16.99 ? 134  GLU A N   1 
ATOM   1129 C  CA  . GLU A 1 134 ? -15.041 -5.551  -1.231  1.00 17.67 ? 134  GLU A CA  1 
ATOM   1130 C  C   . GLU A 1 134 ? -15.067 -5.550  -2.759  1.00 15.46 ? 134  GLU A C   1 
ATOM   1131 O  O   . GLU A 1 134 ? -14.277 -6.242  -3.393  1.00 16.33 ? 134  GLU A O   1 
ATOM   1132 C  CB  . GLU A 1 134 ? -16.110 -6.505  -0.691  1.00 20.21 ? 134  GLU A CB  1 
ATOM   1133 C  CG  . GLU A 1 134 ? -15.887 -7.958  -1.076  1.00 24.71 ? 134  GLU A CG  1 
ATOM   1134 C  CD  . GLU A 1 134 ? -16.752 -8.912  -0.272  1.00 27.31 ? 134  GLU A CD  1 
ATOM   1135 O  OE1 . GLU A 1 134 ? -17.994 -8.802  -0.350  1.00 28.80 ? 134  GLU A OE1 1 
ATOM   1136 O  OE2 . GLU A 1 134 ? -16.184 -9.768  0.442   1.00 29.48 ? 134  GLU A OE2 1 
ATOM   1137 N  N   . GLU A 1 135 ? -15.967 -4.766  -3.348  1.00 16.25 ? 135  GLU A N   1 
ATOM   1138 C  CA  . GLU A 1 135 ? -16.067 -4.708  -4.805  1.00 16.72 ? 135  GLU A CA  1 
ATOM   1139 C  C   . GLU A 1 135 ? -14.790 -4.176  -5.458  1.00 14.73 ? 135  GLU A C   1 
ATOM   1140 O  O   . GLU A 1 135 ? -14.405 -4.623  -6.542  1.00 14.24 ? 135  GLU A O   1 
ATOM   1141 C  CB  . GLU A 1 135 ? -17.275 -3.861  -5.223  1.00 19.81 ? 135  GLU A CB  1 
ATOM   1142 C  CG  . GLU A 1 135 ? -17.110 -2.363  -5.048  1.00 25.22 ? 135  GLU A CG  1 
ATOM   1143 C  CD  . GLU A 1 135 ? -18.441 -1.632  -5.059  1.00 28.73 ? 135  GLU A CD  1 
ATOM   1144 O  OE1 . GLU A 1 135 ? -19.226 -1.815  -4.104  1.00 30.91 ? 135  GLU A OE1 1 
ATOM   1145 O  OE2 . GLU A 1 135 ? -18.708 -0.876  -6.020  1.00 30.25 ? 135  GLU A OE2 1 
ATOM   1146 N  N   . ASP A 1 136 ? -14.134 -3.224  -4.799  1.00 14.15 ? 136  ASP A N   1 
ATOM   1147 C  CA  . ASP A 1 136 ? -12.892 -2.664  -5.327  1.00 13.10 ? 136  ASP A CA  1 
ATOM   1148 C  C   . ASP A 1 136 ? -11.798 -3.728  -5.282  1.00 12.99 ? 136  ASP A C   1 
ATOM   1149 O  O   . ASP A 1 136 ? -11.015 -3.878  -6.224  1.00 12.29 ? 136  ASP A O   1 
ATOM   1150 C  CB  . ASP A 1 136 ? -12.460 -1.445  -4.507  1.00 13.06 ? 136  ASP A CB  1 
ATOM   1151 C  CG  . ASP A 1 136 ? -13.318 -0.218  -4.771  1.00 13.62 ? 136  ASP A CG  1 
ATOM   1152 O  OD1 . ASP A 1 136 ? -14.242 -0.289  -5.612  1.00 14.61 ? 136  ASP A OD1 1 
ATOM   1153 O  OD2 . ASP A 1 136 ? -13.068 0.831   -4.137  1.00 13.74 ? 136  ASP A OD2 1 
ATOM   1154 N  N   . TYR A 1 137 ? -11.742 -4.470  -4.181  1.00 13.19 ? 137  TYR A N   1 
ATOM   1155 C  CA  . TYR A 1 137 ? -10.745 -5.522  -4.057  1.00 13.90 ? 137  TYR A CA  1 
ATOM   1156 C  C   . TYR A 1 137 ? -10.950 -6.556  -5.165  1.00 14.35 ? 137  TYR A C   1 
ATOM   1157 O  O   . TYR A 1 137 ? -10.000 -6.954  -5.839  1.00 14.58 ? 137  TYR A O   1 
ATOM   1158 C  CB  . TYR A 1 137 ? -10.847 -6.211  -2.696  1.00 14.30 ? 137  TYR A CB  1 
ATOM   1159 C  CG  . TYR A 1 137 ? -9.885  -7.366  -2.559  1.00 15.09 ? 137  TYR A CG  1 
ATOM   1160 C  CD1 . TYR A 1 137 ? -8.523  -7.142  -2.356  1.00 14.25 ? 137  TYR A CD1 1 
ATOM   1161 C  CD2 . TYR A 1 137 ? -10.322 -8.680  -2.706  1.00 15.52 ? 137  TYR A CD2 1 
ATOM   1162 C  CE1 . TYR A 1 137 ? -7.618  -8.199  -2.311  1.00 15.71 ? 137  TYR A CE1 1 
ATOM   1163 C  CE2 . TYR A 1 137 ? -9.425  -9.746  -2.662  1.00 17.21 ? 137  TYR A CE2 1 
ATOM   1164 C  CZ  . TYR A 1 137 ? -8.073  -9.496  -2.467  1.00 16.28 ? 137  TYR A CZ  1 
ATOM   1165 O  OH  . TYR A 1 137 ? -7.173  -10.539 -2.446  1.00 19.82 ? 137  TYR A OH  1 
ATOM   1166 N  N   . LYS A 1 138 ? -12.196 -6.990  -5.352  1.00 15.57 ? 138  LYS A N   1 
ATOM   1167 C  CA  . LYS A 1 138 ? -12.494 -7.990  -6.373  1.00 16.14 ? 138  LYS A CA  1 
ATOM   1168 C  C   . LYS A 1 138 ? -12.058 -7.567  -7.770  1.00 14.27 ? 138  LYS A C   1 
ATOM   1169 O  O   . LYS A 1 138 ? -11.527 -8.375  -8.533  1.00 15.73 ? 138  LYS A O   1 
ATOM   1170 C  CB  . LYS A 1 138 ? -13.987 -8.325  -6.398  1.00 17.89 ? 138  LYS A CB  1 
ATOM   1171 C  CG  . LYS A 1 138 ? -14.314 -9.452  -7.377  1.00 21.58 ? 138  LYS A CG  1 
ATOM   1172 C  CD  . LYS A 1 138 ? -15.806 -9.723  -7.489  1.00 22.60 ? 138  LYS A CD  1 
ATOM   1173 C  CE  . LYS A 1 138 ? -16.068 -10.848 -8.481  1.00 25.10 ? 138  LYS A CE  1 
ATOM   1174 N  NZ  . LYS A 1 138 ? -17.520 -11.120 -8.667  1.00 25.38 ? 138  LYS A NZ  1 
ATOM   1175 N  N   . LEU A 1 139 ? -12.289 -6.302  -8.113  1.00 13.71 ? 139  LEU A N   1 
ATOM   1176 C  CA  . LEU A 1 139 ? -11.893 -5.809  -9.424  1.00 12.85 ? 139  LEU A CA  1 
ATOM   1177 C  C   . LEU A 1 139 ? -10.372 -5.822  -9.577  1.00 12.87 ? 139  LEU A C   1 
ATOM   1178 O  O   . LEU A 1 139 ? -9.840  -6.276  -10.587 1.00 12.57 ? 139  LEU A O   1 
ATOM   1179 C  CB  . LEU A 1 139 ? -12.423 -4.389  -9.644  1.00 13.96 ? 139  LEU A CB  1 
ATOM   1180 C  CG  . LEU A 1 139 ? -12.030 -3.772  -10.990 1.00 14.37 ? 139  LEU A CG  1 
ATOM   1181 C  CD1 . LEU A 1 139 ? -12.636 -4.566  -12.139 1.00 15.03 ? 139  LEU A CD1 1 
ATOM   1182 C  CD2 . LEU A 1 139 ? -12.492 -2.324  -11.033 1.00 15.40 ? 139  LEU A CD2 1 
ATOM   1183 N  N   . ILE A 1 140 ? -9.667  -5.321  -8.567  1.00 12.57 ? 140  ILE A N   1 
ATOM   1184 C  CA  . ILE A 1 140 ? -8.214  -5.286  -8.616  1.00 12.18 ? 140  ILE A CA  1 
ATOM   1185 C  C   . ILE A 1 140 ? -7.620  -6.693  -8.697  1.00 12.11 ? 140  ILE A C   1 
ATOM   1186 O  O   . ILE A 1 140 ? -6.723  -6.946  -9.501  1.00 13.91 ? 140  ILE A O   1 
ATOM   1187 C  CB  . ILE A 1 140 ? -7.651  -4.541  -7.387  1.00 12.14 ? 140  ILE A CB  1 
ATOM   1188 C  CG1 . ILE A 1 140 ? -7.972  -3.049  -7.517  1.00 11.94 ? 140  ILE A CG1 1 
ATOM   1189 C  CG2 . ILE A 1 140 ? -6.142  -4.756  -7.277  1.00 12.80 ? 140  ILE A CG2 1 
ATOM   1190 C  CD1 . ILE A 1 140 ? -7.722  -2.238  -6.252  1.00 13.71 ? 140  ILE A CD1 1 
ATOM   1191 N  N   . GLU A 1 141 ? -8.138  -7.609  -7.885  1.00 14.38 ? 141  GLU A N   1 
ATOM   1192 C  CA  . GLU A 1 141 ? -7.639  -8.984  -7.878  1.00 16.29 ? 141  GLU A CA  1 
ATOM   1193 C  C   . GLU A 1 141 ? -7.751  -9.618  -9.265  1.00 17.71 ? 141  GLU A C   1 
ATOM   1194 O  O   . GLU A 1 141 ? -6.835  -10.302 -9.728  1.00 18.10 ? 141  GLU A O   1 
ATOM   1195 C  CB  . GLU A 1 141 ? -8.421  -9.821  -6.859  1.00 18.37 ? 141  GLU A CB  1 
ATOM   1196 C  CG  . GLU A 1 141 ? -7.803  -11.187 -6.531  1.00 22.14 ? 141  GLU A CG  1 
ATOM   1197 C  CD  . GLU A 1 141 ? -7.894  -12.181 -7.679  1.00 24.59 ? 141  GLU A CD  1 
ATOM   1198 O  OE1 . GLU A 1 141 ? -8.942  -12.214 -8.360  1.00 25.79 ? 141  GLU A OE1 1 
ATOM   1199 O  OE2 . GLU A 1 141 ? -6.922  -12.939 -7.896  1.00 27.20 ? 141  GLU A OE2 1 
ATOM   1200 N  N   . LYS A 1 142 ? -8.875  -9.370  -9.930  1.00 17.77 ? 142  LYS A N   1 
ATOM   1201 C  CA  . LYS A 1 142 ? -9.124  -9.926  -11.255 1.00 20.42 ? 142  LYS A CA  1 
ATOM   1202 C  C   . LYS A 1 142 ? -8.206  -9.337  -12.321 1.00 20.30 ? 142  LYS A C   1 
ATOM   1203 O  O   . LYS A 1 142 ? -7.776  -10.039 -13.233 1.00 20.13 ? 142  LYS A O   1 
ATOM   1204 C  CB  . LYS A 1 142 ? -10.580 -9.678  -11.654 1.00 23.11 ? 142  LYS A CB  1 
ATOM   1205 C  CG  . LYS A 1 142 ? -10.821 -9.628  -13.155 1.00 27.64 ? 142  LYS A CG  1 
ATOM   1206 C  CD  . LYS A 1 142 ? -10.798 -11.029 -13.753 1.00 30.21 ? 142  LYS A CD  1 
ATOM   1207 C  CE  . LYS A 1 142 ? -12.047 -11.307 -14.575 1.00 32.51 ? 142  LYS A CE  1 
ATOM   1208 N  NZ  . LYS A 1 142 ? -12.779 -12.505 -14.071 1.00 33.36 ? 142  LYS A NZ  1 
ATOM   1209 N  N   . LEU A 1 143 ? -7.906  -8.047  -12.198 1.00 19.48 ? 143  LEU A N   1 
ATOM   1210 C  CA  . LEU A 1 143 ? -7.062  -7.351  -13.165 1.00 20.06 ? 143  LEU A CA  1 
ATOM   1211 C  C   . LEU A 1 143 ? -5.564  -7.554  -12.959 1.00 20.54 ? 143  LEU A C   1 
ATOM   1212 O  O   . LEU A 1 143 ? -4.785  -7.429  -13.901 1.00 18.77 ? 143  LEU A O   1 
ATOM   1213 C  CB  . LEU A 1 143 ? -7.367  -5.853  -13.134 1.00 20.93 ? 143  LEU A CB  1 
ATOM   1214 C  CG  . LEU A 1 143 ? -8.782  -5.421  -13.526 1.00 21.91 ? 143  LEU A CG  1 
ATOM   1215 C  CD1 . LEU A 1 143 ? -8.907  -3.916  -13.368 1.00 22.83 ? 143  LEU A CD1 1 
ATOM   1216 C  CD2 . LEU A 1 143 ? -9.078  -5.844  -14.956 1.00 23.68 ? 143  LEU A CD2 1 
ATOM   1217 N  N   . LEU A 1 144 ? -5.160  -7.850  -11.729 1.00 21.67 ? 144  LEU A N   1 
ATOM   1218 C  CA  . LEU A 1 144 ? -3.747  -8.056  -11.436 1.00 24.52 ? 144  LEU A CA  1 
ATOM   1219 C  C   . LEU A 1 144 ? -3.335  -9.453  -11.881 1.00 27.11 ? 144  LEU A C   1 
ATOM   1220 O  O   . LEU A 1 144 ? -3.533  -10.428 -11.159 1.00 27.71 ? 144  LEU A O   1 
ATOM   1221 C  CB  . LEU A 1 144 ? -3.485  -7.886  -9.941  1.00 23.30 ? 144  LEU A CB  1 
ATOM   1222 C  CG  . LEU A 1 144 ? -2.017  -7.942  -9.512  1.00 22.86 ? 144  LEU A CG  1 
ATOM   1223 C  CD1 . LEU A 1 144 ? -1.271  -6.719  -10.036 1.00 23.49 ? 144  LEU A CD1 1 
ATOM   1224 C  CD2 . LEU A 1 144 ? -1.942  -8.000  -7.992  1.00 22.55 ? 144  LEU A CD2 1 
ATOM   1225 N  N   . LEU A 1 145 ? -2.766  -9.542  -13.077 1.00 29.82 ? 145  LEU A N   1 
ATOM   1226 C  CA  . LEU A 1 145 ? -2.374  -10.827 -13.644 1.00 32.63 ? 145  LEU A CA  1 
ATOM   1227 C  C   . LEU A 1 145 ? -1.014  -11.284 -13.112 1.00 33.63 ? 145  LEU A C   1 
ATOM   1228 O  O   . LEU A 1 145 ? -0.112  -10.492 -12.873 1.00 34.38 ? 145  LEU A O   1 
ATOM   1229 C  CB  . LEU A 1 145 ? -2.316  -10.680 -15.164 1.00 33.86 ? 145  LEU A CB  1 
ATOM   1230 C  CG  . LEU A 1 145 ? -3.696  -10.453 -15.784 1.00 34.83 ? 145  LEU A CG  1 
ATOM   1231 C  CD1 . LEU A 1 145 ? -3.666  -10.507 -17.313 1.00 35.42 ? 145  LEU A CD1 1 
ATOM   1232 C  CD2 . LEU A 1 145 ? -4.725  -11.493 -15.338 1.00 35.49 ? 145  LEU A CD2 1 
ATOM   1233 O  OXT . LEU A 1 145 ? -0.765  -12.464 -12.899 1.00 34.62 ? 145  LEU A OXT 1 
HETATM 1234 CA CA  . CA  B 2 .   ? 7.895   10.636  11.401  1.00 11.98 ? 2001 CA  A CA  1 
HETATM 1235 CA CA  . CA  C 2 .   ? 9.797   12.177  9.268   1.00 16.16 ? 2002 CA  A CA  1 
HETATM 1236 C  C1  . CIT D 3 .   ? 5.572   10.569  9.065   1.00 15.58 ? 1001 CIT A C1  1 
HETATM 1237 O  O1  . CIT D 3 .   ? 6.033   11.066  10.113  1.00 15.61 ? 1001 CIT A O1  1 
HETATM 1238 O  O2  . CIT D 3 .   ? 4.359   10.402  8.814   1.00 17.16 ? 1001 CIT A O2  1 
HETATM 1239 C  C2  . CIT D 3 .   ? 6.559   10.115  7.984   1.00 13.81 ? 1001 CIT A C2  1 
HETATM 1240 C  C3  . CIT D 3 .   ? 7.864   10.917  7.922   1.00 12.07 ? 1001 CIT A C3  1 
HETATM 1241 O  O7  . CIT D 3 .   ? 8.609   10.747  9.130   1.00 11.84 ? 1001 CIT A O7  1 
HETATM 1242 C  C4  . CIT D 3 .   ? 8.689   10.381  6.749   1.00 12.34 ? 1001 CIT A C4  1 
HETATM 1243 C  C5  . CIT D 3 .   ? 10.087  10.997  6.639   1.00 13.84 ? 1001 CIT A C5  1 
HETATM 1244 O  O3  . CIT D 3 .   ? 10.458  11.762  7.556   1.00 12.45 ? 1001 CIT A O3  1 
HETATM 1245 O  O4  . CIT D 3 .   ? 10.760  10.679  5.635   1.00 13.51 ? 1001 CIT A O4  1 
HETATM 1246 C  C6  . CIT D 3 .   ? 7.582   12.408  7.722   1.00 14.58 ? 1001 CIT A C6  1 
HETATM 1247 O  O5  . CIT D 3 .   ? 8.302   13.202  8.366   1.00 13.77 ? 1001 CIT A O5  1 
HETATM 1248 O  O6  . CIT D 3 .   ? 6.665   12.725  6.934   1.00 16.57 ? 1001 CIT A O6  1 
HETATM 1249 C  C1  . CIT E 3 .   ? 10.145  11.165  13.664  1.00 17.33 ? 1002 CIT A C1  1 
HETATM 1250 O  O1  . CIT E 3 .   ? 9.788   10.346  12.789  1.00 15.83 ? 1002 CIT A O1  1 
HETATM 1251 O  O2  . CIT E 3 .   ? 10.258  10.917  14.884  1.00 17.71 ? 1002 CIT A O2  1 
HETATM 1252 C  C2  . CIT E 3 .   ? 10.499  12.588  13.222  1.00 15.47 ? 1002 CIT A C2  1 
HETATM 1253 C  C3  . CIT E 3 .   ? 10.661  12.783  11.710  1.00 14.98 ? 1002 CIT A C3  1 
HETATM 1254 O  O7  . CIT E 3 .   ? 9.398   12.627  11.057  1.00 14.44 ? 1002 CIT A O7  1 
HETATM 1255 C  C4  . CIT E 3 .   ? 11.165  14.210  11.476  1.00 14.40 ? 1002 CIT A C4  1 
HETATM 1256 C  C5  . CIT E 3 .   ? 11.230  14.621  10.003  1.00 15.00 ? 1002 CIT A C5  1 
HETATM 1257 O  O3  . CIT E 3 .   ? 10.871  13.788  9.142   1.00 13.59 ? 1002 CIT A O3  1 
HETATM 1258 O  O4  . CIT E 3 .   ? 11.637  15.779  9.766   1.00 15.60 ? 1002 CIT A O4  1 
HETATM 1259 C  C6  . CIT E 3 .   ? 11.657  11.770  11.139  1.00 15.12 ? 1002 CIT A C6  1 
HETATM 1260 O  O5  . CIT E 3 .   ? 11.349  11.238  10.051  1.00 13.01 ? 1002 CIT A O5  1 
HETATM 1261 O  O6  . CIT E 3 .   ? 12.696  11.542  11.797  1.00 15.02 ? 1002 CIT A O6  1 
HETATM 1262 C  C1  . GOL F 4 .   ? 7.005   3.820   3.011   1.00 46.74 ? 3001 GOL A C1  1 
HETATM 1263 O  O1  . GOL F 4 .   ? 7.042   4.257   1.664   1.00 47.37 ? 3001 GOL A O1  1 
HETATM 1264 C  C2  . GOL F 4 .   ? 6.381   2.429   3.121   1.00 45.51 ? 3001 GOL A C2  1 
HETATM 1265 O  O2  . GOL F 4 .   ? 4.956   2.546   3.021   1.00 45.15 ? 3001 GOL A O2  1 
HETATM 1266 C  C3  . GOL F 4 .   ? 6.740   1.788   4.461   1.00 45.22 ? 3001 GOL A C3  1 
HETATM 1267 O  O3  . GOL F 4 .   ? 6.123   0.521   4.604   1.00 43.81 ? 3001 GOL A O3  1 
HETATM 1268 O  O   . HOH G 5 .   ? 6.530   6.906   13.512  1.00 11.16 ? 3002 HOH A O   1 
HETATM 1269 O  O   . HOH G 5 .   ? 7.211   -11.224 0.172   1.00 12.58 ? 3003 HOH A O   1 
HETATM 1270 O  O   . HOH G 5 .   ? 9.477   -6.109  11.844  1.00 13.28 ? 3004 HOH A O   1 
HETATM 1271 O  O   . HOH G 5 .   ? 3.731   10.170  12.133  1.00 14.32 ? 3005 HOH A O   1 
HETATM 1272 O  O   . HOH G 5 .   ? 11.274  4.564   -4.760  1.00 14.82 ? 3006 HOH A O   1 
HETATM 1273 O  O   . HOH G 5 .   ? 6.358   9.640   13.235  1.00 13.47 ? 3007 HOH A O   1 
HETATM 1274 O  O   . HOH G 5 .   ? 7.161   6.459   16.243  1.00 13.19 ? 3008 HOH A O   1 
HETATM 1275 O  O   . HOH G 5 .   ? 12.494  1.095   8.820   1.00 12.84 ? 3009 HOH A O   1 
HETATM 1276 O  O   . HOH G 5 .   ? -12.121 3.426   -14.469 1.00 13.22 ? 3010 HOH A O   1 
HETATM 1277 O  O   . HOH G 5 .   ? 13.857  3.494   8.287   1.00 15.53 ? 3011 HOH A O   1 
HETATM 1278 O  O   . HOH G 5 .   ? -1.275  4.791   -13.594 1.00 14.77 ? 3012 HOH A O   1 
HETATM 1279 O  O   . HOH G 5 .   ? -12.949 -3.874  3.326   1.00 16.57 ? 3013 HOH A O   1 
HETATM 1280 O  O   . HOH G 5 .   ? 14.951  -1.230  -1.453  1.00 15.92 ? 3014 HOH A O   1 
HETATM 1281 O  O   . HOH G 5 .   ? 10.483  -1.881  -6.825  1.00 17.56 ? 3015 HOH A O   1 
HETATM 1282 O  O   . HOH G 5 .   ? -3.369  5.934   6.506   1.00 16.82 ? 3016 HOH A O   1 
HETATM 1283 O  O   . HOH G 5 .   ? -2.405  7.086   14.916  1.00 16.65 ? 3017 HOH A O   1 
HETATM 1284 O  O   . HOH G 5 .   ? -9.694  -5.795  10.036  1.00 18.13 ? 3018 HOH A O   1 
HETATM 1285 O  O   . HOH G 5 .   ? -16.965 4.398   -8.459  1.00 16.97 ? 3019 HOH A O   1 
HETATM 1286 O  O   . HOH G 5 .   ? 11.781  5.979   0.212   1.00 17.75 ? 3020 HOH A O   1 
HETATM 1287 O  O   . HOH G 5 .   ? 1.289   -1.283  16.184  1.00 16.37 ? 3021 HOH A O   1 
HETATM 1288 O  O   . HOH G 5 .   ? 8.372   10.756  -18.751 1.00 19.57 ? 3022 HOH A O   1 
HETATM 1289 O  O   . HOH G 5 .   ? 7.016   12.358  12.958  1.00 21.59 ? 3023 HOH A O   1 
HETATM 1290 O  O   . HOH G 5 .   ? -4.699  -0.759  -15.977 1.00 20.66 ? 3024 HOH A O   1 
HETATM 1291 O  O   . HOH G 5 .   ? -4.348  6.666   12.133  1.00 21.74 ? 3025 HOH A O   1 
HETATM 1292 O  O   . HOH G 5 .   ? -9.294  -10.823 8.985   1.00 21.20 ? 3026 HOH A O   1 
HETATM 1293 O  O   . HOH G 5 .   ? -0.297  8.718   -4.941  1.00 17.39 ? 3027 HOH A O   1 
HETATM 1294 O  O   . HOH G 5 .   ? 10.626  10.129  -7.811  1.00 19.01 ? 3028 HOH A O   1 
HETATM 1295 O  O   . HOH G 5 .   ? -3.761  9.591   14.272  1.00 22.04 ? 3029 HOH A O   1 
HETATM 1296 O  O   . HOH G 5 .   ? -9.691  3.657   6.191   1.00 23.94 ? 3030 HOH A O   1 
HETATM 1297 O  O   . HOH G 5 .   ? 10.538  -9.334  -6.874  1.00 24.58 ? 3031 HOH A O   1 
HETATM 1298 O  O   . HOH G 5 .   ? -15.964 -5.881  -8.372  1.00 21.70 ? 3032 HOH A O   1 
HETATM 1299 O  O   . HOH G 5 .   ? 7.400   -7.073  -8.213  1.00 20.19 ? 3033 HOH A O   1 
HETATM 1300 O  O   . HOH G 5 .   ? 17.875  -1.668  12.805  1.00 23.57 ? 3034 HOH A O   1 
HETATM 1301 O  O   . HOH G 5 .   ? 23.430  9.343   -13.469 1.00 18.22 ? 3035 HOH A O   1 
HETATM 1302 O  O   . HOH G 5 .   ? 1.265   9.558   -7.086  1.00 22.47 ? 3036 HOH A O   1 
HETATM 1303 O  O   . HOH G 5 .   ? -8.163  -12.532 12.534  1.00 24.58 ? 3037 HOH A O   1 
HETATM 1304 O  O   . HOH G 5 .   ? -3.330  -15.019 7.681   1.00 23.23 ? 3038 HOH A O   1 
HETATM 1305 O  O   . HOH G 5 .   ? 15.468  -4.812  2.121   1.00 21.12 ? 3039 HOH A O   1 
HETATM 1306 O  O   . HOH G 5 .   ? -15.138 -1.431  -7.822  1.00 21.04 ? 3040 HOH A O   1 
HETATM 1307 O  O   . HOH G 5 .   ? 1.321   11.145  15.165  1.00 23.81 ? 3041 HOH A O   1 
HETATM 1308 O  O   . HOH G 5 .   ? 15.728  2.137   15.396  1.00 22.11 ? 3042 HOH A O   1 
HETATM 1309 O  O   . HOH G 5 .   ? 14.152  -12.073 2.011   1.00 21.79 ? 3043 HOH A O   1 
HETATM 1310 O  O   . HOH G 5 .   ? 4.806   -5.156  19.805  1.00 24.82 ? 3044 HOH A O   1 
HETATM 1311 O  O   . HOH G 5 .   ? 11.495  5.830   14.408  1.00 22.70 ? 3045 HOH A O   1 
HETATM 1312 O  O   . HOH G 5 .   ? 13.046  6.037   -2.993  1.00 27.05 ? 3046 HOH A O   1 
HETATM 1313 O  O   . HOH G 5 .   ? -8.086  7.635   -15.572 1.00 21.94 ? 3047 HOH A O   1 
HETATM 1314 O  O   . HOH G 5 .   ? 12.687  16.961  7.724   1.00 25.08 ? 3048 HOH A O   1 
HETATM 1315 O  O   . HOH G 5 .   ? 10.460  17.734  11.530  1.00 22.37 ? 3049 HOH A O   1 
HETATM 1316 O  O   . HOH G 5 .   ? 5.367   3.683   -15.781 1.00 23.52 ? 3050 HOH A O   1 
HETATM 1317 O  O   . HOH G 5 .   ? 2.975   5.447   19.448  1.00 19.33 ? 3051 HOH A O   1 
HETATM 1318 O  O   . HOH G 5 .   ? 16.002  -3.114  4.105   1.00 21.03 ? 3052 HOH A O   1 
HETATM 1319 O  O   . HOH G 5 .   ? -0.208  -12.244 15.925  1.00 23.18 ? 3053 HOH A O   1 
HETATM 1320 O  O   . HOH G 5 .   ? 10.840  8.712   16.479  1.00 24.62 ? 3054 HOH A O   1 
HETATM 1321 O  O   . HOH G 5 .   ? -18.404 -11.641 -5.917  1.00 24.79 ? 3055 HOH A O   1 
HETATM 1322 O  O   . HOH G 5 .   ? -17.558 -0.845  -12.500 1.00 22.99 ? 3056 HOH A O   1 
HETATM 1323 O  O   . HOH G 5 .   ? -10.437 4.095   -17.620 1.00 19.17 ? 3057 HOH A O   1 
HETATM 1324 O  O   . HOH G 5 .   ? 3.575   9.650   6.489   1.00 26.81 ? 3058 HOH A O   1 
HETATM 1325 O  O   . HOH G 5 .   ? 13.569  -5.881  16.370  1.00 21.98 ? 3059 HOH A O   1 
HETATM 1326 O  O   . HOH G 5 .   ? 9.816   7.683   13.606  1.00 23.69 ? 3060 HOH A O   1 
HETATM 1327 O  O   . HOH G 5 .   ? -5.559  13.723  -8.888  1.00 26.29 ? 3061 HOH A O   1 
HETATM 1328 O  O   . HOH G 5 .   ? 16.782  5.608   -17.298 1.00 22.86 ? 3062 HOH A O   1 
HETATM 1329 O  O   . HOH G 5 .   ? -1.498  -1.897  -16.777 1.00 25.24 ? 3063 HOH A O   1 
HETATM 1330 O  O   . HOH G 5 .   ? 13.648  -6.348  11.059  1.00 24.30 ? 3064 HOH A O   1 
HETATM 1331 O  O   . HOH G 5 .   ? -17.970 9.224   -7.443  1.00 26.38 ? 3065 HOH A O   1 
HETATM 1332 O  O   . HOH G 5 .   ? 7.636   14.853  11.099  1.00 26.07 ? 3066 HOH A O   1 
HETATM 1333 O  O   . HOH G 5 .   ? 11.948  15.567  -15.933 1.00 25.74 ? 3067 HOH A O   1 
HETATM 1334 O  O   . HOH G 5 .   ? -5.240  -6.310  -16.244 1.00 25.41 ? 3068 HOH A O   1 
HETATM 1335 O  O   . HOH G 5 .   ? -11.375 4.100   2.007   1.00 25.57 ? 3069 HOH A O   1 
HETATM 1336 O  O   . HOH G 5 .   ? 0.508   0.256   20.688  1.00 26.71 ? 3070 HOH A O   1 
HETATM 1337 O  O   . HOH G 5 .   ? 16.211  5.565   11.407  1.00 24.13 ? 3071 HOH A O   1 
HETATM 1338 O  O   . HOH G 5 .   ? -10.582 10.654  1.311   1.00 31.61 ? 3072 HOH A O   1 
HETATM 1339 O  O   . HOH G 5 .   ? -13.414 15.298  -7.645  1.00 24.83 ? 3073 HOH A O   1 
HETATM 1340 O  O   . HOH G 5 .   ? 1.857   -9.537  16.496  1.00 27.55 ? 3074 HOH A O   1 
HETATM 1341 O  O   . HOH G 5 .   ? -18.282 -3.432  -2.274  1.00 27.87 ? 3075 HOH A O   1 
HETATM 1342 O  O   . HOH G 5 .   ? 14.134  6.897   14.035  1.00 25.50 ? 3076 HOH A O   1 
HETATM 1343 O  O   . HOH G 5 .   ? 9.866   9.202   -20.326 1.00 25.74 ? 3077 HOH A O   1 
HETATM 1344 O  O   . HOH G 5 .   ? -16.039 17.425  -16.502 1.00 25.42 ? 3078 HOH A O   1 
HETATM 1345 O  O   . HOH G 5 .   ? 13.331  -2.193  17.398  1.00 32.71 ? 3079 HOH A O   1 
HETATM 1346 O  O   . HOH G 5 .   ? -1.205  -0.256  15.374  1.00 24.47 ? 3080 HOH A O   1 
HETATM 1347 O  O   . HOH G 5 .   ? -16.987 -4.001  1.569   1.00 27.31 ? 3081 HOH A O   1 
HETATM 1348 O  O   . HOH G 5 .   ? 12.267  -12.298 5.418   1.00 25.30 ? 3082 HOH A O   1 
HETATM 1349 O  O   . HOH G 5 .   ? 16.650  9.416   5.072   1.00 26.26 ? 3083 HOH A O   1 
HETATM 1350 O  O   . HOH G 5 .   ? -6.225  -5.448  15.254  1.00 30.03 ? 3084 HOH A O   1 
HETATM 1351 O  O   . HOH G 5 .   ? 5.078   -6.218  -8.934  1.00 27.09 ? 3085 HOH A O   1 
HETATM 1352 O  O   . HOH G 5 .   ? 10.755  8.407   -5.706  1.00 28.25 ? 3086 HOH A O   1 
HETATM 1353 O  O   . HOH G 5 .   ? 2.691   -11.449 -12.504 1.00 27.03 ? 3087 HOH A O   1 
HETATM 1354 O  O   . HOH G 5 .   ? 18.053  13.044  -18.084 1.00 29.29 ? 3088 HOH A O   1 
HETATM 1355 O  O   . HOH G 5 .   ? -6.515  11.368  1.888   1.00 26.81 ? 3089 HOH A O   1 
HETATM 1356 O  O   . HOH G 5 .   ? 15.429  8.838   2.675   1.00 27.29 ? 3090 HOH A O   1 
HETATM 1357 O  O   . HOH G 5 .   ? -2.019  3.115   -18.678 1.00 27.58 ? 3091 HOH A O   1 
HETATM 1358 O  O   . HOH G 5 .   ? 16.603  5.049   -12.005 1.00 28.45 ? 3092 HOH A O   1 
HETATM 1359 O  O   . HOH G 5 .   ? 13.215  8.712   -22.218 1.00 31.68 ? 3093 HOH A O   1 
HETATM 1360 O  O   . HOH G 5 .   ? 3.063   10.809  3.087   1.00 29.17 ? 3094 HOH A O   1 
HETATM 1361 O  O   . HOH G 5 .   ? 13.805  11.814  14.286  1.00 23.97 ? 3095 HOH A O   1 
HETATM 1362 O  O   . HOH G 5 .   ? -6.197  6.222   7.218   1.00 29.98 ? 3096 HOH A O   1 
HETATM 1363 O  O   . HOH G 5 .   ? 19.023  4.791   -14.290 1.00 28.74 ? 3097 HOH A O   1 
HETATM 1364 O  O   . HOH G 5 .   ? 3.574   3.568   5.457   1.00 26.09 ? 3098 HOH A O   1 
HETATM 1365 O  O   . HOH G 5 .   ? -7.907  6.094   11.891  1.00 30.71 ? 3099 HOH A O   1 
HETATM 1366 O  O   . HOH G 5 .   ? -10.689 -4.314  13.430  1.00 32.81 ? 3100 HOH A O   1 
HETATM 1367 O  O   . HOH G 5 .   ? -2.093  -0.855  18.098  1.00 30.29 ? 3101 HOH A O   1 
HETATM 1368 O  O   . HOH G 5 .   ? -8.875  -13.994 -10.464 1.00 33.33 ? 3102 HOH A O   1 
HETATM 1369 O  O   . HOH G 5 .   ? -17.865 6.226   -4.698  1.00 30.96 ? 3103 HOH A O   1 
HETATM 1370 O  O   . HOH G 5 .   ? -1.854  -5.777  18.539  1.00 30.31 ? 3104 HOH A O   1 
HETATM 1371 O  O   . HOH G 5 .   ? 3.738   5.935   2.166   1.00 32.50 ? 3105 HOH A O   1 
HETATM 1372 O  O   . HOH G 5 .   ? 20.926  14.453  11.332  1.00 31.35 ? 3106 HOH A O   1 
HETATM 1373 O  O   . HOH G 5 .   ? 6.980   1.272   -12.859 1.00 30.80 ? 3107 HOH A O   1 
HETATM 1374 O  O   . HOH G 5 .   ? 14.602  11.749  -10.501 1.00 30.67 ? 3108 HOH A O   1 
HETATM 1375 O  O   . HOH G 5 .   ? 8.357   12.113  -0.974  1.00 30.02 ? 3109 HOH A O   1 
HETATM 1376 O  O   . HOH G 5 .   ? -6.947  14.984  0.733   1.00 33.10 ? 3110 HOH A O   1 
HETATM 1377 O  O   . HOH G 5 .   ? -17.614 0.309   -9.878  1.00 29.15 ? 3111 HOH A O   1 
HETATM 1378 O  O   . HOH G 5 .   ? 8.433   -0.135  -11.132 1.00 34.81 ? 3112 HOH A O   1 
HETATM 1379 O  O   . HOH G 5 .   ? 17.329  -4.922  5.735   1.00 31.16 ? 3113 HOH A O   1 
HETATM 1380 O  O   . HOH G 5 .   ? 9.758   -8.252  15.403  1.00 32.98 ? 3114 HOH A O   1 
HETATM 1381 O  O   . HOH G 5 .   ? 9.359   5.268   -17.635 1.00 30.01 ? 3115 HOH A O   1 
HETATM 1382 O  O   . HOH G 5 .   ? 2.711   1.700   -18.356 1.00 35.72 ? 3116 HOH A O   1 
HETATM 1383 O  O   . HOH G 5 .   ? 17.071  5.859   -2.134  1.00 34.02 ? 3117 HOH A O   1 
HETATM 1384 O  O   . HOH G 5 .   ? 17.702  12.181  7.301   1.00 32.22 ? 3118 HOH A O   1 
HETATM 1385 O  O   . HOH G 5 .   ? 1.236   12.342  0.685   1.00 32.09 ? 3119 HOH A O   1 
HETATM 1386 O  O   . HOH G 5 .   ? 1.804   -7.160  19.290  1.00 32.40 ? 3120 HOH A O   1 
HETATM 1387 O  O   . HOH G 5 .   ? 9.020   -6.345  17.736  1.00 32.12 ? 3121 HOH A O   1 
HETATM 1388 O  O   . HOH G 5 .   ? -1.574  12.473  -3.499  1.00 39.15 ? 3122 HOH A O   1 
HETATM 1389 O  O   . HOH G 5 .   ? -17.803 -12.924 -10.567 1.00 34.11 ? 3123 HOH A O   1 
HETATM 1390 O  O   . HOH G 5 .   ? 0.608   9.092   0.606   1.00 34.12 ? 3124 HOH A O   1 
HETATM 1391 O  O   . HOH G 5 .   ? 10.862  12.745  16.694  1.00 29.20 ? 3125 HOH A O   1 
HETATM 1392 O  O   . HOH G 5 .   ? 20.286  -9.306  -2.388  1.00 31.45 ? 3126 HOH A O   1 
HETATM 1393 O  O   . HOH G 5 .   ? 3.156   -13.915 11.177  1.00 30.58 ? 3127 HOH A O   1 
HETATM 1394 O  O   . HOH G 5 .   ? -11.438 10.073  -15.367 1.00 37.19 ? 3128 HOH A O   1 
HETATM 1395 O  O   . HOH G 5 .   ? 5.208   -11.155 -11.709 1.00 32.92 ? 3129 HOH A O   1 
HETATM 1396 O  O   . HOH G 5 .   ? -3.452  3.804   17.918  1.00 32.93 ? 3130 HOH A O   1 
HETATM 1397 O  O   . HOH G 5 .   ? -16.248 -12.299 -0.803  1.00 33.31 ? 3131 HOH A O   1 
HETATM 1398 O  O   . HOH G 5 .   ? 17.374  1.928   5.078   1.00 41.40 ? 3132 HOH A O   1 
HETATM 1399 O  O   . HOH G 5 .   ? -8.094  -9.839  -16.163 1.00 34.00 ? 3133 HOH A O   1 
HETATM 1400 O  O   . HOH G 5 .   ? -12.055 2.497   6.978   1.00 33.10 ? 3134 HOH A O   1 
HETATM 1401 O  O   . HOH G 5 .   ? -16.620 -3.269  -9.219  1.00 18.85 ? 3135 HOH A O   1 
HETATM 1402 O  O   . HOH G 5 .   ? 15.678  -3.665  -0.439  1.00 21.41 ? 3136 HOH A O   1 
HETATM 1403 O  O   . HOH G 5 .   ? -16.326 -3.022  -11.950 1.00 23.19 ? 3137 HOH A O   1 
HETATM 1404 O  O   . HOH G 5 .   ? 0.603   -1.620  18.827  1.00 26.27 ? 3138 HOH A O   1 
HETATM 1405 O  O   . HOH G 5 .   ? 15.984  4.817   13.971  1.00 25.71 ? 3139 HOH A O   1 
HETATM 1406 O  O   . HOH G 5 .   ? 4.027   -3.680  21.582  1.00 25.91 ? 3140 HOH A O   1 
HETATM 1407 O  O   . HOH G 5 .   ? -15.127 -7.321  -10.478 1.00 27.87 ? 3141 HOH A O   1 
HETATM 1408 O  O   . HOH G 5 .   ? 15.838  -0.941  -3.977  1.00 30.37 ? 3142 HOH A O   1 
HETATM 1409 O  O   . HOH G 5 .   ? 11.139  -7.439  10.518  1.00 24.29 ? 3143 HOH A O   1 
HETATM 1410 O  O   . HOH G 5 .   ? 16.433  4.569   8.936   1.00 30.68 ? 3144 HOH A O   1 
HETATM 1411 O  O   . HOH G 5 .   ? 0.721   9.344   -2.363  1.00 30.38 ? 3145 HOH A O   1 
HETATM 1412 O  O   . HOH G 5 .   ? 22.190  11.771  -13.129 1.00 23.93 ? 3146 HOH A O   1 
HETATM 1413 O  O   . HOH G 5 .   ? 12.921  3.991   -6.334  1.00 31.01 ? 3147 HOH A O   1 
HETATM 1414 O  O   . HOH G 5 .   ? 0.011   10.673  -9.497  1.00 33.76 ? 3148 HOH A O   1 
HETATM 1415 O  O   . HOH G 5 .   ? -18.547 6.420   -7.106  1.00 24.22 ? 3149 HOH A O   1 
HETATM 1416 O  O   . HOH G 5 .   ? 3.255   6.859   5.450   1.00 28.41 ? 3150 HOH A O   1 
HETATM 1417 O  O   . HOH G 5 .   ? 5.449   -8.089  -11.461 1.00 28.59 ? 3151 HOH A O   1 
HETATM 1418 O  O   . HOH G 5 .   ? -11.559 -7.609  10.631  1.00 30.40 ? 3152 HOH A O   1 
HETATM 1419 O  O   . HOH G 5 .   ? 2.843   12.734  13.504  1.00 33.61 ? 3153 HOH A O   1 
HETATM 1420 O  O   . HOH G 5 .   ? 8.016   15.746  14.191  1.00 37.59 ? 3154 HOH A O   1 
HETATM 1421 O  O   . HOH G 5 .   ? -18.462 -6.969  -7.378  1.00 30.03 ? 3155 HOH A O   1 
HETATM 1422 O  O   . HOH G 5 .   ? 13.764  4.274   -10.580 1.00 36.25 ? 3156 HOH A O   1 
HETATM 1423 O  O   . HOH G 5 .   ? 16.402  -6.443  10.094  1.00 36.07 ? 3157 HOH A O   1 
HETATM 1424 O  O   . HOH G 5 .   ? 1.004   10.351  5.470   1.00 23.65 ? 3158 HOH A O   1 
HETATM 1425 O  O   . HOH G 5 .   ? -13.965 -12.122 -4.656  1.00 34.29 ? 3159 HOH A O   1 
HETATM 1426 O  O   . HOH G 5 .   ? 8.962   11.988  -7.743  1.00 33.45 ? 3160 HOH A O   1 
HETATM 1427 O  O   . HOH G 5 .   ? 9.958   -5.925  -9.732  1.00 35.10 ? 3161 HOH A O   1 
HETATM 1428 O  O   . HOH G 5 .   ? 4.095   12.282  6.127   1.00 32.69 ? 3162 HOH A O   1 
HETATM 1429 O  O   . HOH G 5 .   ? -16.244 -10.666 -4.054  1.00 33.96 ? 3163 HOH A O   1 
HETATM 1430 O  O   . HOH G 5 .   ? 14.721  15.307  -17.159 1.00 36.10 ? 3164 HOH A O   1 
HETATM 1431 O  O   . HOH G 5 .   ? -0.375  -9.009  19.819  1.00 33.53 ? 3165 HOH A O   1 
HETATM 1432 O  O   . HOH G 5 .   ? 12.753  8.874   -0.927  1.00 35.80 ? 3166 HOH A O   1 
HETATM 1433 O  O   . HOH G 5 .   ? -8.395  6.009   6.318   1.00 38.13 ? 3167 HOH A O   1 
HETATM 1434 O  O   . HOH G 5 .   ? -11.483 -11.679 -5.457  1.00 34.17 ? 3168 HOH A O   1 
HETATM 1435 O  O   . HOH G 5 .   ? -18.610 10.528  -10.068 1.00 31.25 ? 3169 HOH A O   1 
HETATM 1436 O  O   . HOH G 5 .   ? -15.080 -5.591  3.658   1.00 33.21 ? 3170 HOH A O   1 
HETATM 1437 O  O   . HOH G 5 .   ? 15.146  -7.238  14.369  1.00 30.75 ? 3171 HOH A O   1 
HETATM 1438 O  O   . HOH G 5 .   ? -13.327 3.913   9.233   1.00 38.30 ? 3172 HOH A O   1 
HETATM 1439 O  O   . HOH G 5 .   ? 8.986   -1.821  -9.116  1.00 35.95 ? 3173 HOH A O   1 
HETATM 1440 O  O   . HOH G 5 .   ? 7.481   1.845   -15.477 1.00 35.34 ? 3174 HOH A O   1 
HETATM 1441 O  O   . HOH G 5 .   ? -11.521 -11.103 -8.111  1.00 24.61 ? 3175 HOH A O   1 
HETATM 1442 O  O   . HOH G 5 .   ? 5.701   6.338   -0.131  1.00 26.63 ? 3176 HOH A O   1 
HETATM 1443 O  O   . HOH G 5 .   ? 16.006  0.567   2.860   1.00 35.28 ? 3177 HOH A O   1 
HETATM 1444 O  O   . HOH G 5 .   ? -9.996  19.092  -5.407  1.00 29.41 ? 3178 HOH A O   1 
HETATM 1445 O  O   . HOH G 5 .   ? -19.428 -3.075  -8.913  1.00 36.07 ? 3179 HOH A O   1 
HETATM 1446 O  O   . HOH G 5 .   ? 6.847   12.576  -9.189  1.00 36.14 ? 3180 HOH A O   1 
HETATM 1447 O  O   . HOH G 5 .   ? -13.407 6.377   0.133   1.00 36.99 ? 3181 HOH A O   1 
HETATM 1448 O  O   . HOH G 5 .   ? 8.167   -9.462  -9.685  1.00 33.27 ? 3182 HOH A O   1 
HETATM 1449 O  O   . HOH G 5 .   ? -10.609 -11.965 13.180  1.00 33.30 ? 3183 HOH A O   1 
HETATM 1450 O  O   . HOH G 5 .   ? -11.271 -10.284 10.998  1.00 32.53 ? 3184 HOH A O   1 
HETATM 1451 O  O   . HOH G 5 .   ? 12.985  -1.061  -7.807  1.00 34.59 ? 3185 HOH A O   1 
HETATM 1452 O  O   . HOH G 5 .   ? -7.596  -13.162 -3.418  1.00 37.88 ? 3186 HOH A O   1 
HETATM 1453 O  O   . HOH G 5 .   ? 6.581   -4.068  -9.263  1.00 37.08 ? 3187 HOH A O   1 
HETATM 1454 O  O   . HOH G 5 .   ? -5.801  9.403   -16.363 1.00 35.39 ? 3188 HOH A O   1 
HETATM 1455 O  O   . HOH G 5 .   ? -8.671  -0.448  16.798  1.00 35.49 ? 3189 HOH A O   1 
HETATM 1456 O  O   . HOH G 5 .   ? 13.457  8.123   -4.866  1.00 35.05 ? 3190 HOH A O   1 
HETATM 1457 O  O   . HOH G 5 .   ? 3.994   -8.352  -13.940 1.00 34.51 ? 3191 HOH A O   1 
HETATM 1458 O  O   . HOH G 5 .   ? 0.631   -8.083  -13.672 1.00 37.26 ? 3192 HOH A O   1 
HETATM 1459 O  O   . HOH G 5 .   ? 16.408  0.311   0.446   1.00 36.89 ? 3193 HOH A O   1 
HETATM 1460 O  O   . HOH G 5 .   ? -5.483  -13.591 -5.662  1.00 39.32 ? 3194 HOH A O   1 
HETATM 1461 O  O   . HOH G 5 .   ? -13.478 15.511  -17.569 1.00 41.09 ? 3195 HOH A O   1 
HETATM 1462 O  O   . HOH G 5 .   ? -8.848  8.672   11.081  1.00 40.74 ? 3196 HOH A O   1 
HETATM 1463 O  O   . HOH G 5 .   ? 3.889   -7.808  20.160  1.00 40.57 ? 3197 HOH A O   1 
HETATM 1464 O  O   . HOH G 5 .   ? -3.106  -2.902  17.904  1.00 40.78 ? 3198 HOH A O   1 
HETATM 1465 O  O   . HOH G 5 .   ? 9.860   0.861   -13.380 1.00 41.64 ? 3199 HOH A O   1 
HETATM 1466 O  O   . HOH G 5 .   ? 3.722   3.019   -20.368 1.00 41.22 ? 3200 HOH A O   1 
HETATM 1467 O  O   . HOH G 5 .   ? 17.891  -4.046  -2.475  1.00 41.28 ? 3201 HOH A O   1 
HETATM 1468 O  O   . HOH G 5 .   ? -19.825 -6.477  -1.465  1.00 40.94 ? 3202 HOH A O   1 
HETATM 1469 O  O   . HOH G 5 .   ? 14.511  -6.571  -4.171  1.00 38.76 ? 3203 HOH A O   1 
HETATM 1470 O  O   . HOH G 5 .   ? 17.039  -6.870  2.830   1.00 39.43 ? 3204 HOH A O   1 
HETATM 1471 O  O   . HOH G 5 .   ? -22.803 2.224   -4.201  1.00 40.43 ? 3205 HOH A O   1 
HETATM 1472 O  O   . HOH G 5 .   ? 13.073  -6.782  13.139  1.00 38.95 ? 3206 HOH A O   1 
HETATM 1473 O  O   . HOH G 5 .   ? 6.244   -6.701  -13.164 1.00 40.30 ? 3207 HOH A O   1 
HETATM 1474 O  O   . HOH G 5 .   ? 13.275  11.196  -8.166  1.00 39.31 ? 3208 HOH A O   1 
HETATM 1475 O  O   . HOH G 5 .   ? 5.709   10.756  -1.037  1.00 39.90 ? 3209 HOH A O   1 
HETATM 1476 O  O   . HOH G 5 .   ? 8.002   -2.967  -14.366 1.00 41.07 ? 3210 HOH A O   1 
HETATM 1477 O  O   . HOH G 5 .   ? 13.527  11.755  0.050   1.00 40.78 ? 3211 HOH A O   1 
HETATM 1478 O  O   . HOH G 5 .   ? 19.370  -5.491  3.324   1.00 40.25 ? 3212 HOH A O   1 
# 
loop_
_pdbx_poly_seq_scheme.asym_id 
_pdbx_poly_seq_scheme.entity_id 
_pdbx_poly_seq_scheme.seq_id 
_pdbx_poly_seq_scheme.mon_id 
_pdbx_poly_seq_scheme.ndb_seq_num 
_pdbx_poly_seq_scheme.pdb_seq_num 
_pdbx_poly_seq_scheme.auth_seq_num 
_pdbx_poly_seq_scheme.pdb_mon_id 
_pdbx_poly_seq_scheme.auth_mon_id 
_pdbx_poly_seq_scheme.pdb_strand_id 
_pdbx_poly_seq_scheme.pdb_ins_code 
_pdbx_poly_seq_scheme.hetero 
A 1 1   MET 1   1   1   MET MET A . n 
A 1 2   THR 2   2   2   THR THR A . n 
A 1 3   TYR 3   3   3   TYR TYR A . n 
A 1 4   TRP 4   4   4   TRP TRP A . n 
A 1 5   ILE 5   5   5   ILE ILE A . n 
A 1 6   CYS 6   6   6   CYS CYS A . n 
A 1 7   ILE 7   7   7   ILE ILE A . n 
A 1 8   THR 8   8   8   THR THR A . n 
A 1 9   ASN 9   9   9   ASN ASN A . n 
A 1 10  ARG 10  10  10  ARG ARG A . n 
A 1 11  GLU 11  11  11  GLU GLU A . n 
A 1 12  ASN 12  12  12  ASN ASN A . n 
A 1 13  TRP 13  13  13  TRP TRP A . n 
A 1 14  GLU 14  14  14  GLU GLU A . n 
A 1 15  VAL 15  15  15  VAL VAL A . n 
A 1 16  ILE 16  16  16  ILE ILE A . n 
A 1 17  LYS 17  17  17  LYS LYS A . n 
A 1 18  ARG 18  18  18  ARG ARG A . n 
A 1 19  HIS 19  19  19  HIS HIS A . n 
A 1 20  ASN 20  20  20  ASN ASN A . n 
A 1 21  VAL 21  21  21  VAL VAL A . n 
A 1 22  TRP 22  22  22  TRP TRP A . n 
A 1 23  GLY 23  23  23  GLY GLY A . n 
A 1 24  VAL 24  24  24  VAL VAL A . n 
A 1 25  PRO 25  25  25  PRO PRO A . n 
A 1 26  LYS 26  26  26  LYS LYS A . n 
A 1 27  LYS 27  27  27  LYS LYS A . n 
A 1 28  HIS 28  28  28  HIS HIS A . n 
A 1 29  LYS 29  29  29  LYS LYS A . n 
A 1 30  ASN 30  30  30  ASN ASN A . n 
A 1 31  THR 31  31  31  THR THR A . n 
A 1 32  LEU 32  32  32  LEU LEU A . n 
A 1 33  SER 33  33  33  SER SER A . n 
A 1 34  ARG 34  34  34  ARG ARG A . n 
A 1 35  VAL 35  35  35  VAL VAL A . n 
A 1 36  LYS 36  36  36  LYS LYS A . n 
A 1 37  PRO 37  37  37  PRO PRO A . n 
A 1 38  GLY 38  38  38  GLY GLY A . n 
A 1 39  ASP 39  39  39  ASP ASP A . n 
A 1 40  LYS 40  40  40  LYS LYS A . n 
A 1 41  LEU 41  41  41  LEU LEU A . n 
A 1 42  VAL 42  42  42  VAL VAL A . n 
A 1 43  ILE 43  43  43  ILE ILE A . n 
A 1 44  TYR 44  44  44  TYR TYR A . n 
A 1 45  VAL 45  45  45  VAL VAL A . n 
A 1 46  ARG 46  46  46  ARG ARG A . n 
A 1 47  GLN 47  47  47  GLN GLN A . n 
A 1 48  GLU 48  48  48  GLU GLU A . n 
A 1 49  LYS 49  49  49  LYS LYS A . n 
A 1 50  ASP 50  50  50  ASP ASP A . n 
A 1 51  LYS 51  51  51  LYS LYS A . n 
A 1 52  GLU 52  52  52  GLU GLU A . n 
A 1 53  GLY 53  53  53  GLY GLY A . n 
A 1 54  ASN 54  54  54  ASN ASN A . n 
A 1 55  LEU 55  55  55  LEU LEU A . n 
A 1 56  LEU 56  56  56  LEU LEU A . n 
A 1 57  GLU 57  57  57  GLU GLU A . n 
A 1 58  PRO 58  58  58  PRO PRO A . n 
A 1 59  LYS 59  59  59  LYS LYS A . n 
A 1 60  ILE 60  60  60  ILE ILE A . n 
A 1 61  VAL 61  61  61  VAL VAL A . n 
A 1 62  GLY 62  62  62  GLY GLY A . n 
A 1 63  ILE 63  63  63  ILE ILE A . n 
A 1 64  TYR 64  64  64  TYR TYR A . n 
A 1 65  GLU 65  65  65  GLU GLU A . n 
A 1 66  VAL 66  66  66  VAL VAL A . n 
A 1 67  THR 67  67  67  THR THR A . n 
A 1 68  SER 68  68  68  SER SER A . n 
A 1 69  GLU 69  69  69  GLU GLU A . n 
A 1 70  PRO 70  70  70  PRO PRO A . n 
A 1 71  TYR 71  71  71  TYR TYR A . n 
A 1 72  VAL 72  72  72  VAL VAL A . n 
A 1 73  ASP 73  73  73  ASP ASP A . n 
A 1 74  PHE 74  74  74  PHE PHE A . n 
A 1 75  SER 75  75  75  SER SER A . n 
A 1 76  ARG 76  76  76  ARG ARG A . n 
A 1 77  ILE 77  77  77  ILE ILE A . n 
A 1 78  PHE 78  78  78  PHE PHE A . n 
A 1 79  LYS 79  79  79  LYS LYS A . n 
A 1 80  PRO 80  80  80  PRO PRO A . n 
A 1 81  HIS 81  81  81  HIS HIS A . n 
A 1 82  ARG 82  82  82  ARG ARG A . n 
A 1 83  GLY 83  83  83  GLY GLY A . n 
A 1 84  GLY 84  84  84  GLY GLY A . n 
A 1 85  LYS 85  85  85  LYS LYS A . n 
A 1 86  GLU 86  86  86  GLU GLU A . n 
A 1 87  THR 87  87  87  THR THR A . n 
A 1 88  TYR 88  88  88  TYR TYR A . n 
A 1 89  PRO 89  89  89  PRO PRO A . n 
A 1 90  TYR 90  90  90  TYR TYR A . n 
A 1 91  ARG 91  91  91  ARG ARG A . n 
A 1 92  VAL 92  92  92  VAL VAL A . n 
A 1 93  LYS 93  93  93  LYS LYS A . n 
A 1 94  ILE 94  94  94  ILE ILE A . n 
A 1 95  LYS 95  95  95  LYS LYS A . n 
A 1 96  PRO 96  96  96  PRO PRO A . n 
A 1 97  ILE 97  97  97  ILE ILE A . n 
A 1 98  LYS 98  98  98  LYS LYS A . n 
A 1 99  ILE 99  99  99  ILE ILE A . n 
A 1 100 GLY 100 100 100 GLY GLY A . n 
A 1 101 GLU 101 101 101 GLU GLU A . n 
A 1 102 ILE 102 102 102 ILE ILE A . n 
A 1 103 ASN 103 103 103 ASN ASN A . n 
A 1 104 PHE 104 104 104 PHE PHE A . n 
A 1 105 LYS 105 105 105 LYS LYS A . n 
A 1 106 PRO 106 106 106 PRO PRO A . n 
A 1 107 LEU 107 107 107 LEU LEU A . n 
A 1 108 ILE 108 108 108 ILE ILE A . n 
A 1 109 ASN 109 109 109 ASN ASN A . n 
A 1 110 ASP 110 110 110 ASP ASP A . n 
A 1 111 LEU 111 111 111 LEU LEU A . n 
A 1 112 LYS 112 112 112 LYS LYS A . n 
A 1 113 PHE 113 113 113 PHE PHE A . n 
A 1 114 ILE 114 114 114 ILE ILE A . n 
A 1 115 LYS 115 115 115 LYS LYS A . n 
A 1 116 ASN 116 116 116 ASN ASN A . n 
A 1 117 LYS 117 117 117 LYS LYS A . n 
A 1 118 LYS 118 118 118 LYS LYS A . n 
A 1 119 ARG 119 119 119 ARG ARG A . n 
A 1 120 TRP 120 120 120 TRP TRP A . n 
A 1 121 SER 121 121 121 SER SER A . n 
A 1 122 MET 122 122 122 MET MET A . n 
A 1 123 HIS 123 123 123 HIS HIS A . n 
A 1 124 PHE 124 124 124 PHE PHE A . n 
A 1 125 PHE 125 125 125 PHE PHE A . n 
A 1 126 GLY 126 126 126 GLY GLY A . n 
A 1 127 LYS 127 127 127 LYS LYS A . n 
A 1 128 ALA 128 128 128 ALA ALA A . n 
A 1 129 MET 129 129 129 MET MET A . n 
A 1 130 ARG 130 130 130 ARG ARG A . n 
A 1 131 GLU 131 131 131 GLU GLU A . n 
A 1 132 LEU 132 132 132 LEU LEU A . n 
A 1 133 PRO 133 133 133 PRO PRO A . n 
A 1 134 GLU 134 134 134 GLU GLU A . n 
A 1 135 GLU 135 135 135 GLU GLU A . n 
A 1 136 ASP 136 136 136 ASP ASP A . n 
A 1 137 TYR 137 137 137 TYR TYR A . n 
A 1 138 LYS 138 138 138 LYS LYS A . n 
A 1 139 LEU 139 139 139 LEU LEU A . n 
A 1 140 ILE 140 140 140 ILE ILE A . n 
A 1 141 GLU 141 141 141 GLU GLU A . n 
A 1 142 LYS 142 142 142 LYS LYS A . n 
A 1 143 LEU 143 143 143 LEU LEU A . n 
A 1 144 LEU 144 144 144 LEU LEU A . n 
A 1 145 LEU 145 145 145 LEU LEU A . n 
# 
_pdbx_SG_project.id                    1 
_pdbx_SG_project.project_name          'NPPSFA, National Project on Protein Structural and Functional Analyses' 
_pdbx_SG_project.full_name_of_center   'RIKEN Structural Genomics/Proteomics Initiative' 
_pdbx_SG_project.initial_of_center     RSGI 
# 
loop_
_pdbx_nonpoly_scheme.asym_id 
_pdbx_nonpoly_scheme.entity_id 
_pdbx_nonpoly_scheme.mon_id 
_pdbx_nonpoly_scheme.ndb_seq_num 
_pdbx_nonpoly_scheme.pdb_seq_num 
_pdbx_nonpoly_scheme.auth_seq_num 
_pdbx_nonpoly_scheme.pdb_mon_id 
_pdbx_nonpoly_scheme.auth_mon_id 
_pdbx_nonpoly_scheme.pdb_strand_id 
_pdbx_nonpoly_scheme.pdb_ins_code 
B 2 CA  1   2001 2001 CA  CA  A . 
C 2 CA  1   2002 2002 CA  CA  A . 
D 3 CIT 1   1001 1001 CIT CTR A . 
E 3 CIT 1   1002 1002 CIT CTR A . 
F 4 GOL 1   3001 3001 GOL GOL A . 
G 5 HOH 1   3002 1    HOH HOH A . 
G 5 HOH 2   3003 2    HOH HOH A . 
G 5 HOH 3   3004 3    HOH HOH A . 
G 5 HOH 4   3005 4    HOH HOH A . 
G 5 HOH 5   3006 5    HOH HOH A . 
G 5 HOH 6   3007 6    HOH HOH A . 
G 5 HOH 7   3008 7    HOH HOH A . 
G 5 HOH 8   3009 8    HOH HOH A . 
G 5 HOH 9   3010 9    HOH HOH A . 
G 5 HOH 10  3011 10   HOH HOH A . 
G 5 HOH 11  3012 11   HOH HOH A . 
G 5 HOH 12  3013 12   HOH HOH A . 
G 5 HOH 13  3014 13   HOH HOH A . 
G 5 HOH 14  3015 14   HOH HOH A . 
G 5 HOH 15  3016 15   HOH HOH A . 
G 5 HOH 16  3017 16   HOH HOH A . 
G 5 HOH 17  3018 17   HOH HOH A . 
G 5 HOH 18  3019 18   HOH HOH A . 
G 5 HOH 19  3020 19   HOH HOH A . 
G 5 HOH 20  3021 20   HOH HOH A . 
G 5 HOH 21  3022 21   HOH HOH A . 
G 5 HOH 22  3023 22   HOH HOH A . 
G 5 HOH 23  3024 23   HOH HOH A . 
G 5 HOH 24  3025 24   HOH HOH A . 
G 5 HOH 25  3026 25   HOH HOH A . 
G 5 HOH 26  3027 26   HOH HOH A . 
G 5 HOH 27  3028 27   HOH HOH A . 
G 5 HOH 28  3029 28   HOH HOH A . 
G 5 HOH 29  3030 29   HOH HOH A . 
G 5 HOH 30  3031 30   HOH HOH A . 
G 5 HOH 31  3032 31   HOH HOH A . 
G 5 HOH 32  3033 32   HOH HOH A . 
G 5 HOH 33  3034 33   HOH HOH A . 
G 5 HOH 34  3035 34   HOH HOH A . 
G 5 HOH 35  3036 35   HOH HOH A . 
G 5 HOH 36  3037 36   HOH HOH A . 
G 5 HOH 37  3038 37   HOH HOH A . 
G 5 HOH 38  3039 38   HOH HOH A . 
G 5 HOH 39  3040 39   HOH HOH A . 
G 5 HOH 40  3041 40   HOH HOH A . 
G 5 HOH 41  3042 41   HOH HOH A . 
G 5 HOH 42  3043 42   HOH HOH A . 
G 5 HOH 43  3044 43   HOH HOH A . 
G 5 HOH 44  3045 44   HOH HOH A . 
G 5 HOH 45  3046 45   HOH HOH A . 
G 5 HOH 46  3047 46   HOH HOH A . 
G 5 HOH 47  3048 47   HOH HOH A . 
G 5 HOH 48  3049 48   HOH HOH A . 
G 5 HOH 49  3050 49   HOH HOH A . 
G 5 HOH 50  3051 50   HOH HOH A . 
G 5 HOH 51  3052 51   HOH HOH A . 
G 5 HOH 52  3053 52   HOH HOH A . 
G 5 HOH 53  3054 53   HOH HOH A . 
G 5 HOH 54  3055 54   HOH HOH A . 
G 5 HOH 55  3056 55   HOH HOH A . 
G 5 HOH 56  3057 56   HOH HOH A . 
G 5 HOH 57  3058 57   HOH HOH A . 
G 5 HOH 58  3059 58   HOH HOH A . 
G 5 HOH 59  3060 59   HOH HOH A . 
G 5 HOH 60  3061 60   HOH HOH A . 
G 5 HOH 61  3062 61   HOH HOH A . 
G 5 HOH 62  3063 62   HOH HOH A . 
G 5 HOH 63  3064 63   HOH HOH A . 
G 5 HOH 64  3065 64   HOH HOH A . 
G 5 HOH 65  3066 65   HOH HOH A . 
G 5 HOH 66  3067 66   HOH HOH A . 
G 5 HOH 67  3068 67   HOH HOH A . 
G 5 HOH 68  3069 68   HOH HOH A . 
G 5 HOH 69  3070 69   HOH HOH A . 
G 5 HOH 70  3071 70   HOH HOH A . 
G 5 HOH 71  3072 71   HOH HOH A . 
G 5 HOH 72  3073 72   HOH HOH A . 
G 5 HOH 73  3074 73   HOH HOH A . 
G 5 HOH 74  3075 74   HOH HOH A . 
G 5 HOH 75  3076 75   HOH HOH A . 
G 5 HOH 76  3077 76   HOH HOH A . 
G 5 HOH 77  3078 77   HOH HOH A . 
G 5 HOH 78  3079 78   HOH HOH A . 
G 5 HOH 79  3080 79   HOH HOH A . 
G 5 HOH 80  3081 80   HOH HOH A . 
G 5 HOH 81  3082 81   HOH HOH A . 
G 5 HOH 82  3083 82   HOH HOH A . 
G 5 HOH 83  3084 83   HOH HOH A . 
G 5 HOH 84  3085 84   HOH HOH A . 
G 5 HOH 85  3086 85   HOH HOH A . 
G 5 HOH 86  3087 86   HOH HOH A . 
G 5 HOH 87  3088 87   HOH HOH A . 
G 5 HOH 88  3089 88   HOH HOH A . 
G 5 HOH 89  3090 89   HOH HOH A . 
G 5 HOH 90  3091 90   HOH HOH A . 
G 5 HOH 91  3092 91   HOH HOH A . 
G 5 HOH 92  3093 92   HOH HOH A . 
G 5 HOH 93  3094 93   HOH HOH A . 
G 5 HOH 94  3095 94   HOH HOH A . 
G 5 HOH 95  3096 95   HOH HOH A . 
G 5 HOH 96  3097 96   HOH HOH A . 
G 5 HOH 97  3098 97   HOH HOH A . 
G 5 HOH 98  3099 98   HOH HOH A . 
G 5 HOH 99  3100 99   HOH HOH A . 
G 5 HOH 100 3101 100  HOH HOH A . 
G 5 HOH 101 3102 101  HOH HOH A . 
G 5 HOH 102 3103 102  HOH HOH A . 
G 5 HOH 103 3104 103  HOH HOH A . 
G 5 HOH 104 3105 104  HOH HOH A . 
G 5 HOH 105 3106 105  HOH HOH A . 
G 5 HOH 106 3107 106  HOH HOH A . 
G 5 HOH 107 3108 107  HOH HOH A . 
G 5 HOH 108 3109 108  HOH HOH A . 
G 5 HOH 109 3110 109  HOH HOH A . 
G 5 HOH 110 3111 110  HOH HOH A . 
G 5 HOH 111 3112 111  HOH HOH A . 
G 5 HOH 112 3113 112  HOH HOH A . 
G 5 HOH 113 3114 113  HOH HOH A . 
G 5 HOH 114 3115 114  HOH HOH A . 
G 5 HOH 115 3116 115  HOH HOH A . 
G 5 HOH 116 3117 116  HOH HOH A . 
G 5 HOH 117 3118 117  HOH HOH A . 
G 5 HOH 118 3119 118  HOH HOH A . 
G 5 HOH 119 3120 119  HOH HOH A . 
G 5 HOH 120 3121 120  HOH HOH A . 
G 5 HOH 121 3122 121  HOH HOH A . 
G 5 HOH 122 3123 122  HOH HOH A . 
G 5 HOH 123 3124 123  HOH HOH A . 
G 5 HOH 124 3125 124  HOH HOH A . 
G 5 HOH 125 3126 125  HOH HOH A . 
G 5 HOH 126 3127 126  HOH HOH A . 
G 5 HOH 127 3128 127  HOH HOH A . 
G 5 HOH 128 3129 128  HOH HOH A . 
G 5 HOH 129 3130 129  HOH HOH A . 
G 5 HOH 130 3131 130  HOH HOH A . 
G 5 HOH 131 3132 131  HOH HOH A . 
G 5 HOH 132 3133 132  HOH HOH A . 
G 5 HOH 133 3134 133  HOH HOH A . 
G 5 HOH 134 3135 134  HOH HOH A . 
G 5 HOH 135 3136 135  HOH HOH A . 
G 5 HOH 136 3137 136  HOH HOH A . 
G 5 HOH 137 3138 137  HOH HOH A . 
G 5 HOH 138 3139 138  HOH HOH A . 
G 5 HOH 139 3140 139  HOH HOH A . 
G 5 HOH 140 3141 140  HOH HOH A . 
G 5 HOH 141 3142 141  HOH HOH A . 
G 5 HOH 142 3143 142  HOH HOH A . 
G 5 HOH 143 3144 143  HOH HOH A . 
G 5 HOH 144 3145 144  HOH HOH A . 
G 5 HOH 145 3146 145  HOH HOH A . 
G 5 HOH 146 3147 146  HOH HOH A . 
G 5 HOH 147 3148 147  HOH HOH A . 
G 5 HOH 148 3149 148  HOH HOH A . 
G 5 HOH 149 3150 149  HOH HOH A . 
G 5 HOH 150 3151 150  HOH HOH A . 
G 5 HOH 151 3152 151  HOH HOH A . 
G 5 HOH 152 3153 152  HOH HOH A . 
G 5 HOH 153 3154 153  HOH HOH A . 
G 5 HOH 154 3155 154  HOH HOH A . 
G 5 HOH 155 3156 155  HOH HOH A . 
G 5 HOH 156 3157 156  HOH HOH A . 
G 5 HOH 157 3158 157  HOH HOH A . 
G 5 HOH 158 3159 158  HOH HOH A . 
G 5 HOH 159 3160 159  HOH HOH A . 
G 5 HOH 160 3161 160  HOH HOH A . 
G 5 HOH 161 3162 161  HOH HOH A . 
G 5 HOH 162 3163 162  HOH HOH A . 
G 5 HOH 163 3164 163  HOH HOH A . 
G 5 HOH 164 3165 164  HOH HOH A . 
G 5 HOH 165 3166 165  HOH HOH A . 
G 5 HOH 166 3167 166  HOH HOH A . 
G 5 HOH 167 3168 167  HOH HOH A . 
G 5 HOH 168 3169 168  HOH HOH A . 
G 5 HOH 169 3170 169  HOH HOH A . 
G 5 HOH 170 3171 170  HOH HOH A . 
G 5 HOH 171 3172 171  HOH HOH A . 
G 5 HOH 172 3173 172  HOH HOH A . 
G 5 HOH 173 3174 173  HOH HOH A . 
G 5 HOH 174 3175 174  HOH HOH A . 
G 5 HOH 175 3176 175  HOH HOH A . 
G 5 HOH 176 3177 176  HOH HOH A . 
G 5 HOH 177 3178 177  HOH HOH A . 
G 5 HOH 178 3179 178  HOH HOH A . 
G 5 HOH 179 3180 179  HOH HOH A . 
G 5 HOH 180 3181 180  HOH HOH A . 
G 5 HOH 181 3182 181  HOH HOH A . 
G 5 HOH 182 3183 182  HOH HOH A . 
G 5 HOH 183 3184 183  HOH HOH A . 
G 5 HOH 184 3185 184  HOH HOH A . 
G 5 HOH 185 3186 185  HOH HOH A . 
G 5 HOH 186 3187 186  HOH HOH A . 
G 5 HOH 187 3188 187  HOH HOH A . 
G 5 HOH 188 3189 188  HOH HOH A . 
G 5 HOH 189 3190 189  HOH HOH A . 
G 5 HOH 190 3191 190  HOH HOH A . 
G 5 HOH 191 3192 191  HOH HOH A . 
G 5 HOH 192 3193 192  HOH HOH A . 
G 5 HOH 193 3194 193  HOH HOH A . 
G 5 HOH 194 3195 194  HOH HOH A . 
G 5 HOH 195 3196 195  HOH HOH A . 
G 5 HOH 196 3197 196  HOH HOH A . 
G 5 HOH 197 3198 197  HOH HOH A . 
G 5 HOH 198 3199 198  HOH HOH A . 
G 5 HOH 199 3200 199  HOH HOH A . 
G 5 HOH 200 3201 200  HOH HOH A . 
G 5 HOH 201 3202 201  HOH HOH A . 
G 5 HOH 202 3203 202  HOH HOH A . 
G 5 HOH 203 3204 203  HOH HOH A . 
G 5 HOH 204 3205 204  HOH HOH A . 
G 5 HOH 205 3206 205  HOH HOH A . 
G 5 HOH 206 3207 206  HOH HOH A . 
G 5 HOH 207 3208 207  HOH HOH A . 
G 5 HOH 208 3209 208  HOH HOH A . 
G 5 HOH 209 3210 209  HOH HOH A . 
G 5 HOH 210 3211 210  HOH HOH A . 
G 5 HOH 211 3212 211  HOH HOH A . 
# 
_pdbx_struct_assembly.id                   1 
_pdbx_struct_assembly.details              author_defined_assembly 
_pdbx_struct_assembly.method_details       ? 
_pdbx_struct_assembly.oligomeric_details   monomeric 
_pdbx_struct_assembly.oligomeric_count     1 
# 
_pdbx_struct_assembly_gen.assembly_id       1 
_pdbx_struct_assembly_gen.oper_expression   1 
_pdbx_struct_assembly_gen.asym_id_list      A,B,C,D,E,F,G 
# 
_pdbx_struct_oper_list.id                   1 
_pdbx_struct_oper_list.type                 'identity operation' 
_pdbx_struct_oper_list.name                 1_555 
_pdbx_struct_oper_list.symmetry_operation   x,y,z 
_pdbx_struct_oper_list.matrix[1][1]         1.0000000000 
_pdbx_struct_oper_list.matrix[1][2]         0.0000000000 
_pdbx_struct_oper_list.matrix[1][3]         0.0000000000 
_pdbx_struct_oper_list.vector[1]            0.0000000000 
_pdbx_struct_oper_list.matrix[2][1]         0.0000000000 
_pdbx_struct_oper_list.matrix[2][2]         1.0000000000 
_pdbx_struct_oper_list.matrix[2][3]         0.0000000000 
_pdbx_struct_oper_list.vector[2]            0.0000000000 
_pdbx_struct_oper_list.matrix[3][1]         0.0000000000 
_pdbx_struct_oper_list.matrix[3][2]         0.0000000000 
_pdbx_struct_oper_list.matrix[3][3]         1.0000000000 
_pdbx_struct_oper_list.vector[3]            0.0000000000 
# 
loop_
_pdbx_struct_conn_angle.id 
_pdbx_struct_conn_angle.ptnr1_label_atom_id 
_pdbx_struct_conn_angle.ptnr1_label_alt_id 
_pdbx_struct_conn_angle.ptnr1_label_asym_id 
_pdbx_struct_conn_angle.ptnr1_label_comp_id 
_pdbx_struct_conn_angle.ptnr1_label_seq_id 
_pdbx_struct_conn_angle.ptnr1_auth_atom_id 
_pdbx_struct_conn_angle.ptnr1_auth_asym_id 
_pdbx_struct_conn_angle.ptnr1_auth_comp_id 
_pdbx_struct_conn_angle.ptnr1_auth_seq_id 
_pdbx_struct_conn_angle.ptnr1_PDB_ins_code 
_pdbx_struct_conn_angle.ptnr1_symmetry 
_pdbx_struct_conn_angle.ptnr2_label_atom_id 
_pdbx_struct_conn_angle.ptnr2_label_alt_id 
_pdbx_struct_conn_angle.ptnr2_label_asym_id 
_pdbx_struct_conn_angle.ptnr2_label_comp_id 
_pdbx_struct_conn_angle.ptnr2_label_seq_id 
_pdbx_struct_conn_angle.ptnr2_auth_atom_id 
_pdbx_struct_conn_angle.ptnr2_auth_asym_id 
_pdbx_struct_conn_angle.ptnr2_auth_comp_id 
_pdbx_struct_conn_angle.ptnr2_auth_seq_id 
_pdbx_struct_conn_angle.ptnr2_PDB_ins_code 
_pdbx_struct_conn_angle.ptnr2_symmetry 
_pdbx_struct_conn_angle.ptnr3_label_atom_id 
_pdbx_struct_conn_angle.ptnr3_label_alt_id 
_pdbx_struct_conn_angle.ptnr3_label_asym_id 
_pdbx_struct_conn_angle.ptnr3_label_comp_id 
_pdbx_struct_conn_angle.ptnr3_label_seq_id 
_pdbx_struct_conn_angle.ptnr3_auth_atom_id 
_pdbx_struct_conn_angle.ptnr3_auth_asym_id 
_pdbx_struct_conn_angle.ptnr3_auth_comp_id 
_pdbx_struct_conn_angle.ptnr3_auth_seq_id 
_pdbx_struct_conn_angle.ptnr3_PDB_ins_code 
_pdbx_struct_conn_angle.ptnr3_symmetry 
_pdbx_struct_conn_angle.value 
_pdbx_struct_conn_angle.value_esd 
1  OE1 ? A GLU 86 ? A GLU 86   ? 1_555 CA ? B CA . ? A CA 2001 ? 1_555 O7 ? D CIT . ? A CIT 1001 ? 1_555 84.9  ? 
2  OE1 ? A GLU 86 ? A GLU 86   ? 1_555 CA ? B CA . ? A CA 2001 ? 1_555 O1 ? D CIT . ? A CIT 1001 ? 1_555 97.0  ? 
3  O7  ? D CIT .  ? A CIT 1001 ? 1_555 CA ? B CA . ? A CA 2001 ? 1_555 O1 ? D CIT . ? A CIT 1001 ? 1_555 72.6  ? 
4  OE1 ? A GLU 86 ? A GLU 86   ? 1_555 CA ? B CA . ? A CA 2001 ? 1_555 O1 ? E CIT . ? A CIT 1002 ? 1_555 86.9  ? 
5  O7  ? D CIT .  ? A CIT 1001 ? 1_555 CA ? B CA . ? A CA 2001 ? 1_555 O1 ? E CIT . ? A CIT 1002 ? 1_555 109.0 ? 
6  O1  ? D CIT .  ? A CIT 1001 ? 1_555 CA ? B CA . ? A CA 2001 ? 1_555 O1 ? E CIT . ? A CIT 1002 ? 1_555 175.9 ? 
7  OE1 ? A GLU 86 ? A GLU 86   ? 1_555 CA ? B CA . ? A CA 2001 ? 1_555 O7 ? E CIT . ? A CIT 1002 ? 1_555 139.1 ? 
8  O7  ? D CIT .  ? A CIT 1001 ? 1_555 CA ? B CA . ? A CA 2001 ? 1_555 O7 ? E CIT . ? A CIT 1002 ? 1_555 69.8  ? 
9  O1  ? D CIT .  ? A CIT 1001 ? 1_555 CA ? B CA . ? A CA 2001 ? 1_555 O7 ? E CIT . ? A CIT 1002 ? 1_555 105.0 ? 
10 O1  ? E CIT .  ? A CIT 1002 ? 1_555 CA ? B CA . ? A CA 2001 ? 1_555 O7 ? E CIT . ? A CIT 1002 ? 1_555 72.5  ? 
11 OE1 ? A GLU 86 ? A GLU 86   ? 1_555 CA ? B CA . ? A CA 2001 ? 1_555 CA ? C CA  . ? A CA  2002 ? 1_555 111.8 ? 
12 O7  ? D CIT .  ? A CIT 1001 ? 1_555 CA ? B CA . ? A CA 2001 ? 1_555 CA ? C CA  . ? A CA  2002 ? 1_555 34.5  ? 
13 O1  ? D CIT .  ? A CIT 1001 ? 1_555 CA ? B CA . ? A CA 2001 ? 1_555 CA ? C CA  . ? A CA  2002 ? 1_555 91.0  ? 
14 O1  ? E CIT .  ? A CIT 1002 ? 1_555 CA ? B CA . ? A CA 2001 ? 1_555 CA ? C CA  . ? A CA  2002 ? 1_555 88.6  ? 
15 O7  ? E CIT .  ? A CIT 1002 ? 1_555 CA ? B CA . ? A CA 2001 ? 1_555 CA ? C CA  . ? A CA  2002 ? 1_555 35.5  ? 
16 OE1 ? A GLU 86 ? A GLU 86   ? 1_555 CA ? B CA . ? A CA 2001 ? 1_555 O  ? G HOH . ? A HOH 3007 ? 1_555 74.0  ? 
17 O7  ? D CIT .  ? A CIT 1001 ? 1_555 CA ? B CA . ? A CA 2001 ? 1_555 O  ? G HOH . ? A HOH 3007 ? 1_555 150.5 ? 
18 O1  ? D CIT .  ? A CIT 1001 ? 1_555 CA ? B CA . ? A CA 2001 ? 1_555 O  ? G HOH . ? A HOH 3007 ? 1_555 89.3  ? 
19 O1  ? E CIT .  ? A CIT 1002 ? 1_555 CA ? B CA . ? A CA 2001 ? 1_555 O  ? G HOH . ? A HOH 3007 ? 1_555 90.7  ? 
20 O7  ? E CIT .  ? A CIT 1002 ? 1_555 CA ? B CA . ? A CA 2001 ? 1_555 O  ? G HOH . ? A HOH 3007 ? 1_555 139.0 ? 
21 CA  ? C CA  .  ? A CA  2002 ? 1_555 CA ? B CA . ? A CA 2001 ? 1_555 O  ? G HOH . ? A HOH 3007 ? 1_555 174.0 ? 
22 OE1 ? A GLU 86 ? A GLU 86   ? 1_555 CA ? B CA . ? A CA 2001 ? 1_555 O  ? G HOH . ? A HOH 3023 ? 1_555 141.1 ? 
23 O7  ? D CIT .  ? A CIT 1001 ? 1_555 CA ? B CA . ? A CA 2001 ? 1_555 O  ? G HOH . ? A HOH 3023 ? 1_555 132.2 ? 
24 O1  ? D CIT .  ? A CIT 1001 ? 1_555 CA ? B CA . ? A CA 2001 ? 1_555 O  ? G HOH . ? A HOH 3023 ? 1_555 86.3  ? 
25 O1  ? E CIT .  ? A CIT 1002 ? 1_555 CA ? B CA . ? A CA 2001 ? 1_555 O  ? G HOH . ? A HOH 3023 ? 1_555 90.0  ? 
26 O7  ? E CIT .  ? A CIT 1002 ? 1_555 CA ? B CA . ? A CA 2001 ? 1_555 O  ? G HOH . ? A HOH 3023 ? 1_555 75.4  ? 
27 CA  ? C CA  .  ? A CA  2002 ? 1_555 CA ? B CA . ? A CA 2001 ? 1_555 O  ? G HOH . ? A HOH 3023 ? 1_555 106.9 ? 
28 O   ? G HOH .  ? A HOH 3007 ? 1_555 CA ? B CA . ? A CA 2001 ? 1_555 O  ? G HOH . ? A HOH 3023 ? 1_555 67.2  ? 
29 O7  ? D CIT .  ? A CIT 1001 ? 1_555 CA ? C CA . ? A CA 2002 ? 1_555 O3 ? D CIT . ? A CIT 1001 ? 1_555 89.3  ? 
30 O7  ? D CIT .  ? A CIT 1001 ? 1_555 CA ? C CA . ? A CA 2002 ? 1_555 O5 ? D CIT . ? A CIT 1001 ? 1_555 83.4  ? 
31 O3  ? D CIT .  ? A CIT 1001 ? 1_555 CA ? C CA . ? A CA 2002 ? 1_555 O5 ? D CIT . ? A CIT 1001 ? 1_555 88.0  ? 
32 O7  ? D CIT .  ? A CIT 1001 ? 1_555 CA ? C CA . ? A CA 2002 ? 1_555 O5 ? E CIT . ? A CIT 1002 ? 1_555 99.5  ? 
33 O3  ? D CIT .  ? A CIT 1001 ? 1_555 CA ? C CA . ? A CA 2002 ? 1_555 O5 ? E CIT . ? A CIT 1002 ? 1_555 88.8  ? 
34 O5  ? D CIT .  ? A CIT 1001 ? 1_555 CA ? C CA . ? A CA 2002 ? 1_555 O5 ? E CIT . ? A CIT 1002 ? 1_555 175.7 ? 
35 O7  ? D CIT .  ? A CIT 1001 ? 1_555 CA ? C CA . ? A CA 2002 ? 1_555 O3 ? E CIT . ? A CIT 1002 ? 1_555 170.0 ? 
36 O3  ? D CIT .  ? A CIT 1001 ? 1_555 CA ? C CA . ? A CA 2002 ? 1_555 O3 ? E CIT . ? A CIT 1002 ? 1_555 86.0  ? 
37 O5  ? D CIT .  ? A CIT 1001 ? 1_555 CA ? C CA . ? A CA 2002 ? 1_555 O3 ? E CIT . ? A CIT 1002 ? 1_555 87.7  ? 
38 O5  ? E CIT .  ? A CIT 1002 ? 1_555 CA ? C CA . ? A CA 2002 ? 1_555 O3 ? E CIT . ? A CIT 1002 ? 1_555 89.2  ? 
39 O7  ? D CIT .  ? A CIT 1001 ? 1_555 CA ? C CA . ? A CA 2002 ? 1_555 O7 ? E CIT . ? A CIT 1002 ? 1_555 96.8  ? 
40 O3  ? D CIT .  ? A CIT 1001 ? 1_555 CA ? C CA . ? A CA 2002 ? 1_555 O7 ? E CIT . ? A CIT 1002 ? 1_555 171.6 ? 
41 O5  ? D CIT .  ? A CIT 1001 ? 1_555 CA ? C CA . ? A CA 2002 ? 1_555 O7 ? E CIT . ? A CIT 1002 ? 1_555 98.4  ? 
42 O5  ? E CIT .  ? A CIT 1002 ? 1_555 CA ? C CA . ? A CA 2002 ? 1_555 O7 ? E CIT . ? A CIT 1002 ? 1_555 84.5  ? 
43 O3  ? E CIT .  ? A CIT 1002 ? 1_555 CA ? C CA . ? A CA 2002 ? 1_555 O7 ? E CIT . ? A CIT 1002 ? 1_555 88.9  ? 
# 
loop_
_pdbx_audit_revision_history.ordinal 
_pdbx_audit_revision_history.data_content_type 
_pdbx_audit_revision_history.major_revision 
_pdbx_audit_revision_history.minor_revision 
_pdbx_audit_revision_history.revision_date 
1 'Structure model' 1 0 2006-12-20 
2 'Structure model' 1 1 2008-05-01 
3 'Structure model' 1 2 2011-07-13 
4 'Structure model' 1 3 2023-10-25 
# 
_pdbx_audit_revision_details.ordinal             1 
_pdbx_audit_revision_details.revision_ordinal    1 
_pdbx_audit_revision_details.data_content_type   'Structure model' 
_pdbx_audit_revision_details.provider            repository 
_pdbx_audit_revision_details.type                'Initial release' 
_pdbx_audit_revision_details.description         ? 
_pdbx_audit_revision_details.details             ? 
# 
loop_
_pdbx_audit_revision_group.ordinal 
_pdbx_audit_revision_group.revision_ordinal 
_pdbx_audit_revision_group.data_content_type 
_pdbx_audit_revision_group.group 
1 2 'Structure model' 'Version format compliance' 
2 3 'Structure model' 'Source and taxonomy'       
3 3 'Structure model' 'Version format compliance' 
4 4 'Structure model' 'Data collection'           
5 4 'Structure model' 'Database references'       
6 4 'Structure model' 'Derived calculations'      
7 4 'Structure model' 'Refinement description'    
# 
loop_
_pdbx_audit_revision_category.ordinal 
_pdbx_audit_revision_category.revision_ordinal 
_pdbx_audit_revision_category.data_content_type 
_pdbx_audit_revision_category.category 
1 4 'Structure model' chem_comp_atom                
2 4 'Structure model' chem_comp_bond                
3 4 'Structure model' database_2                    
4 4 'Structure model' pdbx_initial_refinement_model 
5 4 'Structure model' pdbx_struct_conn_angle        
6 4 'Structure model' struct_conn                   
7 4 'Structure model' struct_site                   
# 
loop_
_pdbx_audit_revision_item.ordinal 
_pdbx_audit_revision_item.revision_ordinal 
_pdbx_audit_revision_item.data_content_type 
_pdbx_audit_revision_item.item 
1  4 'Structure model' '_database_2.pdbx_DOI'                        
2  4 'Structure model' '_database_2.pdbx_database_accession'         
3  4 'Structure model' '_pdbx_struct_conn_angle.ptnr1_auth_comp_id'  
4  4 'Structure model' '_pdbx_struct_conn_angle.ptnr1_auth_seq_id'   
5  4 'Structure model' '_pdbx_struct_conn_angle.ptnr1_label_asym_id' 
6  4 'Structure model' '_pdbx_struct_conn_angle.ptnr1_label_atom_id' 
7  4 'Structure model' '_pdbx_struct_conn_angle.ptnr1_label_comp_id' 
8  4 'Structure model' '_pdbx_struct_conn_angle.ptnr1_label_seq_id'  
9  4 'Structure model' '_pdbx_struct_conn_angle.ptnr2_auth_seq_id'   
10 4 'Structure model' '_pdbx_struct_conn_angle.ptnr2_label_asym_id' 
11 4 'Structure model' '_pdbx_struct_conn_angle.ptnr3_auth_comp_id'  
12 4 'Structure model' '_pdbx_struct_conn_angle.ptnr3_auth_seq_id'   
13 4 'Structure model' '_pdbx_struct_conn_angle.ptnr3_label_asym_id' 
14 4 'Structure model' '_pdbx_struct_conn_angle.ptnr3_label_atom_id' 
15 4 'Structure model' '_pdbx_struct_conn_angle.ptnr3_label_comp_id' 
16 4 'Structure model' '_pdbx_struct_conn_angle.ptnr3_label_seq_id'  
17 4 'Structure model' '_pdbx_struct_conn_angle.value'               
18 4 'Structure model' '_struct_conn.pdbx_dist_value'                
19 4 'Structure model' '_struct_conn.ptnr1_auth_comp_id'             
20 4 'Structure model' '_struct_conn.ptnr1_auth_seq_id'              
21 4 'Structure model' '_struct_conn.ptnr1_label_asym_id'            
22 4 'Structure model' '_struct_conn.ptnr1_label_atom_id'            
23 4 'Structure model' '_struct_conn.ptnr1_label_comp_id'            
24 4 'Structure model' '_struct_conn.ptnr1_label_seq_id'             
25 4 'Structure model' '_struct_conn.ptnr2_auth_comp_id'             
26 4 'Structure model' '_struct_conn.ptnr2_auth_seq_id'              
27 4 'Structure model' '_struct_conn.ptnr2_label_asym_id'            
28 4 'Structure model' '_struct_conn.ptnr2_label_atom_id'            
29 4 'Structure model' '_struct_conn.ptnr2_label_comp_id'            
30 4 'Structure model' '_struct_conn.ptnr2_label_seq_id'             
31 4 'Structure model' '_struct_site.pdbx_auth_asym_id'              
32 4 'Structure model' '_struct_site.pdbx_auth_comp_id'              
33 4 'Structure model' '_struct_site.pdbx_auth_seq_id'               
# 
loop_
_software.name 
_software.classification 
_software.version 
_software.citation_id 
_software.pdbx_ordinal 
MOLREP   phasing          .   ? 1 
CNS      refinement       1.1 ? 2 
HKL-2000 'data reduction' .   ? 3 
HKL-2000 'data scaling'   .   ? 4 
# 
_pdbx_validate_torsion.id              1 
_pdbx_validate_torsion.PDB_model_num   1 
_pdbx_validate_torsion.auth_comp_id    GLU 
_pdbx_validate_torsion.auth_asym_id    A 
_pdbx_validate_torsion.auth_seq_id     101 
_pdbx_validate_torsion.PDB_ins_code    ? 
_pdbx_validate_torsion.label_alt_id    ? 
_pdbx_validate_torsion.phi             -171.17 
_pdbx_validate_torsion.psi             99.96 
# 
loop_
_chem_comp_atom.comp_id 
_chem_comp_atom.atom_id 
_chem_comp_atom.type_symbol 
_chem_comp_atom.pdbx_aromatic_flag 
_chem_comp_atom.pdbx_stereo_config 
_chem_comp_atom.pdbx_ordinal 
ALA N    N  N N 1   
ALA CA   C  N S 2   
ALA C    C  N N 3   
ALA O    O  N N 4   
ALA CB   C  N N 5   
ALA OXT  O  N N 6   
ALA H    H  N N 7   
ALA H2   H  N N 8   
ALA HA   H  N N 9   
ALA HB1  H  N N 10  
ALA HB2  H  N N 11  
ALA HB3  H  N N 12  
ALA HXT  H  N N 13  
ARG N    N  N N 14  
ARG CA   C  N S 15  
ARG C    C  N N 16  
ARG O    O  N N 17  
ARG CB   C  N N 18  
ARG CG   C  N N 19  
ARG CD   C  N N 20  
ARG NE   N  N N 21  
ARG CZ   C  N N 22  
ARG NH1  N  N N 23  
ARG NH2  N  N N 24  
ARG OXT  O  N N 25  
ARG H    H  N N 26  
ARG H2   H  N N 27  
ARG HA   H  N N 28  
ARG HB2  H  N N 29  
ARG HB3  H  N N 30  
ARG HG2  H  N N 31  
ARG HG3  H  N N 32  
ARG HD2  H  N N 33  
ARG HD3  H  N N 34  
ARG HE   H  N N 35  
ARG HH11 H  N N 36  
ARG HH12 H  N N 37  
ARG HH21 H  N N 38  
ARG HH22 H  N N 39  
ARG HXT  H  N N 40  
ASN N    N  N N 41  
ASN CA   C  N S 42  
ASN C    C  N N 43  
ASN O    O  N N 44  
ASN CB   C  N N 45  
ASN CG   C  N N 46  
ASN OD1  O  N N 47  
ASN ND2  N  N N 48  
ASN OXT  O  N N 49  
ASN H    H  N N 50  
ASN H2   H  N N 51  
ASN HA   H  N N 52  
ASN HB2  H  N N 53  
ASN HB3  H  N N 54  
ASN HD21 H  N N 55  
ASN HD22 H  N N 56  
ASN HXT  H  N N 57  
ASP N    N  N N 58  
ASP CA   C  N S 59  
ASP C    C  N N 60  
ASP O    O  N N 61  
ASP CB   C  N N 62  
ASP CG   C  N N 63  
ASP OD1  O  N N 64  
ASP OD2  O  N N 65  
ASP OXT  O  N N 66  
ASP H    H  N N 67  
ASP H2   H  N N 68  
ASP HA   H  N N 69  
ASP HB2  H  N N 70  
ASP HB3  H  N N 71  
ASP HD2  H  N N 72  
ASP HXT  H  N N 73  
CA  CA   CA N N 74  
CIT C1   C  N N 75  
CIT O1   O  N N 76  
CIT O2   O  N N 77  
CIT C2   C  N N 78  
CIT C3   C  N N 79  
CIT O7   O  N N 80  
CIT C4   C  N N 81  
CIT C5   C  N N 82  
CIT O3   O  N N 83  
CIT O4   O  N N 84  
CIT C6   C  N N 85  
CIT O5   O  N N 86  
CIT O6   O  N N 87  
CIT HO2  H  N N 88  
CIT H21  H  N N 89  
CIT H22  H  N N 90  
CIT HO7  H  N N 91  
CIT H41  H  N N 92  
CIT H42  H  N N 93  
CIT HO4  H  N N 94  
CIT HO6  H  N N 95  
CYS N    N  N N 96  
CYS CA   C  N R 97  
CYS C    C  N N 98  
CYS O    O  N N 99  
CYS CB   C  N N 100 
CYS SG   S  N N 101 
CYS OXT  O  N N 102 
CYS H    H  N N 103 
CYS H2   H  N N 104 
CYS HA   H  N N 105 
CYS HB2  H  N N 106 
CYS HB3  H  N N 107 
CYS HG   H  N N 108 
CYS HXT  H  N N 109 
GLN N    N  N N 110 
GLN CA   C  N S 111 
GLN C    C  N N 112 
GLN O    O  N N 113 
GLN CB   C  N N 114 
GLN CG   C  N N 115 
GLN CD   C  N N 116 
GLN OE1  O  N N 117 
GLN NE2  N  N N 118 
GLN OXT  O  N N 119 
GLN H    H  N N 120 
GLN H2   H  N N 121 
GLN HA   H  N N 122 
GLN HB2  H  N N 123 
GLN HB3  H  N N 124 
GLN HG2  H  N N 125 
GLN HG3  H  N N 126 
GLN HE21 H  N N 127 
GLN HE22 H  N N 128 
GLN HXT  H  N N 129 
GLU N    N  N N 130 
GLU CA   C  N S 131 
GLU C    C  N N 132 
GLU O    O  N N 133 
GLU CB   C  N N 134 
GLU CG   C  N N 135 
GLU CD   C  N N 136 
GLU OE1  O  N N 137 
GLU OE2  O  N N 138 
GLU OXT  O  N N 139 
GLU H    H  N N 140 
GLU H2   H  N N 141 
GLU HA   H  N N 142 
GLU HB2  H  N N 143 
GLU HB3  H  N N 144 
GLU HG2  H  N N 145 
GLU HG3  H  N N 146 
GLU HE2  H  N N 147 
GLU HXT  H  N N 148 
GLY N    N  N N 149 
GLY CA   C  N N 150 
GLY C    C  N N 151 
GLY O    O  N N 152 
GLY OXT  O  N N 153 
GLY H    H  N N 154 
GLY H2   H  N N 155 
GLY HA2  H  N N 156 
GLY HA3  H  N N 157 
GLY HXT  H  N N 158 
GOL C1   C  N N 159 
GOL O1   O  N N 160 
GOL C2   C  N N 161 
GOL O2   O  N N 162 
GOL C3   C  N N 163 
GOL O3   O  N N 164 
GOL H11  H  N N 165 
GOL H12  H  N N 166 
GOL HO1  H  N N 167 
GOL H2   H  N N 168 
GOL HO2  H  N N 169 
GOL H31  H  N N 170 
GOL H32  H  N N 171 
GOL HO3  H  N N 172 
HIS N    N  N N 173 
HIS CA   C  N S 174 
HIS C    C  N N 175 
HIS O    O  N N 176 
HIS CB   C  N N 177 
HIS CG   C  Y N 178 
HIS ND1  N  Y N 179 
HIS CD2  C  Y N 180 
HIS CE1  C  Y N 181 
HIS NE2  N  Y N 182 
HIS OXT  O  N N 183 
HIS H    H  N N 184 
HIS H2   H  N N 185 
HIS HA   H  N N 186 
HIS HB2  H  N N 187 
HIS HB3  H  N N 188 
HIS HD1  H  N N 189 
HIS HD2  H  N N 190 
HIS HE1  H  N N 191 
HIS HE2  H  N N 192 
HIS HXT  H  N N 193 
HOH O    O  N N 194 
HOH H1   H  N N 195 
HOH H2   H  N N 196 
ILE N    N  N N 197 
ILE CA   C  N S 198 
ILE C    C  N N 199 
ILE O    O  N N 200 
ILE CB   C  N S 201 
ILE CG1  C  N N 202 
ILE CG2  C  N N 203 
ILE CD1  C  N N 204 
ILE OXT  O  N N 205 
ILE H    H  N N 206 
ILE H2   H  N N 207 
ILE HA   H  N N 208 
ILE HB   H  N N 209 
ILE HG12 H  N N 210 
ILE HG13 H  N N 211 
ILE HG21 H  N N 212 
ILE HG22 H  N N 213 
ILE HG23 H  N N 214 
ILE HD11 H  N N 215 
ILE HD12 H  N N 216 
ILE HD13 H  N N 217 
ILE HXT  H  N N 218 
LEU N    N  N N 219 
LEU CA   C  N S 220 
LEU C    C  N N 221 
LEU O    O  N N 222 
LEU CB   C  N N 223 
LEU CG   C  N N 224 
LEU CD1  C  N N 225 
LEU CD2  C  N N 226 
LEU OXT  O  N N 227 
LEU H    H  N N 228 
LEU H2   H  N N 229 
LEU HA   H  N N 230 
LEU HB2  H  N N 231 
LEU HB3  H  N N 232 
LEU HG   H  N N 233 
LEU HD11 H  N N 234 
LEU HD12 H  N N 235 
LEU HD13 H  N N 236 
LEU HD21 H  N N 237 
LEU HD22 H  N N 238 
LEU HD23 H  N N 239 
LEU HXT  H  N N 240 
LYS N    N  N N 241 
LYS CA   C  N S 242 
LYS C    C  N N 243 
LYS O    O  N N 244 
LYS CB   C  N N 245 
LYS CG   C  N N 246 
LYS CD   C  N N 247 
LYS CE   C  N N 248 
LYS NZ   N  N N 249 
LYS OXT  O  N N 250 
LYS H    H  N N 251 
LYS H2   H  N N 252 
LYS HA   H  N N 253 
LYS HB2  H  N N 254 
LYS HB3  H  N N 255 
LYS HG2  H  N N 256 
LYS HG3  H  N N 257 
LYS HD2  H  N N 258 
LYS HD3  H  N N 259 
LYS HE2  H  N N 260 
LYS HE3  H  N N 261 
LYS HZ1  H  N N 262 
LYS HZ2  H  N N 263 
LYS HZ3  H  N N 264 
LYS HXT  H  N N 265 
MET N    N  N N 266 
MET CA   C  N S 267 
MET C    C  N N 268 
MET O    O  N N 269 
MET CB   C  N N 270 
MET CG   C  N N 271 
MET SD   S  N N 272 
MET CE   C  N N 273 
MET OXT  O  N N 274 
MET H    H  N N 275 
MET H2   H  N N 276 
MET HA   H  N N 277 
MET HB2  H  N N 278 
MET HB3  H  N N 279 
MET HG2  H  N N 280 
MET HG3  H  N N 281 
MET HE1  H  N N 282 
MET HE2  H  N N 283 
MET HE3  H  N N 284 
MET HXT  H  N N 285 
PHE N    N  N N 286 
PHE CA   C  N S 287 
PHE C    C  N N 288 
PHE O    O  N N 289 
PHE CB   C  N N 290 
PHE CG   C  Y N 291 
PHE CD1  C  Y N 292 
PHE CD2  C  Y N 293 
PHE CE1  C  Y N 294 
PHE CE2  C  Y N 295 
PHE CZ   C  Y N 296 
PHE OXT  O  N N 297 
PHE H    H  N N 298 
PHE H2   H  N N 299 
PHE HA   H  N N 300 
PHE HB2  H  N N 301 
PHE HB3  H  N N 302 
PHE HD1  H  N N 303 
PHE HD2  H  N N 304 
PHE HE1  H  N N 305 
PHE HE2  H  N N 306 
PHE HZ   H  N N 307 
PHE HXT  H  N N 308 
PRO N    N  N N 309 
PRO CA   C  N S 310 
PRO C    C  N N 311 
PRO O    O  N N 312 
PRO CB   C  N N 313 
PRO CG   C  N N 314 
PRO CD   C  N N 315 
PRO OXT  O  N N 316 
PRO H    H  N N 317 
PRO HA   H  N N 318 
PRO HB2  H  N N 319 
PRO HB3  H  N N 320 
PRO HG2  H  N N 321 
PRO HG3  H  N N 322 
PRO HD2  H  N N 323 
PRO HD3  H  N N 324 
PRO HXT  H  N N 325 
SER N    N  N N 326 
SER CA   C  N S 327 
SER C    C  N N 328 
SER O    O  N N 329 
SER CB   C  N N 330 
SER OG   O  N N 331 
SER OXT  O  N N 332 
SER H    H  N N 333 
SER H2   H  N N 334 
SER HA   H  N N 335 
SER HB2  H  N N 336 
SER HB3  H  N N 337 
SER HG   H  N N 338 
SER HXT  H  N N 339 
THR N    N  N N 340 
THR CA   C  N S 341 
THR C    C  N N 342 
THR O    O  N N 343 
THR CB   C  N R 344 
THR OG1  O  N N 345 
THR CG2  C  N N 346 
THR OXT  O  N N 347 
THR H    H  N N 348 
THR H2   H  N N 349 
THR HA   H  N N 350 
THR HB   H  N N 351 
THR HG1  H  N N 352 
THR HG21 H  N N 353 
THR HG22 H  N N 354 
THR HG23 H  N N 355 
THR HXT  H  N N 356 
TRP N    N  N N 357 
TRP CA   C  N S 358 
TRP C    C  N N 359 
TRP O    O  N N 360 
TRP CB   C  N N 361 
TRP CG   C  Y N 362 
TRP CD1  C  Y N 363 
TRP CD2  C  Y N 364 
TRP NE1  N  Y N 365 
TRP CE2  C  Y N 366 
TRP CE3  C  Y N 367 
TRP CZ2  C  Y N 368 
TRP CZ3  C  Y N 369 
TRP CH2  C  Y N 370 
TRP OXT  O  N N 371 
TRP H    H  N N 372 
TRP H2   H  N N 373 
TRP HA   H  N N 374 
TRP HB2  H  N N 375 
TRP HB3  H  N N 376 
TRP HD1  H  N N 377 
TRP HE1  H  N N 378 
TRP HE3  H  N N 379 
TRP HZ2  H  N N 380 
TRP HZ3  H  N N 381 
TRP HH2  H  N N 382 
TRP HXT  H  N N 383 
TYR N    N  N N 384 
TYR CA   C  N S 385 
TYR C    C  N N 386 
TYR O    O  N N 387 
TYR CB   C  N N 388 
TYR CG   C  Y N 389 
TYR CD1  C  Y N 390 
TYR CD2  C  Y N 391 
TYR CE1  C  Y N 392 
TYR CE2  C  Y N 393 
TYR CZ   C  Y N 394 
TYR OH   O  N N 395 
TYR OXT  O  N N 396 
TYR H    H  N N 397 
TYR H2   H  N N 398 
TYR HA   H  N N 399 
TYR HB2  H  N N 400 
TYR HB3  H  N N 401 
TYR HD1  H  N N 402 
TYR HD2  H  N N 403 
TYR HE1  H  N N 404 
TYR HE2  H  N N 405 
TYR HH   H  N N 406 
TYR HXT  H  N N 407 
VAL N    N  N N 408 
VAL CA   C  N S 409 
VAL C    C  N N 410 
VAL O    O  N N 411 
VAL CB   C  N N 412 
VAL CG1  C  N N 413 
VAL CG2  C  N N 414 
VAL OXT  O  N N 415 
VAL H    H  N N 416 
VAL H2   H  N N 417 
VAL HA   H  N N 418 
VAL HB   H  N N 419 
VAL HG11 H  N N 420 
VAL HG12 H  N N 421 
VAL HG13 H  N N 422 
VAL HG21 H  N N 423 
VAL HG22 H  N N 424 
VAL HG23 H  N N 425 
VAL HXT  H  N N 426 
# 
loop_
_chem_comp_bond.comp_id 
_chem_comp_bond.atom_id_1 
_chem_comp_bond.atom_id_2 
_chem_comp_bond.value_order 
_chem_comp_bond.pdbx_aromatic_flag 
_chem_comp_bond.pdbx_stereo_config 
_chem_comp_bond.pdbx_ordinal 
ALA N   CA   sing N N 1   
ALA N   H    sing N N 2   
ALA N   H2   sing N N 3   
ALA CA  C    sing N N 4   
ALA CA  CB   sing N N 5   
ALA CA  HA   sing N N 6   
ALA C   O    doub N N 7   
ALA C   OXT  sing N N 8   
ALA CB  HB1  sing N N 9   
ALA CB  HB2  sing N N 10  
ALA CB  HB3  sing N N 11  
ALA OXT HXT  sing N N 12  
ARG N   CA   sing N N 13  
ARG N   H    sing N N 14  
ARG N   H2   sing N N 15  
ARG CA  C    sing N N 16  
ARG CA  CB   sing N N 17  
ARG CA  HA   sing N N 18  
ARG C   O    doub N N 19  
ARG C   OXT  sing N N 20  
ARG CB  CG   sing N N 21  
ARG CB  HB2  sing N N 22  
ARG CB  HB3  sing N N 23  
ARG CG  CD   sing N N 24  
ARG CG  HG2  sing N N 25  
ARG CG  HG3  sing N N 26  
ARG CD  NE   sing N N 27  
ARG CD  HD2  sing N N 28  
ARG CD  HD3  sing N N 29  
ARG NE  CZ   sing N N 30  
ARG NE  HE   sing N N 31  
ARG CZ  NH1  sing N N 32  
ARG CZ  NH2  doub N N 33  
ARG NH1 HH11 sing N N 34  
ARG NH1 HH12 sing N N 35  
ARG NH2 HH21 sing N N 36  
ARG NH2 HH22 sing N N 37  
ARG OXT HXT  sing N N 38  
ASN N   CA   sing N N 39  
ASN N   H    sing N N 40  
ASN N   H2   sing N N 41  
ASN CA  C    sing N N 42  
ASN CA  CB   sing N N 43  
ASN CA  HA   sing N N 44  
ASN C   O    doub N N 45  
ASN C   OXT  sing N N 46  
ASN CB  CG   sing N N 47  
ASN CB  HB2  sing N N 48  
ASN CB  HB3  sing N N 49  
ASN CG  OD1  doub N N 50  
ASN CG  ND2  sing N N 51  
ASN ND2 HD21 sing N N 52  
ASN ND2 HD22 sing N N 53  
ASN OXT HXT  sing N N 54  
ASP N   CA   sing N N 55  
ASP N   H    sing N N 56  
ASP N   H2   sing N N 57  
ASP CA  C    sing N N 58  
ASP CA  CB   sing N N 59  
ASP CA  HA   sing N N 60  
ASP C   O    doub N N 61  
ASP C   OXT  sing N N 62  
ASP CB  CG   sing N N 63  
ASP CB  HB2  sing N N 64  
ASP CB  HB3  sing N N 65  
ASP CG  OD1  doub N N 66  
ASP CG  OD2  sing N N 67  
ASP OD2 HD2  sing N N 68  
ASP OXT HXT  sing N N 69  
CIT C1  O1   doub N N 70  
CIT C1  O2   sing N N 71  
CIT C1  C2   sing N N 72  
CIT O2  HO2  sing N N 73  
CIT C2  C3   sing N N 74  
CIT C2  H21  sing N N 75  
CIT C2  H22  sing N N 76  
CIT C3  O7   sing N N 77  
CIT C3  C4   sing N N 78  
CIT C3  C6   sing N N 79  
CIT O7  HO7  sing N N 80  
CIT C4  C5   sing N N 81  
CIT C4  H41  sing N N 82  
CIT C4  H42  sing N N 83  
CIT C5  O3   doub N N 84  
CIT C5  O4   sing N N 85  
CIT O4  HO4  sing N N 86  
CIT C6  O5   doub N N 87  
CIT C6  O6   sing N N 88  
CIT O6  HO6  sing N N 89  
CYS N   CA   sing N N 90  
CYS N   H    sing N N 91  
CYS N   H2   sing N N 92  
CYS CA  C    sing N N 93  
CYS CA  CB   sing N N 94  
CYS CA  HA   sing N N 95  
CYS C   O    doub N N 96  
CYS C   OXT  sing N N 97  
CYS CB  SG   sing N N 98  
CYS CB  HB2  sing N N 99  
CYS CB  HB3  sing N N 100 
CYS SG  HG   sing N N 101 
CYS OXT HXT  sing N N 102 
GLN N   CA   sing N N 103 
GLN N   H    sing N N 104 
GLN N   H2   sing N N 105 
GLN CA  C    sing N N 106 
GLN CA  CB   sing N N 107 
GLN CA  HA   sing N N 108 
GLN C   O    doub N N 109 
GLN C   OXT  sing N N 110 
GLN CB  CG   sing N N 111 
GLN CB  HB2  sing N N 112 
GLN CB  HB3  sing N N 113 
GLN CG  CD   sing N N 114 
GLN CG  HG2  sing N N 115 
GLN CG  HG3  sing N N 116 
GLN CD  OE1  doub N N 117 
GLN CD  NE2  sing N N 118 
GLN NE2 HE21 sing N N 119 
GLN NE2 HE22 sing N N 120 
GLN OXT HXT  sing N N 121 
GLU N   CA   sing N N 122 
GLU N   H    sing N N 123 
GLU N   H2   sing N N 124 
GLU CA  C    sing N N 125 
GLU CA  CB   sing N N 126 
GLU CA  HA   sing N N 127 
GLU C   O    doub N N 128 
GLU C   OXT  sing N N 129 
GLU CB  CG   sing N N 130 
GLU CB  HB2  sing N N 131 
GLU CB  HB3  sing N N 132 
GLU CG  CD   sing N N 133 
GLU CG  HG2  sing N N 134 
GLU CG  HG3  sing N N 135 
GLU CD  OE1  doub N N 136 
GLU CD  OE2  sing N N 137 
GLU OE2 HE2  sing N N 138 
GLU OXT HXT  sing N N 139 
GLY N   CA   sing N N 140 
GLY N   H    sing N N 141 
GLY N   H2   sing N N 142 
GLY CA  C    sing N N 143 
GLY CA  HA2  sing N N 144 
GLY CA  HA3  sing N N 145 
GLY C   O    doub N N 146 
GLY C   OXT  sing N N 147 
GLY OXT HXT  sing N N 148 
GOL C1  O1   sing N N 149 
GOL C1  C2   sing N N 150 
GOL C1  H11  sing N N 151 
GOL C1  H12  sing N N 152 
GOL O1  HO1  sing N N 153 
GOL C2  O2   sing N N 154 
GOL C2  C3   sing N N 155 
GOL C2  H2   sing N N 156 
GOL O2  HO2  sing N N 157 
GOL C3  O3   sing N N 158 
GOL C3  H31  sing N N 159 
GOL C3  H32  sing N N 160 
GOL O3  HO3  sing N N 161 
HIS N   CA   sing N N 162 
HIS N   H    sing N N 163 
HIS N   H2   sing N N 164 
HIS CA  C    sing N N 165 
HIS CA  CB   sing N N 166 
HIS CA  HA   sing N N 167 
HIS C   O    doub N N 168 
HIS C   OXT  sing N N 169 
HIS CB  CG   sing N N 170 
HIS CB  HB2  sing N N 171 
HIS CB  HB3  sing N N 172 
HIS CG  ND1  sing Y N 173 
HIS CG  CD2  doub Y N 174 
HIS ND1 CE1  doub Y N 175 
HIS ND1 HD1  sing N N 176 
HIS CD2 NE2  sing Y N 177 
HIS CD2 HD2  sing N N 178 
HIS CE1 NE2  sing Y N 179 
HIS CE1 HE1  sing N N 180 
HIS NE2 HE2  sing N N 181 
HIS OXT HXT  sing N N 182 
HOH O   H1   sing N N 183 
HOH O   H2   sing N N 184 
ILE N   CA   sing N N 185 
ILE N   H    sing N N 186 
ILE N   H2   sing N N 187 
ILE CA  C    sing N N 188 
ILE CA  CB   sing N N 189 
ILE CA  HA   sing N N 190 
ILE C   O    doub N N 191 
ILE C   OXT  sing N N 192 
ILE CB  CG1  sing N N 193 
ILE CB  CG2  sing N N 194 
ILE CB  HB   sing N N 195 
ILE CG1 CD1  sing N N 196 
ILE CG1 HG12 sing N N 197 
ILE CG1 HG13 sing N N 198 
ILE CG2 HG21 sing N N 199 
ILE CG2 HG22 sing N N 200 
ILE CG2 HG23 sing N N 201 
ILE CD1 HD11 sing N N 202 
ILE CD1 HD12 sing N N 203 
ILE CD1 HD13 sing N N 204 
ILE OXT HXT  sing N N 205 
LEU N   CA   sing N N 206 
LEU N   H    sing N N 207 
LEU N   H2   sing N N 208 
LEU CA  C    sing N N 209 
LEU CA  CB   sing N N 210 
LEU CA  HA   sing N N 211 
LEU C   O    doub N N 212 
LEU C   OXT  sing N N 213 
LEU CB  CG   sing N N 214 
LEU CB  HB2  sing N N 215 
LEU CB  HB3  sing N N 216 
LEU CG  CD1  sing N N 217 
LEU CG  CD2  sing N N 218 
LEU CG  HG   sing N N 219 
LEU CD1 HD11 sing N N 220 
LEU CD1 HD12 sing N N 221 
LEU CD1 HD13 sing N N 222 
LEU CD2 HD21 sing N N 223 
LEU CD2 HD22 sing N N 224 
LEU CD2 HD23 sing N N 225 
LEU OXT HXT  sing N N 226 
LYS N   CA   sing N N 227 
LYS N   H    sing N N 228 
LYS N   H2   sing N N 229 
LYS CA  C    sing N N 230 
LYS CA  CB   sing N N 231 
LYS CA  HA   sing N N 232 
LYS C   O    doub N N 233 
LYS C   OXT  sing N N 234 
LYS CB  CG   sing N N 235 
LYS CB  HB2  sing N N 236 
LYS CB  HB3  sing N N 237 
LYS CG  CD   sing N N 238 
LYS CG  HG2  sing N N 239 
LYS CG  HG3  sing N N 240 
LYS CD  CE   sing N N 241 
LYS CD  HD2  sing N N 242 
LYS CD  HD3  sing N N 243 
LYS CE  NZ   sing N N 244 
LYS CE  HE2  sing N N 245 
LYS CE  HE3  sing N N 246 
LYS NZ  HZ1  sing N N 247 
LYS NZ  HZ2  sing N N 248 
LYS NZ  HZ3  sing N N 249 
LYS OXT HXT  sing N N 250 
MET N   CA   sing N N 251 
MET N   H    sing N N 252 
MET N   H2   sing N N 253 
MET CA  C    sing N N 254 
MET CA  CB   sing N N 255 
MET CA  HA   sing N N 256 
MET C   O    doub N N 257 
MET C   OXT  sing N N 258 
MET CB  CG   sing N N 259 
MET CB  HB2  sing N N 260 
MET CB  HB3  sing N N 261 
MET CG  SD   sing N N 262 
MET CG  HG2  sing N N 263 
MET CG  HG3  sing N N 264 
MET SD  CE   sing N N 265 
MET CE  HE1  sing N N 266 
MET CE  HE2  sing N N 267 
MET CE  HE3  sing N N 268 
MET OXT HXT  sing N N 269 
PHE N   CA   sing N N 270 
PHE N   H    sing N N 271 
PHE N   H2   sing N N 272 
PHE CA  C    sing N N 273 
PHE CA  CB   sing N N 274 
PHE CA  HA   sing N N 275 
PHE C   O    doub N N 276 
PHE C   OXT  sing N N 277 
PHE CB  CG   sing N N 278 
PHE CB  HB2  sing N N 279 
PHE CB  HB3  sing N N 280 
PHE CG  CD1  doub Y N 281 
PHE CG  CD2  sing Y N 282 
PHE CD1 CE1  sing Y N 283 
PHE CD1 HD1  sing N N 284 
PHE CD2 CE2  doub Y N 285 
PHE CD2 HD2  sing N N 286 
PHE CE1 CZ   doub Y N 287 
PHE CE1 HE1  sing N N 288 
PHE CE2 CZ   sing Y N 289 
PHE CE2 HE2  sing N N 290 
PHE CZ  HZ   sing N N 291 
PHE OXT HXT  sing N N 292 
PRO N   CA   sing N N 293 
PRO N   CD   sing N N 294 
PRO N   H    sing N N 295 
PRO CA  C    sing N N 296 
PRO CA  CB   sing N N 297 
PRO CA  HA   sing N N 298 
PRO C   O    doub N N 299 
PRO C   OXT  sing N N 300 
PRO CB  CG   sing N N 301 
PRO CB  HB2  sing N N 302 
PRO CB  HB3  sing N N 303 
PRO CG  CD   sing N N 304 
PRO CG  HG2  sing N N 305 
PRO CG  HG3  sing N N 306 
PRO CD  HD2  sing N N 307 
PRO CD  HD3  sing N N 308 
PRO OXT HXT  sing N N 309 
SER N   CA   sing N N 310 
SER N   H    sing N N 311 
SER N   H2   sing N N 312 
SER CA  C    sing N N 313 
SER CA  CB   sing N N 314 
SER CA  HA   sing N N 315 
SER C   O    doub N N 316 
SER C   OXT  sing N N 317 
SER CB  OG   sing N N 318 
SER CB  HB2  sing N N 319 
SER CB  HB3  sing N N 320 
SER OG  HG   sing N N 321 
SER OXT HXT  sing N N 322 
THR N   CA   sing N N 323 
THR N   H    sing N N 324 
THR N   H2   sing N N 325 
THR CA  C    sing N N 326 
THR CA  CB   sing N N 327 
THR CA  HA   sing N N 328 
THR C   O    doub N N 329 
THR C   OXT  sing N N 330 
THR CB  OG1  sing N N 331 
THR CB  CG2  sing N N 332 
THR CB  HB   sing N N 333 
THR OG1 HG1  sing N N 334 
THR CG2 HG21 sing N N 335 
THR CG2 HG22 sing N N 336 
THR CG2 HG23 sing N N 337 
THR OXT HXT  sing N N 338 
TRP N   CA   sing N N 339 
TRP N   H    sing N N 340 
TRP N   H2   sing N N 341 
TRP CA  C    sing N N 342 
TRP CA  CB   sing N N 343 
TRP CA  HA   sing N N 344 
TRP C   O    doub N N 345 
TRP C   OXT  sing N N 346 
TRP CB  CG   sing N N 347 
TRP CB  HB2  sing N N 348 
TRP CB  HB3  sing N N 349 
TRP CG  CD1  doub Y N 350 
TRP CG  CD2  sing Y N 351 
TRP CD1 NE1  sing Y N 352 
TRP CD1 HD1  sing N N 353 
TRP CD2 CE2  doub Y N 354 
TRP CD2 CE3  sing Y N 355 
TRP NE1 CE2  sing Y N 356 
TRP NE1 HE1  sing N N 357 
TRP CE2 CZ2  sing Y N 358 
TRP CE3 CZ3  doub Y N 359 
TRP CE3 HE3  sing N N 360 
TRP CZ2 CH2  doub Y N 361 
TRP CZ2 HZ2  sing N N 362 
TRP CZ3 CH2  sing Y N 363 
TRP CZ3 HZ3  sing N N 364 
TRP CH2 HH2  sing N N 365 
TRP OXT HXT  sing N N 366 
TYR N   CA   sing N N 367 
TYR N   H    sing N N 368 
TYR N   H2   sing N N 369 
TYR CA  C    sing N N 370 
TYR CA  CB   sing N N 371 
TYR CA  HA   sing N N 372 
TYR C   O    doub N N 373 
TYR C   OXT  sing N N 374 
TYR CB  CG   sing N N 375 
TYR CB  HB2  sing N N 376 
TYR CB  HB3  sing N N 377 
TYR CG  CD1  doub Y N 378 
TYR CG  CD2  sing Y N 379 
TYR CD1 CE1  sing Y N 380 
TYR CD1 HD1  sing N N 381 
TYR CD2 CE2  doub Y N 382 
TYR CD2 HD2  sing N N 383 
TYR CE1 CZ   doub Y N 384 
TYR CE1 HE1  sing N N 385 
TYR CE2 CZ   sing Y N 386 
TYR CE2 HE2  sing N N 387 
TYR CZ  OH   sing N N 388 
TYR OH  HH   sing N N 389 
TYR OXT HXT  sing N N 390 
VAL N   CA   sing N N 391 
VAL N   H    sing N N 392 
VAL N   H2   sing N N 393 
VAL CA  C    sing N N 394 
VAL CA  CB   sing N N 395 
VAL CA  HA   sing N N 396 
VAL C   O    doub N N 397 
VAL C   OXT  sing N N 398 
VAL CB  CG1  sing N N 399 
VAL CB  CG2  sing N N 400 
VAL CB  HB   sing N N 401 
VAL CG1 HG11 sing N N 402 
VAL CG1 HG12 sing N N 403 
VAL CG1 HG13 sing N N 404 
VAL CG2 HG21 sing N N 405 
VAL CG2 HG22 sing N N 406 
VAL CG2 HG23 sing N N 407 
VAL OXT HXT  sing N N 408 
# 
loop_
_pdbx_entity_nonpoly.entity_id 
_pdbx_entity_nonpoly.name 
_pdbx_entity_nonpoly.comp_id 
2 'CALCIUM ION' CA  
3 'CITRIC ACID' CIT 
4 GLYCEROL      GOL 
5 water         HOH 
# 
_pdbx_initial_refinement_model.id               1 
_pdbx_initial_refinement_model.entity_id_list   ? 
_pdbx_initial_refinement_model.type             'experimental model' 
_pdbx_initial_refinement_model.source_name      PDB 
_pdbx_initial_refinement_model.accession_code   1WMM 
_pdbx_initial_refinement_model.details          'PDB ENTRY 1WMM' 
# 
